data_2KY4
#
_entry.id   2KY4
#
_entity_poly.entity_id   1
_entity_poly.type   'polypeptide(L)'
_entity_poly.pdbx_seq_one_letter_code
;MKVFKRVAGIKDKAAIKTLISAAYRQIFERDIAPYIAQNEFSGWESKLGNGEITVKEFIEGLGYSNLYLKEFYTPYPNTK
VIELGTKHFLGRAPIDQAEIRKYNQILATQGIRAFINALVNSQEYNEVFGEDTVPYRRFPTLEHHHHHH
;
_entity_poly.pdbx_strand_id   A
#
# COMPACT_ATOMS: atom_id res chain seq x y z
N MET A 1 14.36 2.95 11.69
CA MET A 1 13.50 2.07 12.55
C MET A 1 12.16 2.75 12.92
N LYS A 2 11.77 3.80 12.17
CA LYS A 2 10.49 4.50 12.35
C LYS A 2 9.30 3.61 11.91
N VAL A 3 8.70 2.89 12.87
CA VAL A 3 7.61 1.92 12.60
C VAL A 3 6.24 2.63 12.59
N PHE A 4 5.64 2.75 11.39
CA PHE A 4 4.27 3.28 11.23
C PHE A 4 3.21 2.16 11.34
N LYS A 5 2.43 2.20 12.44
CA LYS A 5 1.24 1.38 12.64
C LYS A 5 0.23 2.15 13.53
N ARG A 6 -1.01 1.66 13.58
CA ARG A 6 -2.08 2.29 14.37
C ARG A 6 -2.03 1.81 15.83
N VAL A 7 -1.78 2.74 16.75
CA VAL A 7 -1.77 2.48 18.20
C VAL A 7 -3.21 2.70 18.74
N ALA A 8 -3.69 1.79 19.62
CA ALA A 8 -5.03 1.89 20.23
C ALA A 8 -5.12 3.11 21.18
N GLY A 9 -5.36 4.29 20.58
CA GLY A 9 -5.31 5.58 21.30
C GLY A 9 -5.07 6.78 20.38
N ILE A 10 -4.55 6.55 19.15
CA ILE A 10 -4.31 7.64 18.16
C ILE A 10 -5.64 8.15 17.55
N LYS A 11 -6.26 9.13 18.22
CA LYS A 11 -7.39 9.90 17.68
C LYS A 11 -6.91 11.23 17.01
N ASP A 12 -5.58 11.42 16.97
CA ASP A 12 -4.95 12.65 16.45
C ASP A 12 -4.89 12.63 14.91
N LYS A 13 -5.52 13.62 14.25
CA LYS A 13 -5.58 13.70 12.77
C LYS A 13 -4.19 13.99 12.15
N ALA A 14 -3.32 14.67 12.94
CA ALA A 14 -1.94 14.99 12.53
C ALA A 14 -1.08 13.71 12.44
N ALA A 15 -1.14 12.86 13.50
CA ALA A 15 -0.39 11.58 13.54
C ALA A 15 -0.94 10.57 12.50
N ILE A 16 -2.28 10.54 12.36
CA ILE A 16 -2.98 9.76 11.31
C ILE A 16 -2.48 10.15 9.89
N LYS A 17 -2.43 11.47 9.60
CA LYS A 17 -2.02 11.97 8.27
C LYS A 17 -0.52 11.71 7.98
N THR A 18 0.32 11.63 9.04
CA THR A 18 1.75 11.23 8.92
C THR A 18 1.89 9.72 8.57
N LEU A 19 1.03 8.91 9.19
CA LEU A 19 0.86 7.45 8.89
C LEU A 19 0.45 7.24 7.41
N ILE A 20 -0.44 8.13 6.94
CA ILE A 20 -0.95 8.15 5.54
C ILE A 20 0.15 8.60 4.54
N SER A 21 0.95 9.61 4.93
CA SER A 21 2.06 10.15 4.10
C SER A 21 3.16 9.08 3.89
N ALA A 22 3.43 8.30 4.95
CA ALA A 22 4.31 7.14 4.92
C ALA A 22 3.78 6.05 3.96
N ALA A 23 2.46 5.79 4.06
CA ALA A 23 1.76 4.79 3.20
C ALA A 23 1.82 5.18 1.69
N TYR A 24 1.86 6.49 1.40
CA TYR A 24 2.13 7.00 0.02
C TYR A 24 3.54 6.59 -0.46
N ARG A 25 4.56 6.83 0.38
CA ARG A 25 5.97 6.54 0.05
C ARG A 25 6.26 5.01 0.01
N GLN A 26 5.33 4.21 0.57
CA GLN A 26 5.38 2.74 0.47
C GLN A 26 4.72 2.24 -0.83
N ILE A 27 3.47 2.66 -1.08
CA ILE A 27 2.68 2.22 -2.26
C ILE A 27 3.05 3.02 -3.53
N PHE A 28 2.73 4.33 -3.52
CA PHE A 28 2.96 5.26 -4.65
C PHE A 28 4.48 5.48 -4.91
N GLU A 29 5.32 5.08 -3.92
CA GLU A 29 6.80 5.26 -3.89
C GLU A 29 7.21 6.74 -3.69
N ARG A 30 6.64 7.65 -4.50
CA ARG A 30 6.78 9.11 -4.35
C ARG A 30 6.26 9.66 -3.00
N ASP A 31 6.98 10.66 -2.48
CA ASP A 31 6.46 11.55 -1.44
C ASP A 31 5.39 12.48 -2.05
N ILE A 32 4.13 12.33 -1.62
CA ILE A 32 3.00 13.12 -2.16
C ILE A 32 2.82 14.40 -1.34
N ALA A 33 2.76 15.54 -2.04
CA ALA A 33 2.56 16.86 -1.43
C ALA A 33 1.21 16.92 -0.66
N PRO A 34 1.22 17.30 0.67
CA PRO A 34 -0.01 17.33 1.54
C PRO A 34 -1.23 18.08 0.93
N TYR A 35 -0.97 19.14 0.13
CA TYR A 35 -2.05 19.91 -0.56
C TYR A 35 -2.71 19.09 -1.71
N ILE A 36 -1.94 18.18 -2.34
CA ILE A 36 -2.49 17.20 -3.30
C ILE A 36 -3.28 16.10 -2.54
N ALA A 37 -2.70 15.62 -1.44
CA ALA A 37 -3.29 14.55 -0.58
C ALA A 37 -4.68 14.95 -0.01
N GLN A 38 -4.85 16.24 0.30
CA GLN A 38 -6.15 16.78 0.78
C GLN A 38 -7.16 17.03 -0.38
N ASN A 39 -6.66 17.13 -1.63
CA ASN A 39 -7.53 17.19 -2.83
C ASN A 39 -8.01 15.76 -3.25
N GLU A 40 -7.17 14.75 -2.99
CA GLU A 40 -7.44 13.35 -3.43
C GLU A 40 -8.14 12.52 -2.32
N PHE A 41 -7.51 12.47 -1.13
CA PHE A 41 -7.91 11.54 -0.04
C PHE A 41 -8.38 12.23 1.26
N SER A 42 -8.81 13.51 1.24
CA SER A 42 -9.29 14.20 2.49
C SER A 42 -10.60 13.59 3.03
N GLY A 43 -11.42 13.06 2.10
CA GLY A 43 -12.68 12.39 2.44
C GLY A 43 -12.48 10.96 2.93
N TRP A 44 -11.42 10.31 2.41
CA TRP A 44 -11.02 8.92 2.77
C TRP A 44 -10.20 8.90 4.10
N GLU A 45 -9.44 9.99 4.34
CA GLU A 45 -8.59 10.19 5.53
C GLU A 45 -9.43 10.36 6.82
N SER A 46 -10.58 11.05 6.68
CA SER A 46 -11.51 11.29 7.80
C SER A 46 -12.03 9.97 8.42
N LYS A 47 -12.29 8.96 7.56
CA LYS A 47 -12.72 7.61 8.01
C LYS A 47 -11.62 6.92 8.87
N LEU A 48 -10.34 7.09 8.48
CA LEU A 48 -9.20 6.47 9.22
C LEU A 48 -8.96 7.17 10.58
N GLY A 49 -9.02 8.52 10.58
CA GLY A 49 -8.75 9.33 11.78
C GLY A 49 -9.83 9.20 12.86
N ASN A 50 -11.09 9.08 12.41
CA ASN A 50 -12.26 8.94 13.31
C ASN A 50 -12.59 7.44 13.59
N GLY A 51 -12.09 6.54 12.72
CA GLY A 51 -12.14 5.08 12.95
C GLY A 51 -13.30 4.33 12.27
N GLU A 52 -13.92 4.92 11.24
CA GLU A 52 -15.00 4.24 10.44
C GLU A 52 -14.44 3.08 9.57
N ILE A 53 -13.16 3.19 9.15
CA ILE A 53 -12.45 2.12 8.38
C ILE A 53 -11.20 1.64 9.13
N THR A 54 -10.60 0.54 8.65
CA THR A 54 -9.33 0.02 9.16
C THR A 54 -8.14 0.60 8.35
N VAL A 55 -6.91 0.33 8.80
CA VAL A 55 -5.69 0.72 8.08
C VAL A 55 -5.51 -0.14 6.80
N LYS A 56 -5.80 -1.45 6.90
CA LYS A 56 -5.83 -2.38 5.72
C LYS A 56 -6.75 -1.87 4.58
N GLU A 57 -7.99 -1.50 4.93
CA GLU A 57 -9.00 -1.03 3.95
C GLU A 57 -8.62 0.34 3.35
N PHE A 58 -7.98 1.21 4.17
CA PHE A 58 -7.44 2.50 3.70
C PHE A 58 -6.32 2.30 2.65
N ILE A 59 -5.36 1.44 2.99
CA ILE A 59 -4.14 1.15 2.20
C ILE A 59 -4.46 0.37 0.89
N GLU A 60 -5.39 -0.59 0.99
CA GLU A 60 -5.95 -1.29 -0.18
C GLU A 60 -6.66 -0.28 -1.13
N GLY A 61 -7.36 0.71 -0.53
CA GLY A 61 -7.97 1.83 -1.26
C GLY A 61 -6.95 2.77 -1.94
N LEU A 62 -5.77 2.96 -1.32
CA LEU A 62 -4.64 3.72 -1.93
C LEU A 62 -4.08 2.98 -3.18
N GLY A 63 -4.03 1.65 -3.08
CA GLY A 63 -3.69 0.77 -4.21
C GLY A 63 -4.69 0.84 -5.39
N TYR A 64 -5.95 1.23 -5.09
CA TYR A 64 -7.02 1.41 -6.12
C TYR A 64 -6.92 2.80 -6.82
N SER A 65 -6.21 3.76 -6.18
CA SER A 65 -6.04 5.14 -6.68
C SER A 65 -5.36 5.22 -8.06
N ASN A 66 -6.09 5.79 -9.06
CA ASN A 66 -5.61 5.89 -10.46
C ASN A 66 -4.33 6.76 -10.58
N LEU A 67 -4.01 7.58 -9.54
CA LEU A 67 -2.72 8.31 -9.44
C LEU A 67 -1.53 7.32 -9.39
N TYR A 68 -1.61 6.30 -8.49
CA TYR A 68 -0.61 5.21 -8.40
C TYR A 68 -0.48 4.44 -9.73
N LEU A 69 -1.63 4.07 -10.30
CA LEU A 69 -1.69 3.25 -11.53
C LEU A 69 -1.26 4.01 -12.79
N LYS A 70 -1.47 5.34 -12.83
CA LYS A 70 -0.97 6.21 -13.93
C LYS A 70 0.58 6.15 -14.01
N GLU A 71 1.22 6.09 -12.84
CA GLU A 71 2.69 6.01 -12.72
C GLU A 71 3.25 4.58 -12.96
N PHE A 72 2.68 3.56 -12.27
CA PHE A 72 3.29 2.19 -12.18
C PHE A 72 2.37 1.06 -12.73
N TYR A 73 1.58 1.35 -13.78
CA TYR A 73 0.68 0.33 -14.40
C TYR A 73 0.36 0.64 -15.87
N THR A 74 -0.22 1.82 -16.13
CA THR A 74 -0.67 2.24 -17.47
C THR A 74 0.50 2.43 -18.50
N PRO A 75 1.73 2.94 -18.11
CA PRO A 75 2.91 2.88 -19.00
C PRO A 75 3.79 1.62 -18.79
N TYR A 76 3.44 0.77 -17.79
CA TYR A 76 4.23 -0.45 -17.41
C TYR A 76 3.59 -1.75 -17.96
N PRO A 77 4.42 -2.79 -18.33
CA PRO A 77 3.89 -4.15 -18.63
C PRO A 77 3.34 -4.85 -17.36
N ASN A 78 2.28 -5.69 -17.54
CA ASN A 78 1.53 -6.30 -16.41
C ASN A 78 2.44 -7.09 -15.43
N THR A 79 3.44 -7.83 -15.97
CA THR A 79 4.44 -8.57 -15.17
C THR A 79 5.30 -7.65 -14.24
N LYS A 80 5.68 -6.45 -14.74
CA LYS A 80 6.44 -5.46 -13.93
C LYS A 80 5.57 -4.84 -12.80
N VAL A 81 4.26 -4.71 -13.08
CA VAL A 81 3.27 -4.23 -12.10
C VAL A 81 3.13 -5.23 -10.92
N ILE A 82 3.32 -6.53 -11.24
CA ILE A 82 3.31 -7.63 -10.25
C ILE A 82 4.47 -7.51 -9.24
N GLU A 83 5.73 -7.41 -9.72
CA GLU A 83 6.91 -7.37 -8.82
C GLU A 83 6.97 -6.05 -8.00
N LEU A 84 6.68 -4.90 -8.64
CA LEU A 84 6.64 -3.58 -7.97
C LEU A 84 5.42 -3.45 -7.03
N GLY A 85 4.30 -4.10 -7.41
CA GLY A 85 3.07 -4.10 -6.59
C GLY A 85 3.25 -4.89 -5.29
N THR A 86 3.81 -6.11 -5.43
CA THR A 86 4.10 -7.02 -4.30
C THR A 86 5.20 -6.44 -3.38
N LYS A 87 6.20 -5.77 -3.99
CA LYS A 87 7.25 -5.01 -3.26
C LYS A 87 6.63 -3.93 -2.32
N HIS A 88 5.60 -3.24 -2.81
CA HIS A 88 4.94 -2.13 -2.09
C HIS A 88 3.96 -2.62 -0.98
N PHE A 89 3.34 -3.81 -1.18
CA PHE A 89 2.41 -4.41 -0.17
C PHE A 89 3.08 -5.52 0.69
N LEU A 90 3.51 -6.64 0.07
CA LEU A 90 4.10 -7.78 0.83
C LEU A 90 5.57 -7.51 1.26
N GLY A 91 6.27 -6.63 0.51
CA GLY A 91 7.71 -6.42 0.68
C GLY A 91 8.56 -7.57 0.13
N ARG A 92 7.92 -8.47 -0.66
CA ARG A 92 8.57 -9.67 -1.24
C ARG A 92 8.66 -9.54 -2.79
N ALA A 93 9.57 -10.32 -3.39
CA ALA A 93 9.57 -10.56 -4.85
C ALA A 93 8.61 -11.73 -5.20
N PRO A 94 8.04 -11.82 -6.46
CA PRO A 94 7.14 -12.95 -6.84
C PRO A 94 7.85 -14.34 -6.70
N ILE A 95 7.07 -15.38 -6.31
CA ILE A 95 7.62 -16.69 -5.89
C ILE A 95 8.18 -17.47 -7.12
N ASP A 96 7.28 -17.88 -8.02
CA ASP A 96 7.64 -18.62 -9.26
C ASP A 96 7.05 -17.89 -10.49
N GLN A 97 7.41 -18.37 -11.70
CA GLN A 97 6.80 -17.87 -12.96
C GLN A 97 5.27 -18.15 -12.99
N ALA A 98 4.85 -19.26 -12.36
CA ALA A 98 3.42 -19.64 -12.25
C ALA A 98 2.65 -18.70 -11.29
N GLU A 99 3.35 -18.25 -10.23
CA GLU A 99 2.85 -17.22 -9.27
C GLU A 99 2.58 -15.89 -10.01
N ILE A 100 3.54 -15.52 -10.87
CA ILE A 100 3.43 -14.35 -11.79
C ILE A 100 2.20 -14.51 -12.72
N ARG A 101 2.01 -15.72 -13.29
CA ARG A 101 0.90 -16.00 -14.24
C ARG A 101 -0.48 -15.83 -13.58
N LYS A 102 -0.58 -16.15 -12.26
CA LYS A 102 -1.84 -16.03 -11.52
C LYS A 102 -2.23 -14.55 -11.28
N TYR A 103 -1.30 -13.75 -10.72
CA TYR A 103 -1.51 -12.28 -10.53
C TYR A 103 -1.76 -11.54 -11.88
N ASN A 104 -1.05 -12.01 -12.92
CA ASN A 104 -1.19 -11.50 -14.30
C ASN A 104 -2.60 -11.83 -14.86
N GLN A 105 -3.09 -13.05 -14.57
CA GLN A 105 -4.40 -13.55 -15.04
C GLN A 105 -5.57 -12.80 -14.36
N ILE A 106 -5.47 -12.60 -13.03
CA ILE A 106 -6.48 -11.88 -12.21
C ILE A 106 -6.63 -10.41 -12.68
N LEU A 107 -5.48 -9.76 -12.87
CA LEU A 107 -5.38 -8.38 -13.41
C LEU A 107 -5.95 -8.29 -14.85
N ALA A 108 -5.66 -9.31 -15.68
CA ALA A 108 -6.14 -9.36 -17.08
C ALA A 108 -7.68 -9.52 -17.17
N THR A 109 -8.23 -10.43 -16.35
CA THR A 109 -9.66 -10.79 -16.39
C THR A 109 -10.52 -9.82 -15.55
N GLN A 110 -10.33 -9.80 -14.21
CA GLN A 110 -11.09 -8.91 -13.30
C GLN A 110 -10.64 -7.44 -13.44
N GLY A 111 -9.32 -7.18 -13.23
CA GLY A 111 -8.79 -5.82 -13.24
C GLY A 111 -7.87 -5.50 -12.07
N ILE A 112 -7.46 -4.23 -11.99
CA ILE A 112 -6.41 -3.76 -11.05
C ILE A 112 -6.88 -3.78 -9.57
N ARG A 113 -8.19 -3.54 -9.33
CA ARG A 113 -8.77 -3.56 -7.96
C ARG A 113 -8.71 -4.97 -7.34
N ALA A 114 -8.85 -6.01 -8.19
CA ALA A 114 -8.75 -7.41 -7.76
C ALA A 114 -7.28 -7.84 -7.56
N PHE A 115 -6.36 -7.23 -8.34
CA PHE A 115 -4.90 -7.48 -8.24
C PHE A 115 -4.34 -7.00 -6.87
N ILE A 116 -4.57 -5.71 -6.52
CA ILE A 116 -4.20 -5.16 -5.19
C ILE A 116 -4.90 -5.97 -4.05
N ASN A 117 -6.21 -6.25 -4.22
CA ASN A 117 -7.00 -7.03 -3.23
C ASN A 117 -6.39 -8.45 -3.00
N ALA A 118 -5.81 -9.05 -4.06
CA ALA A 118 -5.14 -10.37 -3.97
C ALA A 118 -3.83 -10.30 -3.13
N LEU A 119 -3.05 -9.20 -3.32
CA LEU A 119 -1.79 -8.95 -2.58
C LEU A 119 -2.05 -8.64 -1.08
N VAL A 120 -3.15 -7.93 -0.81
CA VAL A 120 -3.56 -7.50 0.55
C VAL A 120 -4.27 -8.66 1.31
N ASN A 121 -5.01 -9.52 0.58
CA ASN A 121 -5.66 -10.72 1.15
C ASN A 121 -4.77 -11.97 1.07
N SER A 122 -3.51 -11.79 0.59
CA SER A 122 -2.44 -12.80 0.76
C SER A 122 -2.15 -12.98 2.27
N GLN A 123 -2.13 -14.26 2.73
CA GLN A 123 -2.06 -14.59 4.19
C GLN A 123 -0.86 -13.93 4.89
N GLU A 124 0.28 -13.78 4.16
CA GLU A 124 1.49 -13.10 4.69
C GLU A 124 1.18 -11.64 5.12
N TYR A 125 0.39 -10.92 4.30
CA TYR A 125 0.04 -9.50 4.57
C TYR A 125 -0.78 -9.39 5.87
N ASN A 126 -1.92 -10.10 5.96
CA ASN A 126 -2.85 -9.95 7.11
C ASN A 126 -2.25 -10.42 8.46
N GLU A 127 -1.43 -11.51 8.44
CA GLU A 127 -0.74 -11.99 9.67
C GLU A 127 0.42 -11.06 10.12
N VAL A 128 1.13 -10.39 9.18
CA VAL A 128 2.29 -9.50 9.50
C VAL A 128 1.88 -7.99 9.48
N PHE A 129 1.47 -7.48 8.30
CA PHE A 129 1.01 -6.08 8.12
C PHE A 129 -0.54 -6.04 8.10
N GLY A 130 -1.16 -6.36 9.26
CA GLY A 130 -2.63 -6.49 9.37
C GLY A 130 -3.42 -5.18 9.19
N GLU A 131 -4.65 -5.12 9.75
CA GLU A 131 -5.56 -3.96 9.60
C GLU A 131 -5.21 -2.77 10.53
N ASP A 132 -3.95 -2.73 10.98
CA ASP A 132 -3.39 -1.67 11.84
C ASP A 132 -2.00 -1.21 11.32
N THR A 133 -1.19 -2.16 10.80
CA THR A 133 0.22 -1.91 10.40
C THR A 133 0.36 -1.50 8.91
N VAL A 134 1.21 -0.48 8.66
CA VAL A 134 1.57 -0.02 7.29
C VAL A 134 2.66 -0.96 6.68
N PRO A 135 2.49 -1.44 5.40
CA PRO A 135 3.51 -2.27 4.70
C PRO A 135 4.84 -1.52 4.39
N TYR A 136 5.74 -1.48 5.39
CA TYR A 136 7.10 -0.95 5.22
C TYR A 136 8.02 -2.00 4.55
N ARG A 137 9.05 -1.51 3.81
CA ARG A 137 10.08 -2.39 3.18
C ARG A 137 10.79 -3.23 4.27
N ARG A 138 10.79 -4.57 4.09
CA ARG A 138 11.13 -5.55 5.14
C ARG A 138 12.66 -5.81 5.29
N PHE A 139 13.47 -4.73 5.21
CA PHE A 139 14.95 -4.75 5.37
C PHE A 139 15.65 -5.58 4.23
N PRO A 140 17.00 -5.37 3.98
CA PRO A 140 17.76 -6.23 3.02
C PRO A 140 17.96 -7.70 3.50
N THR A 141 17.52 -8.01 4.74
CA THR A 141 17.68 -9.35 5.35
C THR A 141 16.88 -10.46 4.59
N LEU A 142 15.54 -10.58 4.86
CA LEU A 142 14.58 -11.45 4.10
C LEU A 142 14.78 -13.00 4.27
N GLU A 143 16.02 -13.48 4.45
CA GLU A 143 16.37 -14.93 4.41
C GLU A 143 15.82 -15.70 5.63
N HIS A 144 14.76 -16.48 5.41
CA HIS A 144 14.16 -17.38 6.42
C HIS A 144 13.80 -18.77 5.81
N HIS A 145 13.58 -19.77 6.70
CA HIS A 145 12.94 -21.08 6.38
C HIS A 145 13.85 -22.09 5.58
N HIS A 146 14.85 -21.60 4.83
CA HIS A 146 15.65 -22.43 3.89
C HIS A 146 16.48 -23.53 4.62
N HIS A 147 15.93 -24.75 4.68
CA HIS A 147 16.58 -25.92 5.33
C HIS A 147 17.33 -26.79 4.29
N HIS A 148 17.94 -27.89 4.79
CA HIS A 148 18.54 -28.95 3.95
C HIS A 148 17.45 -29.70 3.15
N HIS A 149 17.65 -29.83 1.83
CA HIS A 149 16.72 -30.57 0.94
C HIS A 149 17.01 -32.07 0.97
N MET A 1 12.35 -1.76 11.76
CA MET A 1 12.90 -0.82 12.77
C MET A 1 11.73 -0.18 13.58
N LYS A 2 10.96 0.72 12.92
CA LYS A 2 9.70 1.26 13.49
C LYS A 2 8.49 0.56 12.85
N VAL A 3 7.51 0.18 13.70
CA VAL A 3 6.24 -0.44 13.25
C VAL A 3 5.15 0.65 13.15
N PHE A 4 4.87 1.10 11.91
CA PHE A 4 3.82 2.10 11.64
C PHE A 4 2.42 1.46 11.75
N LYS A 5 1.88 1.46 12.99
CA LYS A 5 0.51 0.95 13.28
C LYS A 5 -0.34 2.08 13.91
N ARG A 6 -1.65 2.05 13.64
CA ARG A 6 -2.59 3.07 14.15
C ARG A 6 -3.28 2.57 15.44
N VAL A 7 -2.67 2.91 16.58
CA VAL A 7 -3.31 2.83 17.91
C VAL A 7 -4.58 3.73 17.93
N ALA A 8 -5.76 3.08 18.02
CA ALA A 8 -7.09 3.76 18.01
C ALA A 8 -7.26 4.78 19.16
N GLY A 9 -6.79 4.41 20.39
CA GLY A 9 -6.69 5.35 21.52
C GLY A 9 -6.08 6.73 21.20
N ILE A 10 -5.18 6.77 20.20
CA ILE A 10 -4.64 8.03 19.66
C ILE A 10 -5.57 8.56 18.55
N LYS A 11 -5.95 9.84 18.62
CA LYS A 11 -6.91 10.47 17.67
C LYS A 11 -6.23 11.58 16.86
N ASP A 12 -5.20 12.20 17.47
CA ASP A 12 -4.31 13.22 16.84
C ASP A 12 -4.09 13.00 15.33
N LYS A 13 -4.57 13.94 14.49
CA LYS A 13 -4.45 13.85 13.01
C LYS A 13 -2.98 13.99 12.54
N ALA A 14 -2.08 14.42 13.46
CA ALA A 14 -0.63 14.45 13.22
C ALA A 14 -0.05 13.00 13.17
N ALA A 15 -0.59 12.12 14.03
CA ALA A 15 -0.18 10.70 14.10
C ALA A 15 -0.76 9.91 12.90
N ILE A 16 -2.03 10.21 12.54
CA ILE A 16 -2.66 9.71 11.30
C ILE A 16 -1.87 10.21 10.04
N LYS A 17 -1.50 11.51 10.01
CA LYS A 17 -0.78 12.13 8.86
C LYS A 17 0.56 11.44 8.57
N THR A 18 1.40 11.25 9.62
CA THR A 18 2.73 10.60 9.50
C THR A 18 2.59 9.13 9.03
N LEU A 19 1.50 8.48 9.47
CA LEU A 19 1.14 7.10 9.06
C LEU A 19 0.87 7.03 7.53
N ILE A 20 0.08 8.01 7.04
CA ILE A 20 -0.31 8.13 5.61
C ILE A 20 0.89 8.57 4.72
N SER A 21 1.78 9.41 5.28
CA SER A 21 3.00 9.89 4.57
C SER A 21 3.99 8.72 4.38
N ALA A 22 4.15 7.91 5.45
CA ALA A 22 4.92 6.65 5.41
C ALA A 22 4.30 5.63 4.42
N ALA A 23 2.95 5.59 4.39
CA ALA A 23 2.17 4.75 3.47
C ALA A 23 2.45 5.12 1.98
N TYR A 24 2.52 6.44 1.68
CA TYR A 24 2.83 6.95 0.32
C TYR A 24 4.28 6.58 -0.12
N ARG A 25 5.26 6.86 0.76
CA ARG A 25 6.70 6.70 0.45
C ARG A 25 7.12 5.21 0.32
N GLN A 26 6.27 4.28 0.81
CA GLN A 26 6.47 2.83 0.64
C GLN A 26 5.70 2.29 -0.60
N ILE A 27 4.41 2.67 -0.73
CA ILE A 27 3.51 2.14 -1.79
C ILE A 27 3.69 2.90 -3.13
N PHE A 28 3.47 4.23 -3.10
CA PHE A 28 3.68 5.10 -4.29
C PHE A 28 5.21 5.29 -4.56
N GLU A 29 6.04 4.95 -3.54
CA GLU A 29 7.52 5.14 -3.53
C GLU A 29 7.91 6.65 -3.54
N ARG A 30 6.94 7.50 -3.18
CA ARG A 30 7.08 8.98 -3.21
C ARG A 30 6.12 9.62 -2.17
N ASP A 31 6.57 10.70 -1.53
CA ASP A 31 5.66 11.58 -0.76
C ASP A 31 4.78 12.41 -1.73
N ILE A 32 3.51 12.59 -1.37
CA ILE A 32 2.54 13.39 -2.15
C ILE A 32 2.30 14.73 -1.42
N ALA A 33 2.19 15.83 -2.20
CA ALA A 33 1.88 17.17 -1.70
C ALA A 33 0.59 17.15 -0.84
N PRO A 34 0.67 17.50 0.50
CA PRO A 34 -0.46 17.34 1.47
C PRO A 34 -1.74 18.14 1.07
N TYR A 35 -1.52 19.36 0.53
CA TYR A 35 -2.61 20.24 0.03
C TYR A 35 -3.37 19.62 -1.18
N ILE A 36 -2.70 18.74 -1.96
CA ILE A 36 -3.35 17.97 -3.04
C ILE A 36 -4.03 16.69 -2.46
N ALA A 37 -3.27 15.98 -1.60
CA ALA A 37 -3.66 14.65 -1.05
C ALA A 37 -4.96 14.69 -0.20
N GLN A 38 -5.25 15.86 0.42
CA GLN A 38 -6.47 16.03 1.25
C GLN A 38 -7.74 16.18 0.38
N ASN A 39 -7.60 16.67 -0.87
CA ASN A 39 -8.72 16.72 -1.84
C ASN A 39 -8.94 15.35 -2.54
N GLU A 40 -7.82 14.71 -2.95
CA GLU A 40 -7.84 13.36 -3.57
C GLU A 40 -8.48 12.32 -2.63
N PHE A 41 -7.94 12.26 -1.40
CA PHE A 41 -8.42 11.39 -0.33
C PHE A 41 -9.30 12.19 0.66
N SER A 42 -10.23 13.00 0.12
CA SER A 42 -11.14 13.86 0.93
C SER A 42 -12.05 13.03 1.85
N GLY A 43 -12.70 12.02 1.28
CA GLY A 43 -13.48 11.05 2.05
C GLY A 43 -12.60 10.01 2.74
N TRP A 44 -11.64 9.45 2.00
CA TRP A 44 -10.81 8.29 2.42
C TRP A 44 -9.87 8.57 3.63
N GLU A 45 -9.29 9.77 3.68
CA GLU A 45 -8.44 10.21 4.83
C GLU A 45 -9.32 10.30 6.09
N SER A 46 -10.49 10.96 5.94
CA SER A 46 -11.49 11.12 7.04
C SER A 46 -11.98 9.75 7.58
N LYS A 47 -12.10 8.75 6.69
CA LYS A 47 -12.45 7.35 7.05
C LYS A 47 -11.43 6.72 8.03
N LEU A 48 -10.13 6.97 7.78
CA LEU A 48 -9.04 6.50 8.67
C LEU A 48 -8.98 7.35 9.99
N GLY A 49 -9.06 8.68 9.81
CA GLY A 49 -8.92 9.66 10.91
C GLY A 49 -10.02 9.56 11.98
N ASN A 50 -11.23 9.17 11.57
CA ASN A 50 -12.36 8.93 12.49
C ASN A 50 -12.35 7.47 13.03
N GLY A 51 -11.62 6.56 12.34
CA GLY A 51 -11.57 5.13 12.74
C GLY A 51 -12.79 4.32 12.29
N GLU A 52 -13.36 4.69 11.13
CA GLU A 52 -14.55 4.02 10.55
C GLU A 52 -14.15 2.82 9.63
N ILE A 53 -12.87 2.83 9.18
CA ILE A 53 -12.28 1.74 8.35
C ILE A 53 -11.04 1.16 9.03
N THR A 54 -10.60 -0.03 8.59
CA THR A 54 -9.28 -0.58 8.97
C THR A 54 -8.16 0.11 8.18
N VAL A 55 -6.96 0.17 8.78
CA VAL A 55 -5.75 0.72 8.13
C VAL A 55 -5.37 -0.15 6.90
N LYS A 56 -5.66 -1.46 7.03
CA LYS A 56 -5.55 -2.44 5.92
C LYS A 56 -6.34 -1.98 4.67
N GLU A 57 -7.60 -1.57 4.89
CA GLU A 57 -8.51 -1.16 3.81
C GLU A 57 -8.07 0.21 3.22
N PHE A 58 -7.59 1.13 4.09
CA PHE A 58 -6.99 2.42 3.68
C PHE A 58 -5.80 2.19 2.71
N ILE A 59 -4.86 1.32 3.12
CA ILE A 59 -3.69 0.89 2.33
C ILE A 59 -4.11 0.30 0.95
N GLU A 60 -5.22 -0.46 0.96
CA GLU A 60 -5.79 -1.05 -0.27
C GLU A 60 -6.34 0.05 -1.21
N GLY A 61 -6.99 1.08 -0.63
CA GLY A 61 -7.54 2.22 -1.40
C GLY A 61 -6.45 3.13 -2.02
N LEU A 62 -5.24 3.10 -1.43
CA LEU A 62 -4.03 3.74 -2.01
C LEU A 62 -3.57 3.00 -3.31
N GLY A 63 -3.99 1.73 -3.40
CA GLY A 63 -3.77 0.88 -4.58
C GLY A 63 -4.90 1.01 -5.63
N TYR A 64 -6.03 1.63 -5.23
CA TYR A 64 -7.15 1.98 -6.15
C TYR A 64 -6.99 3.42 -6.70
N SER A 65 -5.96 4.15 -6.21
CA SER A 65 -5.70 5.55 -6.59
C SER A 65 -5.16 5.65 -8.03
N ASN A 66 -5.95 6.22 -8.96
CA ASN A 66 -5.60 6.28 -10.40
C ASN A 66 -4.32 7.12 -10.65
N LEU A 67 -3.92 7.96 -9.67
CA LEU A 67 -2.61 8.66 -9.68
C LEU A 67 -1.45 7.62 -9.67
N TYR A 68 -1.52 6.68 -8.70
CA TYR A 68 -0.57 5.55 -8.58
C TYR A 68 -0.58 4.65 -9.84
N LEU A 69 -1.77 4.30 -10.34
CA LEU A 69 -1.90 3.43 -11.55
C LEU A 69 -1.47 4.15 -12.84
N LYS A 70 -1.62 5.46 -12.90
CA LYS A 70 -1.10 6.27 -14.04
C LYS A 70 0.44 6.22 -14.08
N GLU A 71 1.07 6.25 -12.89
CA GLU A 71 2.53 6.16 -12.74
C GLU A 71 3.07 4.71 -12.97
N PHE A 72 2.54 3.71 -12.25
CA PHE A 72 3.11 2.33 -12.17
C PHE A 72 2.17 1.22 -12.74
N TYR A 73 1.44 1.53 -13.82
CA TYR A 73 0.53 0.55 -14.49
C TYR A 73 0.22 0.97 -15.94
N THR A 74 -0.06 2.27 -16.15
CA THR A 74 -0.40 2.82 -17.50
C THR A 74 0.80 2.75 -18.50
N PRO A 75 2.08 3.12 -18.11
CA PRO A 75 3.28 2.92 -18.97
C PRO A 75 4.06 1.61 -18.65
N TYR A 76 3.46 0.70 -17.83
CA TYR A 76 4.12 -0.57 -17.41
C TYR A 76 3.28 -1.82 -17.80
N PRO A 77 3.94 -2.95 -18.24
CA PRO A 77 3.23 -4.22 -18.58
C PRO A 77 2.75 -4.98 -17.31
N ASN A 78 1.75 -5.90 -17.48
CA ASN A 78 1.09 -6.63 -16.37
C ASN A 78 2.11 -7.28 -15.39
N THR A 79 3.05 -8.08 -15.92
CA THR A 79 4.13 -8.75 -15.12
C THR A 79 4.96 -7.76 -14.23
N LYS A 80 5.33 -6.60 -14.79
CA LYS A 80 6.05 -5.54 -14.02
C LYS A 80 5.17 -4.95 -12.88
N VAL A 81 3.86 -4.81 -13.13
CA VAL A 81 2.90 -4.27 -12.14
C VAL A 81 2.73 -5.29 -10.97
N ILE A 82 2.95 -6.58 -11.27
CA ILE A 82 2.91 -7.68 -10.27
C ILE A 82 4.07 -7.59 -9.27
N GLU A 83 5.33 -7.50 -9.75
CA GLU A 83 6.50 -7.34 -8.85
C GLU A 83 6.44 -6.00 -8.10
N LEU A 84 6.09 -4.90 -8.80
CA LEU A 84 5.92 -3.56 -8.19
C LEU A 84 4.80 -3.58 -7.12
N GLY A 85 3.70 -4.28 -7.40
CA GLY A 85 2.56 -4.37 -6.48
C GLY A 85 2.91 -5.08 -5.17
N THR A 86 3.53 -6.28 -5.27
CA THR A 86 3.91 -7.11 -4.11
C THR A 86 5.05 -6.43 -3.29
N LYS A 87 5.99 -5.80 -4.01
CA LYS A 87 7.08 -4.97 -3.43
C LYS A 87 6.54 -3.85 -2.48
N HIS A 88 5.38 -3.28 -2.83
CA HIS A 88 4.79 -2.12 -2.11
C HIS A 88 3.86 -2.53 -0.95
N PHE A 89 3.01 -3.56 -1.18
CA PHE A 89 1.99 -4.00 -0.20
C PHE A 89 2.52 -5.14 0.71
N LEU A 90 3.16 -6.15 0.11
CA LEU A 90 3.65 -7.34 0.83
C LEU A 90 5.17 -7.22 1.17
N GLY A 91 5.81 -6.16 0.64
CA GLY A 91 7.22 -5.81 0.95
C GLY A 91 8.27 -6.84 0.46
N ARG A 92 7.95 -7.59 -0.61
CA ARG A 92 8.82 -8.68 -1.12
C ARG A 92 8.61 -8.96 -2.62
N ALA A 93 9.40 -9.91 -3.16
CA ALA A 93 9.26 -10.40 -4.55
C ALA A 93 8.21 -11.54 -4.68
N PRO A 94 7.53 -11.68 -5.87
CA PRO A 94 6.70 -12.87 -6.17
C PRO A 94 7.59 -14.16 -6.27
N ILE A 95 7.11 -15.26 -5.66
CA ILE A 95 7.93 -16.47 -5.41
C ILE A 95 8.23 -17.25 -6.72
N ASP A 96 7.18 -17.82 -7.34
CA ASP A 96 7.30 -18.60 -8.60
C ASP A 96 7.06 -17.70 -9.84
N GLN A 97 7.45 -18.23 -11.02
CA GLN A 97 6.99 -17.70 -12.32
C GLN A 97 5.46 -17.97 -12.47
N ALA A 98 5.00 -19.10 -11.93
CA ALA A 98 3.56 -19.46 -11.90
C ALA A 98 2.76 -18.53 -10.96
N GLU A 99 3.40 -18.06 -9.88
CA GLU A 99 2.84 -17.06 -8.94
C GLU A 99 2.54 -15.73 -9.68
N ILE A 100 3.49 -15.34 -10.55
CA ILE A 100 3.34 -14.18 -11.45
C ILE A 100 2.19 -14.42 -12.46
N ARG A 101 2.15 -15.62 -13.08
CA ARG A 101 1.14 -15.97 -14.11
C ARG A 101 -0.30 -15.96 -13.54
N LYS A 102 -0.43 -16.31 -12.25
CA LYS A 102 -1.73 -16.27 -11.55
C LYS A 102 -2.24 -14.81 -11.39
N TYR A 103 -1.37 -13.91 -10.86
CA TYR A 103 -1.70 -12.46 -10.73
C TYR A 103 -1.88 -11.79 -12.13
N ASN A 104 -1.16 -12.33 -13.13
CA ASN A 104 -1.21 -11.85 -14.54
C ASN A 104 -2.58 -12.17 -15.17
N GLN A 105 -3.08 -13.38 -14.88
CA GLN A 105 -4.36 -13.89 -15.40
C GLN A 105 -5.56 -13.18 -14.75
N ILE A 106 -5.46 -12.92 -13.42
CA ILE A 106 -6.50 -12.19 -12.65
C ILE A 106 -6.60 -10.71 -13.10
N LEU A 107 -5.43 -10.08 -13.27
CA LEU A 107 -5.32 -8.68 -13.76
C LEU A 107 -5.86 -8.57 -15.22
N ALA A 108 -5.58 -9.58 -16.05
CA ALA A 108 -6.00 -9.60 -17.48
C ALA A 108 -7.53 -9.79 -17.64
N THR A 109 -8.07 -10.87 -17.05
CA THR A 109 -9.49 -11.30 -17.24
C THR A 109 -10.49 -10.54 -16.33
N GLN A 110 -10.01 -9.94 -15.22
CA GLN A 110 -10.85 -9.08 -14.33
C GLN A 110 -10.36 -7.61 -14.34
N GLY A 111 -9.13 -7.35 -13.85
CA GLY A 111 -8.62 -5.97 -13.79
C GLY A 111 -7.62 -5.73 -12.65
N ILE A 112 -7.17 -4.46 -12.54
CA ILE A 112 -6.15 -4.04 -11.56
C ILE A 112 -6.75 -3.98 -10.12
N ARG A 113 -8.06 -3.67 -10.01
CA ARG A 113 -8.78 -3.61 -8.71
C ARG A 113 -8.83 -5.00 -8.03
N ALA A 114 -8.89 -6.05 -8.87
CA ALA A 114 -8.87 -7.46 -8.43
C ALA A 114 -7.48 -7.85 -7.91
N PHE A 115 -6.44 -7.39 -8.63
CA PHE A 115 -5.01 -7.60 -8.28
C PHE A 115 -4.64 -6.97 -6.90
N ILE A 116 -5.00 -5.69 -6.69
CA ILE A 116 -4.69 -4.96 -5.44
C ILE A 116 -5.40 -5.61 -4.22
N ASN A 117 -6.70 -5.95 -4.41
CA ASN A 117 -7.51 -6.62 -3.37
C ASN A 117 -6.96 -8.04 -3.05
N ALA A 118 -6.41 -8.71 -4.07
CA ALA A 118 -5.77 -10.05 -3.91
C ALA A 118 -4.52 -9.99 -2.97
N LEU A 119 -3.75 -8.89 -3.06
CA LEU A 119 -2.50 -8.71 -2.27
C LEU A 119 -2.79 -8.32 -0.80
N VAL A 120 -3.63 -7.29 -0.61
CA VAL A 120 -3.89 -6.72 0.74
C VAL A 120 -4.77 -7.66 1.62
N ASN A 121 -5.52 -8.59 0.97
CA ASN A 121 -6.28 -9.66 1.65
C ASN A 121 -5.50 -11.00 1.68
N SER A 122 -4.16 -10.95 1.52
CA SER A 122 -3.29 -12.17 1.62
C SER A 122 -2.93 -12.50 3.08
N GLN A 123 -2.64 -13.79 3.33
CA GLN A 123 -2.01 -14.30 4.58
C GLN A 123 -0.78 -13.44 4.98
N GLU A 124 0.07 -13.14 3.97
CA GLU A 124 1.28 -12.32 4.14
C GLU A 124 0.97 -10.95 4.79
N TYR A 125 -0.01 -10.20 4.23
CA TYR A 125 -0.38 -8.87 4.76
C TYR A 125 -0.98 -9.00 6.18
N ASN A 126 -1.80 -10.05 6.38
CA ASN A 126 -2.52 -10.29 7.65
C ASN A 126 -1.53 -10.49 8.84
N GLU A 127 -0.72 -11.56 8.76
CA GLU A 127 0.14 -12.01 9.88
C GLU A 127 1.40 -11.12 10.06
N VAL A 128 1.99 -10.66 8.95
CA VAL A 128 3.22 -9.82 8.98
C VAL A 128 2.92 -8.33 9.31
N PHE A 129 1.70 -7.85 8.97
CA PHE A 129 1.27 -6.46 9.29
C PHE A 129 0.01 -6.49 10.21
N GLY A 130 -1.17 -6.74 9.62
CA GLY A 130 -2.45 -6.69 10.35
C GLY A 130 -3.38 -5.59 9.84
N GLU A 131 -4.64 -5.60 10.30
CA GLU A 131 -5.67 -4.62 9.87
C GLU A 131 -5.44 -3.20 10.46
N ASP A 132 -4.53 -3.11 11.44
CA ASP A 132 -4.17 -1.85 12.11
C ASP A 132 -2.81 -1.28 11.59
N THR A 133 -2.05 -2.08 10.81
CA THR A 133 -0.63 -1.75 10.47
C THR A 133 -0.40 -1.50 8.96
N VAL A 134 0.43 -0.49 8.67
CA VAL A 134 0.94 -0.13 7.32
C VAL A 134 2.16 -1.00 6.94
N PRO A 135 2.41 -1.29 5.60
CA PRO A 135 3.73 -1.76 5.11
C PRO A 135 4.91 -0.89 5.65
N TYR A 136 5.45 -1.31 6.81
CA TYR A 136 6.51 -0.56 7.53
C TYR A 136 7.93 -1.03 7.11
N ARG A 137 8.95 -0.36 7.67
CA ARG A 137 10.36 -0.70 7.42
C ARG A 137 10.75 -2.01 8.16
N ARG A 138 10.71 -3.14 7.42
CA ARG A 138 11.17 -4.45 7.93
C ARG A 138 12.70 -4.57 7.72
N PHE A 139 13.44 -4.72 8.84
CA PHE A 139 14.94 -4.79 8.88
C PHE A 139 15.60 -3.38 8.61
N PRO A 140 16.77 -3.07 9.27
CA PRO A 140 17.58 -1.86 8.93
C PRO A 140 18.27 -1.96 7.55
N THR A 141 18.26 -3.18 6.96
CA THR A 141 18.71 -3.44 5.58
C THR A 141 17.48 -3.65 4.64
N LEU A 142 17.74 -3.89 3.32
CA LEU A 142 16.69 -4.03 2.27
C LEU A 142 15.93 -2.71 2.00
N GLU A 143 16.62 -1.60 2.24
CA GLU A 143 16.15 -0.25 1.89
C GLU A 143 17.35 0.61 1.46
N HIS A 144 17.30 1.12 0.21
CA HIS A 144 18.32 2.06 -0.32
C HIS A 144 18.36 3.38 0.51
N HIS A 145 19.24 3.39 1.54
CA HIS A 145 19.40 4.53 2.47
C HIS A 145 20.19 5.69 1.82
N HIS A 146 19.77 6.92 2.14
CA HIS A 146 20.31 8.17 1.54
C HIS A 146 21.40 8.80 2.44
N HIS A 147 22.54 8.08 2.57
CA HIS A 147 23.70 8.47 3.43
C HIS A 147 23.26 8.84 4.87
N HIS A 148 22.79 7.80 5.61
CA HIS A 148 22.16 7.92 6.96
C HIS A 148 20.75 8.59 6.90
N HIS A 149 20.67 9.83 6.39
CA HIS A 149 19.41 10.58 6.21
C HIS A 149 18.55 9.93 5.09
N MET A 1 12.98 7.43 12.18
CA MET A 1 12.72 6.00 11.87
C MET A 1 12.02 5.28 13.05
N LYS A 2 10.91 4.58 12.75
CA LYS A 2 10.18 3.72 13.71
C LYS A 2 9.17 2.80 12.97
N VAL A 3 8.40 2.01 13.76
CA VAL A 3 7.34 1.15 13.21
C VAL A 3 6.03 1.95 13.21
N PHE A 4 5.55 2.34 12.02
CA PHE A 4 4.31 3.12 11.85
C PHE A 4 3.06 2.25 12.08
N LYS A 5 2.39 2.43 13.23
CA LYS A 5 1.12 1.74 13.55
C LYS A 5 0.21 2.66 14.38
N ARG A 6 -1.10 2.41 14.30
CA ARG A 6 -2.09 3.13 15.14
C ARG A 6 -2.00 2.70 16.61
N VAL A 7 -2.28 3.66 17.48
CA VAL A 7 -2.61 3.44 18.88
C VAL A 7 -4.02 4.02 19.10
N ALA A 8 -4.98 3.16 19.50
CA ALA A 8 -6.36 3.59 19.86
C ALA A 8 -6.38 4.75 20.90
N GLY A 9 -6.59 5.97 20.40
CA GLY A 9 -6.53 7.20 21.20
C GLY A 9 -5.84 8.36 20.46
N ILE A 10 -4.98 8.00 19.48
CA ILE A 10 -4.28 8.97 18.60
C ILE A 10 -5.18 9.33 17.37
N LYS A 11 -6.36 9.88 17.73
CA LYS A 11 -7.39 10.36 16.78
C LYS A 11 -7.08 11.78 16.22
N ASP A 12 -5.88 12.31 16.50
CA ASP A 12 -5.45 13.64 16.01
C ASP A 12 -4.86 13.51 14.59
N LYS A 13 -5.29 14.40 13.68
CA LYS A 13 -4.87 14.36 12.27
C LYS A 13 -3.39 14.73 12.06
N ALA A 14 -2.74 15.32 13.08
CA ALA A 14 -1.29 15.62 13.06
C ALA A 14 -0.46 14.32 12.88
N ALA A 15 -0.73 13.33 13.76
CA ALA A 15 -0.08 12.01 13.70
C ALA A 15 -0.66 11.12 12.56
N ILE A 16 -2.01 11.16 12.38
CA ILE A 16 -2.70 10.40 11.29
C ILE A 16 -2.15 10.79 9.89
N LYS A 17 -1.89 12.10 9.67
CA LYS A 17 -1.32 12.63 8.41
C LYS A 17 0.04 11.96 8.06
N THR A 18 0.96 11.90 9.05
CA THR A 18 2.32 11.35 8.85
C THR A 18 2.29 9.82 8.60
N LEU A 19 1.32 9.13 9.23
CA LEU A 19 1.02 7.69 8.98
C LEU A 19 0.57 7.48 7.50
N ILE A 20 -0.31 8.39 7.04
CA ILE A 20 -0.82 8.42 5.64
C ILE A 20 0.31 8.81 4.63
N SER A 21 1.23 9.69 5.05
CA SER A 21 2.39 10.11 4.23
C SER A 21 3.38 8.94 4.00
N ALA A 22 3.62 8.15 5.07
CA ALA A 22 4.41 6.89 4.99
C ALA A 22 3.72 5.85 4.06
N ALA A 23 2.37 5.83 4.12
CA ALA A 23 1.52 4.99 3.24
C ALA A 23 1.69 5.38 1.74
N TYR A 24 1.99 6.66 1.47
CA TYR A 24 2.30 7.15 0.10
C TYR A 24 3.74 6.76 -0.34
N ARG A 25 4.70 6.80 0.61
CA ARG A 25 6.14 6.50 0.35
C ARG A 25 6.37 5.02 -0.04
N GLN A 26 5.47 4.13 0.41
CA GLN A 26 5.55 2.68 0.08
C GLN A 26 4.85 2.37 -1.27
N ILE A 27 3.73 3.07 -1.56
CA ILE A 27 2.87 2.79 -2.75
C ILE A 27 3.38 3.57 -3.97
N PHE A 28 3.33 4.91 -3.88
CA PHE A 28 3.72 5.84 -4.98
C PHE A 28 5.27 6.00 -5.04
N GLU A 29 6.00 5.39 -4.07
CA GLU A 29 7.48 5.45 -3.93
C GLU A 29 7.99 6.86 -3.51
N ARG A 30 7.05 7.75 -3.14
CA ARG A 30 7.36 9.16 -2.85
C ARG A 30 6.38 9.76 -1.81
N ASP A 31 6.92 10.65 -0.98
CA ASP A 31 6.15 11.46 -0.02
C ASP A 31 5.26 12.49 -0.78
N ILE A 32 3.98 12.60 -0.38
CA ILE A 32 3.01 13.52 -1.04
C ILE A 32 2.63 14.68 -0.08
N ALA A 33 2.53 15.88 -0.66
CA ALA A 33 2.20 17.13 0.08
C ALA A 33 0.71 17.10 0.56
N PRO A 34 0.45 17.39 1.89
CA PRO A 34 -0.90 17.22 2.52
C PRO A 34 -2.06 17.97 1.80
N TYR A 35 -1.80 19.21 1.31
CA TYR A 35 -2.85 20.02 0.61
C TYR A 35 -3.32 19.37 -0.71
N ILE A 36 -2.43 18.58 -1.34
CA ILE A 36 -2.76 17.76 -2.53
C ILE A 36 -3.50 16.46 -2.11
N ALA A 37 -2.90 15.78 -1.11
CA ALA A 37 -3.36 14.47 -0.60
C ALA A 37 -4.82 14.49 -0.08
N GLN A 38 -5.22 15.63 0.53
CA GLN A 38 -6.56 15.79 1.12
C GLN A 38 -7.65 16.01 0.03
N ASN A 39 -7.25 16.54 -1.14
CA ASN A 39 -8.18 16.74 -2.27
C ASN A 39 -8.46 15.39 -2.98
N GLU A 40 -7.45 14.52 -3.00
CA GLU A 40 -7.56 13.17 -3.59
C GLU A 40 -8.40 12.23 -2.70
N PHE A 41 -8.01 12.12 -1.42
CA PHE A 41 -8.62 11.20 -0.44
C PHE A 41 -9.29 11.97 0.74
N SER A 42 -10.22 12.91 0.44
CA SER A 42 -10.90 13.73 1.50
C SER A 42 -11.74 12.86 2.49
N GLY A 43 -12.56 11.96 1.91
CA GLY A 43 -13.40 11.04 2.69
C GLY A 43 -12.61 9.84 3.20
N TRP A 44 -11.72 9.30 2.35
CA TRP A 44 -10.91 8.09 2.64
C TRP A 44 -9.95 8.31 3.86
N GLU A 45 -9.33 9.49 3.90
CA GLU A 45 -8.53 9.98 5.06
C GLU A 45 -9.39 10.05 6.34
N SER A 46 -10.59 10.63 6.21
CA SER A 46 -11.54 10.82 7.33
C SER A 46 -11.97 9.48 7.96
N LYS A 47 -12.23 8.48 7.08
CA LYS A 47 -12.65 7.12 7.50
C LYS A 47 -11.52 6.38 8.28
N LEU A 48 -10.25 6.67 7.94
CA LEU A 48 -9.09 6.12 8.68
C LEU A 48 -8.94 6.80 10.06
N GLY A 49 -9.06 8.15 10.07
CA GLY A 49 -8.93 8.96 11.30
C GLY A 49 -10.04 8.71 12.34
N ASN A 50 -11.25 8.33 11.84
CA ASN A 50 -12.42 8.00 12.70
C ASN A 50 -12.48 6.49 13.03
N GLY A 51 -11.80 5.65 12.23
CA GLY A 51 -11.77 4.19 12.45
C GLY A 51 -12.93 3.43 11.78
N GLU A 52 -13.49 4.01 10.70
CA GLU A 52 -14.47 3.32 9.81
C GLU A 52 -13.76 2.19 9.02
N ILE A 53 -12.58 2.53 8.48
CA ILE A 53 -11.69 1.57 7.77
C ILE A 53 -10.42 1.30 8.60
N THR A 54 -9.78 0.15 8.35
CA THR A 54 -8.46 -0.17 8.95
C THR A 54 -7.31 0.34 8.05
N VAL A 55 -6.08 0.35 8.59
CA VAL A 55 -4.88 0.87 7.86
C VAL A 55 -4.61 0.04 6.58
N LYS A 56 -4.70 -1.30 6.71
CA LYS A 56 -4.55 -2.26 5.58
C LYS A 56 -5.53 -1.97 4.42
N GLU A 57 -6.78 -1.65 4.78
CA GLU A 57 -7.85 -1.32 3.80
C GLU A 57 -7.57 0.04 3.11
N PHE A 58 -7.01 0.99 3.89
CA PHE A 58 -6.56 2.30 3.38
C PHE A 58 -5.42 2.12 2.32
N ILE A 59 -4.42 1.26 2.67
CA ILE A 59 -3.27 0.91 1.79
C ILE A 59 -3.76 0.33 0.44
N GLU A 60 -4.73 -0.59 0.53
CA GLU A 60 -5.35 -1.23 -0.64
C GLU A 60 -6.02 -0.15 -1.55
N GLY A 61 -6.75 0.80 -0.93
CA GLY A 61 -7.41 1.91 -1.66
C GLY A 61 -6.45 2.87 -2.39
N LEU A 62 -5.20 2.98 -1.88
CA LEU A 62 -4.11 3.75 -2.57
C LEU A 62 -3.65 3.01 -3.86
N GLY A 63 -3.84 1.69 -3.88
CA GLY A 63 -3.63 0.86 -5.08
C GLY A 63 -4.72 1.06 -6.14
N TYR A 64 -5.93 1.47 -5.71
CA TYR A 64 -7.07 1.78 -6.62
C TYR A 64 -6.97 3.22 -7.19
N SER A 65 -6.01 4.04 -6.72
CA SER A 65 -5.93 5.47 -7.06
C SER A 65 -5.40 5.70 -8.50
N ASN A 66 -6.07 6.59 -9.25
CA ASN A 66 -5.71 6.93 -10.64
C ASN A 66 -4.24 7.45 -10.75
N LEU A 67 -3.73 8.06 -9.67
CA LEU A 67 -2.33 8.55 -9.60
C LEU A 67 -1.32 7.38 -9.65
N TYR A 68 -1.57 6.32 -8.84
CA TYR A 68 -0.72 5.10 -8.83
C TYR A 68 -0.84 4.31 -10.15
N LEU A 69 -2.07 4.32 -10.72
CA LEU A 69 -2.36 3.73 -12.04
C LEU A 69 -1.55 4.38 -13.18
N LYS A 70 -1.52 5.73 -13.23
CA LYS A 70 -0.81 6.47 -14.31
C LYS A 70 0.73 6.47 -14.11
N GLU A 71 1.19 6.43 -12.85
CA GLU A 71 2.65 6.36 -12.52
C GLU A 71 3.26 4.97 -12.82
N PHE A 72 2.59 3.90 -12.38
CA PHE A 72 3.13 2.51 -12.45
C PHE A 72 2.42 1.61 -13.48
N TYR A 73 1.10 1.46 -13.40
CA TYR A 73 0.34 0.51 -14.25
C TYR A 73 0.42 0.87 -15.77
N THR A 74 0.50 2.17 -16.10
CA THR A 74 0.55 2.65 -17.50
C THR A 74 1.98 2.52 -18.14
N PRO A 75 3.10 3.09 -17.53
CA PRO A 75 4.48 2.96 -18.11
C PRO A 75 5.13 1.55 -17.93
N TYR A 76 4.45 0.64 -17.20
CA TYR A 76 4.97 -0.74 -16.95
C TYR A 76 3.95 -1.83 -17.39
N PRO A 77 4.42 -3.02 -17.90
CA PRO A 77 3.51 -4.15 -18.28
C PRO A 77 2.92 -4.87 -17.04
N ASN A 78 1.91 -5.76 -17.29
CA ASN A 78 1.15 -6.49 -16.24
C ASN A 78 2.09 -7.17 -15.21
N THR A 79 3.04 -8.02 -15.69
CA THR A 79 4.02 -8.73 -14.84
C THR A 79 4.84 -7.79 -13.92
N LYS A 80 5.24 -6.62 -14.45
CA LYS A 80 6.00 -5.60 -13.68
C LYS A 80 5.11 -4.93 -12.58
N VAL A 81 3.80 -4.80 -12.86
CA VAL A 81 2.82 -4.26 -11.89
C VAL A 81 2.61 -5.27 -10.72
N ILE A 82 2.85 -6.56 -11.01
CA ILE A 82 2.83 -7.65 -9.99
C ILE A 82 4.08 -7.60 -9.08
N GLU A 83 5.27 -7.58 -9.71
CA GLU A 83 6.58 -7.53 -9.00
C GLU A 83 6.71 -6.26 -8.12
N LEU A 84 6.56 -5.07 -8.74
CA LEU A 84 6.54 -3.78 -8.02
C LEU A 84 5.36 -3.71 -7.02
N GLY A 85 4.19 -4.23 -7.43
CA GLY A 85 2.95 -4.12 -6.64
C GLY A 85 3.05 -4.82 -5.29
N THR A 86 3.46 -6.09 -5.30
CA THR A 86 3.63 -6.92 -4.09
C THR A 86 4.68 -6.33 -3.10
N LYS A 87 5.76 -5.73 -3.63
CA LYS A 87 6.77 -5.05 -2.78
C LYS A 87 6.27 -3.70 -2.22
N HIS A 88 5.19 -3.14 -2.80
CA HIS A 88 4.55 -1.89 -2.31
C HIS A 88 3.53 -2.18 -1.19
N PHE A 89 2.74 -3.26 -1.35
CA PHE A 89 1.74 -3.69 -0.33
C PHE A 89 2.37 -4.70 0.67
N LEU A 90 2.75 -5.87 0.14
CA LEU A 90 3.17 -7.05 0.96
C LEU A 90 4.66 -6.96 1.41
N GLY A 91 5.41 -5.99 0.84
CA GLY A 91 6.84 -5.78 1.16
C GLY A 91 7.75 -6.95 0.74
N ARG A 92 7.28 -7.77 -0.23
CA ARG A 92 8.01 -8.97 -0.72
C ARG A 92 7.69 -9.24 -2.21
N ALA A 93 8.44 -10.16 -2.82
CA ALA A 93 8.20 -10.63 -4.21
C ALA A 93 7.30 -11.90 -4.20
N PRO A 94 6.46 -12.15 -5.28
CA PRO A 94 5.59 -13.37 -5.36
C PRO A 94 6.41 -14.69 -5.29
N ILE A 95 5.74 -15.81 -4.94
CA ILE A 95 6.41 -17.09 -4.61
C ILE A 95 7.08 -17.72 -5.85
N ASP A 96 6.26 -18.07 -6.87
CA ASP A 96 6.73 -18.76 -8.09
C ASP A 96 6.12 -18.10 -9.35
N GLN A 97 6.71 -18.37 -10.54
CA GLN A 97 6.26 -17.80 -11.84
C GLN A 97 4.79 -18.14 -12.16
N ALA A 98 4.32 -19.33 -11.74
CA ALA A 98 2.90 -19.75 -11.92
C ALA A 98 1.94 -18.86 -11.08
N GLU A 99 2.40 -18.42 -9.89
CA GLU A 99 1.64 -17.48 -9.02
C GLU A 99 1.61 -16.04 -9.62
N ILE A 100 2.74 -15.64 -10.26
CA ILE A 100 2.81 -14.38 -11.02
C ILE A 100 1.81 -14.41 -12.20
N ARG A 101 1.74 -15.55 -12.90
CA ARG A 101 0.79 -15.77 -14.01
C ARG A 101 -0.68 -15.81 -13.52
N LYS A 102 -0.88 -16.25 -12.26
CA LYS A 102 -2.21 -16.20 -11.60
C LYS A 102 -2.69 -14.73 -11.43
N TYR A 103 -1.83 -13.86 -10.82
CA TYR A 103 -2.13 -12.42 -10.66
C TYR A 103 -2.31 -11.71 -12.02
N ASN A 104 -1.49 -12.12 -13.00
CA ASN A 104 -1.53 -11.63 -14.39
C ASN A 104 -2.87 -11.99 -15.06
N GLN A 105 -3.36 -13.20 -14.78
CA GLN A 105 -4.65 -13.71 -15.30
C GLN A 105 -5.85 -12.93 -14.69
N ILE A 106 -5.80 -12.69 -13.37
CA ILE A 106 -6.84 -11.92 -12.63
C ILE A 106 -6.93 -10.45 -13.13
N LEU A 107 -5.75 -9.84 -13.35
CA LEU A 107 -5.65 -8.47 -13.91
C LEU A 107 -6.18 -8.43 -15.38
N ALA A 108 -5.85 -9.47 -16.16
CA ALA A 108 -6.26 -9.56 -17.59
C ALA A 108 -7.80 -9.74 -17.73
N THR A 109 -8.39 -10.54 -16.82
CA THR A 109 -9.84 -10.84 -16.81
C THR A 109 -10.65 -9.71 -16.13
N GLN A 110 -10.50 -9.58 -14.80
CA GLN A 110 -11.32 -8.69 -13.95
C GLN A 110 -10.80 -7.24 -13.96
N GLY A 111 -9.46 -7.07 -14.02
CA GLY A 111 -8.83 -5.74 -14.08
C GLY A 111 -7.89 -5.47 -12.92
N ILE A 112 -7.42 -4.20 -12.84
CA ILE A 112 -6.41 -3.76 -11.86
C ILE A 112 -6.98 -3.75 -10.40
N ARG A 113 -8.25 -3.34 -10.23
CA ARG A 113 -8.89 -3.19 -8.90
C ARG A 113 -8.98 -4.53 -8.15
N ALA A 114 -9.36 -5.59 -8.90
CA ALA A 114 -9.47 -6.97 -8.36
C ALA A 114 -8.07 -7.57 -8.12
N PHE A 115 -7.11 -7.17 -8.97
CA PHE A 115 -5.68 -7.53 -8.83
C PHE A 115 -5.06 -6.99 -7.51
N ILE A 116 -5.23 -5.67 -7.26
CA ILE A 116 -4.70 -4.99 -6.04
C ILE A 116 -5.21 -5.68 -4.77
N ASN A 117 -6.54 -5.86 -4.71
CA ASN A 117 -7.21 -6.65 -3.66
C ASN A 117 -6.58 -8.07 -3.50
N ALA A 118 -6.42 -8.79 -4.64
CA ALA A 118 -5.87 -10.17 -4.68
C ALA A 118 -4.45 -10.28 -4.04
N LEU A 119 -3.63 -9.21 -4.19
CA LEU A 119 -2.32 -9.11 -3.49
C LEU A 119 -2.52 -9.00 -1.96
N VAL A 120 -3.35 -8.02 -1.56
CA VAL A 120 -3.53 -7.62 -0.14
C VAL A 120 -4.27 -8.73 0.69
N ASN A 121 -4.97 -9.67 0.02
CA ASN A 121 -5.62 -10.84 0.68
C ASN A 121 -4.62 -12.00 0.99
N SER A 122 -3.30 -11.72 0.90
CA SER A 122 -2.24 -12.67 1.32
C SER A 122 -2.09 -12.69 2.85
N GLN A 123 -1.95 -13.90 3.43
CA GLN A 123 -1.83 -14.07 4.90
C GLN A 123 -0.49 -13.53 5.44
N GLU A 124 0.62 -13.74 4.71
CA GLU A 124 1.98 -13.30 5.14
C GLU A 124 2.02 -11.78 5.47
N TYR A 125 1.17 -10.97 4.77
CA TYR A 125 0.99 -9.54 5.08
C TYR A 125 0.49 -9.36 6.54
N ASN A 126 -0.64 -10.00 6.88
CA ASN A 126 -1.30 -9.78 8.19
C ASN A 126 -0.53 -10.47 9.34
N GLU A 127 0.32 -11.47 9.02
CA GLU A 127 1.23 -12.08 9.99
C GLU A 127 2.32 -11.08 10.44
N VAL A 128 3.10 -10.60 9.46
CA VAL A 128 4.27 -9.73 9.71
C VAL A 128 3.84 -8.30 10.14
N PHE A 129 3.09 -7.61 9.26
CA PHE A 129 2.66 -6.21 9.48
C PHE A 129 1.39 -6.16 10.33
N GLY A 130 0.29 -6.74 9.78
CA GLY A 130 -1.03 -6.67 10.40
C GLY A 130 -1.94 -5.64 9.73
N GLU A 131 -3.23 -5.62 10.15
CA GLU A 131 -4.23 -4.69 9.57
C GLU A 131 -4.09 -3.26 10.16
N ASP A 132 -3.68 -3.17 11.44
CA ASP A 132 -3.57 -1.89 12.17
C ASP A 132 -2.21 -1.17 11.92
N THR A 133 -1.29 -1.86 11.23
CA THR A 133 0.09 -1.37 11.01
C THR A 133 0.34 -1.06 9.52
N VAL A 134 1.14 0.01 9.28
CA VAL A 134 1.67 0.34 7.94
C VAL A 134 2.79 -0.67 7.56
N PRO A 135 2.73 -1.28 6.32
CA PRO A 135 3.78 -2.22 5.81
C PRO A 135 5.26 -1.74 5.97
N TYR A 136 5.83 -2.02 7.16
CA TYR A 136 7.25 -1.80 7.44
C TYR A 136 8.08 -2.97 6.82
N ARG A 137 8.40 -2.81 5.53
CA ARG A 137 9.16 -3.83 4.76
C ARG A 137 10.51 -4.15 5.45
N ARG A 138 10.57 -5.33 6.11
CA ARG A 138 11.66 -5.71 7.01
C ARG A 138 12.97 -5.98 6.23
N PHE A 139 13.69 -4.88 5.94
CA PHE A 139 14.93 -4.88 5.16
C PHE A 139 15.93 -3.85 5.75
N PRO A 140 17.07 -4.30 6.36
CA PRO A 140 18.12 -3.39 6.91
C PRO A 140 19.03 -2.74 5.81
N THR A 141 18.59 -2.79 4.54
CA THR A 141 19.41 -2.38 3.38
C THR A 141 18.68 -1.37 2.45
N LEU A 142 17.33 -1.36 2.47
CA LEU A 142 16.50 -0.53 1.54
C LEU A 142 16.08 0.83 2.15
N GLU A 143 16.82 1.32 3.15
CA GLU A 143 16.50 2.60 3.86
C GLU A 143 16.74 3.85 2.96
N HIS A 144 17.74 3.75 2.05
CA HIS A 144 18.02 4.81 1.05
C HIS A 144 17.11 4.65 -0.21
N HIS A 145 16.49 3.45 -0.37
CA HIS A 145 15.51 3.15 -1.44
C HIS A 145 16.16 3.07 -2.86
N HIS A 146 17.53 3.12 -2.91
CA HIS A 146 18.34 3.20 -4.16
C HIS A 146 18.07 4.52 -4.93
N HIS A 147 16.89 4.61 -5.57
CA HIS A 147 16.44 5.80 -6.31
C HIS A 147 15.96 6.90 -5.33
N HIS A 148 16.03 8.17 -5.77
CA HIS A 148 15.71 9.35 -4.94
C HIS A 148 14.21 9.35 -4.52
N HIS A 149 13.34 8.76 -5.38
CA HIS A 149 11.92 8.52 -5.07
C HIS A 149 11.50 7.10 -5.52
N MET A 1 11.79 3.09 13.20
CA MET A 1 10.37 2.72 12.98
C MET A 1 9.89 3.05 11.53
N LYS A 2 9.56 1.99 10.74
CA LYS A 2 8.94 2.13 9.38
C LYS A 2 7.52 1.52 9.37
N VAL A 3 6.96 1.28 10.56
CA VAL A 3 5.67 0.61 10.76
C VAL A 3 4.80 1.46 11.73
N PHE A 4 3.81 2.18 11.16
CA PHE A 4 3.03 3.23 11.87
C PHE A 4 1.58 2.77 12.20
N LYS A 5 1.31 2.45 13.48
CA LYS A 5 -0.04 2.08 13.96
C LYS A 5 -0.79 3.31 14.54
N ARG A 6 -1.84 3.78 13.84
CA ARG A 6 -2.75 4.79 14.41
C ARG A 6 -3.47 4.24 15.68
N VAL A 7 -3.45 5.03 16.74
CA VAL A 7 -4.20 4.72 17.96
C VAL A 7 -5.53 5.52 17.96
N ALA A 8 -6.65 4.83 18.24
CA ALA A 8 -7.98 5.44 18.44
C ALA A 8 -7.96 6.73 19.34
N GLY A 9 -7.09 6.72 20.37
CA GLY A 9 -6.90 7.87 21.27
C GLY A 9 -6.19 9.09 20.65
N ILE A 10 -5.37 8.89 19.58
CA ILE A 10 -4.65 10.00 18.91
C ILE A 10 -5.63 10.89 18.10
N LYS A 11 -6.19 11.91 18.76
CA LYS A 11 -7.04 12.95 18.11
C LYS A 11 -6.29 13.88 17.11
N ASP A 12 -5.02 13.61 16.80
CA ASP A 12 -4.20 14.44 15.89
C ASP A 12 -4.45 14.07 14.42
N LYS A 13 -5.31 14.85 13.74
CA LYS A 13 -5.50 14.78 12.26
C LYS A 13 -4.18 15.08 11.51
N ALA A 14 -3.28 15.83 12.19
CA ALA A 14 -1.93 16.14 11.69
C ALA A 14 -1.05 14.86 11.62
N ALA A 15 -1.06 14.09 12.73
CA ALA A 15 -0.35 12.79 12.82
C ALA A 15 -1.00 11.69 11.93
N ILE A 16 -2.33 11.78 11.74
CA ILE A 16 -3.07 10.91 10.79
C ILE A 16 -2.53 11.13 9.35
N LYS A 17 -2.42 12.41 8.93
CA LYS A 17 -1.84 12.78 7.60
C LYS A 17 -0.37 12.34 7.47
N THR A 18 0.40 12.40 8.57
CA THR A 18 1.82 11.96 8.59
C THR A 18 1.94 10.43 8.35
N LEU A 19 1.03 9.67 8.99
CA LEU A 19 0.91 8.20 8.84
C LEU A 19 0.52 7.82 7.38
N ILE A 20 -0.47 8.55 6.85
CA ILE A 20 -0.97 8.42 5.46
C ILE A 20 0.13 8.75 4.42
N SER A 21 0.89 9.83 4.70
CA SER A 21 2.03 10.25 3.86
C SER A 21 3.14 9.18 3.88
N ALA A 22 3.44 8.66 5.09
CA ALA A 22 4.46 7.60 5.30
C ALA A 22 4.19 6.34 4.45
N ALA A 23 2.90 5.95 4.33
CA ALA A 23 2.46 4.85 3.45
C ALA A 23 2.88 5.07 1.97
N TYR A 24 2.71 6.30 1.46
CA TYR A 24 3.02 6.66 0.05
C TYR A 24 4.53 6.45 -0.30
N ARG A 25 5.39 6.58 0.71
CA ARG A 25 6.86 6.38 0.57
C ARG A 25 7.22 4.90 0.23
N GLN A 26 6.25 3.96 0.37
CA GLN A 26 6.40 2.57 -0.13
C GLN A 26 5.32 2.23 -1.19
N ILE A 27 4.02 2.45 -0.88
CA ILE A 27 2.88 2.12 -1.79
C ILE A 27 3.01 2.79 -3.18
N PHE A 28 3.50 4.03 -3.19
CA PHE A 28 3.79 4.79 -4.44
C PHE A 28 5.32 5.04 -4.60
N GLU A 29 6.12 4.52 -3.64
CA GLU A 29 7.58 4.83 -3.44
C GLU A 29 8.01 6.30 -3.72
N ARG A 30 7.13 7.25 -3.39
CA ARG A 30 7.40 8.70 -3.56
C ARG A 30 6.96 9.51 -2.33
N ASP A 31 7.59 10.67 -2.16
CA ASP A 31 7.21 11.65 -1.14
C ASP A 31 6.06 12.53 -1.68
N ILE A 32 4.80 12.16 -1.32
CA ILE A 32 3.62 12.96 -1.65
C ILE A 32 3.46 14.07 -0.59
N ALA A 33 3.20 15.30 -1.08
CA ALA A 33 2.92 16.46 -0.24
C ALA A 33 1.66 16.23 0.62
N PRO A 34 1.73 16.40 1.97
CA PRO A 34 0.58 16.11 2.89
C PRO A 34 -0.66 17.00 2.61
N TYR A 35 -0.41 18.19 2.02
CA TYR A 35 -1.48 19.14 1.62
C TYR A 35 -2.16 18.74 0.29
N ILE A 36 -1.42 18.02 -0.59
CA ILE A 36 -2.01 17.42 -1.83
C ILE A 36 -2.75 16.10 -1.49
N ALA A 37 -2.16 15.32 -0.56
CA ALA A 37 -2.70 14.03 -0.10
C ALA A 37 -4.12 14.18 0.48
N GLN A 38 -4.32 15.25 1.28
CA GLN A 38 -5.61 15.54 1.94
C GLN A 38 -6.68 16.04 0.95
N ASN A 39 -6.26 16.56 -0.22
CA ASN A 39 -7.19 17.02 -1.28
C ASN A 39 -7.79 15.82 -2.03
N GLU A 40 -6.95 14.83 -2.31
CA GLU A 40 -7.34 13.62 -3.06
C GLU A 40 -8.15 12.64 -2.17
N PHE A 41 -7.72 12.49 -0.91
CA PHE A 41 -8.26 11.47 0.02
C PHE A 41 -8.99 12.06 1.26
N SER A 42 -9.56 13.30 1.16
CA SER A 42 -10.19 14.02 2.32
C SER A 42 -11.19 13.17 3.16
N GLY A 43 -12.14 12.52 2.46
CA GLY A 43 -13.13 11.64 3.11
C GLY A 43 -12.54 10.30 3.56
N TRP A 44 -11.59 9.79 2.76
CA TRP A 44 -10.86 8.53 3.03
C TRP A 44 -10.01 8.62 4.34
N GLU A 45 -9.52 9.85 4.64
CA GLU A 45 -8.83 10.18 5.91
C GLU A 45 -9.84 10.18 7.08
N SER A 46 -11.03 10.76 6.84
CA SER A 46 -12.13 10.83 7.84
C SER A 46 -12.59 9.42 8.25
N LYS A 47 -12.66 8.49 7.26
CA LYS A 47 -12.98 7.07 7.52
C LYS A 47 -11.92 6.43 8.48
N LEU A 48 -10.65 6.83 8.29
CA LEU A 48 -9.51 6.30 9.09
C LEU A 48 -9.51 6.88 10.54
N GLY A 49 -9.65 8.21 10.66
CA GLY A 49 -9.58 8.92 11.96
C GLY A 49 -10.80 8.68 12.88
N ASN A 50 -11.96 8.37 12.26
CA ASN A 50 -13.20 7.98 12.99
C ASN A 50 -13.19 6.46 13.30
N GLY A 51 -12.34 5.75 12.54
CA GLY A 51 -12.10 4.31 12.74
C GLY A 51 -13.14 3.44 12.04
N GLU A 52 -13.76 3.99 11.00
CA GLU A 52 -14.70 3.26 10.12
C GLU A 52 -13.96 2.16 9.33
N ILE A 53 -12.74 2.50 8.87
CA ILE A 53 -11.84 1.57 8.16
C ILE A 53 -10.55 1.34 8.99
N THR A 54 -10.00 0.11 8.96
CA THR A 54 -8.61 -0.16 9.41
C THR A 54 -7.58 0.40 8.40
N VAL A 55 -6.32 0.54 8.83
CA VAL A 55 -5.23 1.08 7.97
C VAL A 55 -4.95 0.13 6.78
N LYS A 56 -5.07 -1.19 7.00
CA LYS A 56 -5.03 -2.22 5.92
C LYS A 56 -5.97 -1.90 4.74
N GLU A 57 -7.25 -1.62 5.06
CA GLU A 57 -8.29 -1.29 4.06
C GLU A 57 -8.02 0.11 3.44
N PHE A 58 -7.42 1.01 4.23
CA PHE A 58 -6.91 2.32 3.74
C PHE A 58 -5.86 2.11 2.60
N ILE A 59 -4.90 1.18 2.83
CA ILE A 59 -3.84 0.82 1.87
C ILE A 59 -4.45 0.25 0.55
N GLU A 60 -5.50 -0.56 0.70
CA GLU A 60 -6.29 -1.06 -0.43
C GLU A 60 -6.83 0.10 -1.31
N GLY A 61 -7.47 1.10 -0.68
CA GLY A 61 -7.92 2.33 -1.37
C GLY A 61 -6.82 3.10 -2.12
N LEU A 62 -5.57 2.99 -1.62
CA LEU A 62 -4.39 3.60 -2.29
C LEU A 62 -4.03 2.82 -3.58
N GLY A 63 -4.17 1.49 -3.55
CA GLY A 63 -4.07 0.64 -4.75
C GLY A 63 -5.23 0.87 -5.76
N TYR A 64 -6.39 1.34 -5.24
CA TYR A 64 -7.56 1.72 -6.07
C TYR A 64 -7.43 3.18 -6.62
N SER A 65 -6.35 3.90 -6.24
CA SER A 65 -6.11 5.30 -6.69
C SER A 65 -5.48 5.35 -8.10
N ASN A 66 -6.09 6.18 -8.99
CA ASN A 66 -5.63 6.40 -10.38
C ASN A 66 -4.17 6.95 -10.43
N LEU A 67 -3.66 7.49 -9.30
CA LEU A 67 -2.26 7.97 -9.20
C LEU A 67 -1.25 6.82 -9.45
N TYR A 68 -1.32 5.72 -8.68
CA TYR A 68 -0.48 4.50 -8.93
C TYR A 68 -0.72 3.89 -10.33
N LEU A 69 -1.99 3.92 -10.81
CA LEU A 69 -2.37 3.37 -12.12
C LEU A 69 -1.65 4.10 -13.30
N LYS A 70 -1.69 5.43 -13.32
CA LYS A 70 -0.96 6.21 -14.35
C LYS A 70 0.60 6.09 -14.22
N GLU A 71 1.14 5.92 -12.98
CA GLU A 71 2.61 5.86 -12.77
C GLU A 71 3.22 4.43 -12.93
N PHE A 72 2.79 3.46 -12.08
CA PHE A 72 3.32 2.06 -12.16
C PHE A 72 2.25 1.04 -12.64
N TYR A 73 1.74 1.26 -13.87
CA TYR A 73 0.78 0.34 -14.52
C TYR A 73 0.67 0.66 -16.03
N THR A 74 0.27 1.91 -16.34
CA THR A 74 0.04 2.38 -17.73
C THR A 74 1.34 2.35 -18.61
N PRO A 75 2.51 2.93 -18.16
CA PRO A 75 3.78 2.85 -18.94
C PRO A 75 4.60 1.56 -18.64
N TYR A 76 3.98 0.56 -17.97
CA TYR A 76 4.64 -0.72 -17.59
C TYR A 76 3.85 -1.94 -18.14
N PRO A 77 4.55 -3.09 -18.46
CA PRO A 77 3.87 -4.35 -18.87
C PRO A 77 3.15 -5.05 -17.68
N ASN A 78 2.27 -6.02 -18.00
CA ASN A 78 1.36 -6.66 -17.01
C ASN A 78 2.13 -7.41 -15.91
N THR A 79 3.28 -8.04 -16.26
CA THR A 79 4.15 -8.76 -15.29
C THR A 79 4.88 -7.81 -14.32
N LYS A 80 5.32 -6.63 -14.82
CA LYS A 80 5.99 -5.61 -13.97
C LYS A 80 5.01 -4.97 -12.96
N VAL A 81 3.75 -4.82 -13.39
CA VAL A 81 2.62 -4.39 -12.51
C VAL A 81 2.48 -5.34 -11.30
N ILE A 82 2.77 -6.63 -11.53
CA ILE A 82 2.74 -7.68 -10.49
C ILE A 82 3.94 -7.57 -9.53
N GLU A 83 5.18 -7.44 -10.07
CA GLU A 83 6.39 -7.38 -9.24
C GLU A 83 6.44 -6.10 -8.36
N LEU A 84 6.38 -4.91 -9.00
CA LEU A 84 6.25 -3.61 -8.29
C LEU A 84 4.92 -3.54 -7.48
N GLY A 85 3.95 -4.34 -7.94
CA GLY A 85 2.66 -4.50 -7.26
C GLY A 85 2.82 -5.13 -5.88
N THR A 86 3.70 -6.15 -5.78
CA THR A 86 4.00 -6.84 -4.51
C THR A 86 4.98 -6.02 -3.61
N LYS A 87 6.05 -5.46 -4.21
CA LYS A 87 7.11 -4.72 -3.47
C LYS A 87 6.59 -3.47 -2.74
N HIS A 88 5.84 -2.64 -3.47
CA HIS A 88 5.17 -1.43 -2.92
C HIS A 88 4.14 -1.78 -1.82
N PHE A 89 3.51 -2.95 -1.93
CA PHE A 89 2.32 -3.33 -1.14
C PHE A 89 2.68 -4.22 0.09
N LEU A 90 3.16 -5.45 -0.19
CA LEU A 90 3.45 -6.48 0.85
C LEU A 90 4.80 -6.24 1.60
N GLY A 91 5.58 -5.23 1.16
CA GLY A 91 6.89 -4.93 1.76
C GLY A 91 7.93 -6.01 1.48
N ARG A 92 7.82 -6.63 0.29
CA ARG A 92 8.65 -7.78 -0.14
C ARG A 92 8.64 -7.95 -1.66
N ALA A 93 9.68 -8.61 -2.21
CA ALA A 93 9.69 -9.05 -3.63
C ALA A 93 8.67 -10.22 -3.83
N PRO A 94 8.09 -10.42 -5.07
CA PRO A 94 7.18 -11.57 -5.35
C PRO A 94 7.83 -12.95 -5.08
N ILE A 95 6.99 -14.00 -5.05
CA ILE A 95 7.40 -15.35 -4.59
C ILE A 95 8.16 -16.10 -5.72
N ASP A 96 7.53 -16.18 -6.90
CA ASP A 96 7.98 -17.03 -8.02
C ASP A 96 7.17 -16.67 -9.29
N GLN A 97 7.65 -17.12 -10.47
CA GLN A 97 6.97 -16.87 -11.75
C GLN A 97 5.55 -17.51 -11.79
N ALA A 98 5.37 -18.64 -11.07
CA ALA A 98 4.06 -19.30 -10.92
C ALA A 98 3.03 -18.40 -10.19
N GLU A 99 3.47 -17.79 -9.09
CA GLU A 99 2.65 -16.81 -8.32
C GLU A 99 2.30 -15.57 -9.18
N ILE A 100 3.28 -15.13 -9.99
CA ILE A 100 3.09 -14.04 -10.98
C ILE A 100 2.00 -14.41 -12.02
N ARG A 101 2.00 -15.68 -12.52
CA ARG A 101 0.97 -16.17 -13.47
C ARG A 101 -0.46 -16.05 -12.93
N LYS A 102 -0.65 -16.29 -11.61
CA LYS A 102 -1.97 -16.14 -10.96
C LYS A 102 -2.46 -14.69 -11.06
N TYR A 103 -1.61 -13.75 -10.60
CA TYR A 103 -1.91 -12.32 -10.63
C TYR A 103 -2.10 -11.78 -12.07
N ASN A 104 -1.31 -12.31 -13.04
CA ASN A 104 -1.45 -11.96 -14.47
C ASN A 104 -2.80 -12.44 -15.05
N GLN A 105 -3.23 -13.63 -14.61
CA GLN A 105 -4.53 -14.20 -14.99
C GLN A 105 -5.68 -13.31 -14.49
N ILE A 106 -5.52 -12.75 -13.28
CA ILE A 106 -6.49 -11.80 -12.68
C ILE A 106 -6.57 -10.48 -13.50
N LEU A 107 -5.39 -9.90 -13.84
CA LEU A 107 -5.31 -8.68 -14.71
C LEU A 107 -6.01 -8.88 -16.07
N ALA A 108 -5.91 -10.10 -16.62
CA ALA A 108 -6.54 -10.47 -17.92
C ALA A 108 -8.07 -10.63 -17.79
N THR A 109 -8.49 -11.41 -16.76
CA THR A 109 -9.91 -11.74 -16.51
C THR A 109 -10.69 -10.56 -15.87
N GLN A 110 -10.42 -10.26 -14.59
CA GLN A 110 -11.21 -9.29 -13.79
C GLN A 110 -10.63 -7.86 -13.89
N GLY A 111 -9.33 -7.71 -13.61
CA GLY A 111 -8.62 -6.42 -13.73
C GLY A 111 -7.73 -6.08 -12.53
N ILE A 112 -7.45 -4.76 -12.38
CA ILE A 112 -6.48 -4.24 -11.38
C ILE A 112 -7.08 -4.23 -9.94
N ARG A 113 -8.38 -3.90 -9.80
CA ARG A 113 -9.03 -3.79 -8.46
C ARG A 113 -9.11 -5.17 -7.76
N ALA A 114 -9.23 -6.22 -8.58
CA ALA A 114 -9.26 -7.62 -8.13
C ALA A 114 -7.83 -8.10 -7.76
N PHE A 115 -6.82 -7.56 -8.47
CA PHE A 115 -5.38 -7.79 -8.17
C PHE A 115 -4.99 -7.16 -6.81
N ILE A 116 -5.41 -5.90 -6.58
CA ILE A 116 -5.11 -5.15 -5.34
C ILE A 116 -5.77 -5.85 -4.14
N ASN A 117 -7.10 -6.06 -4.20
CA ASN A 117 -7.85 -6.85 -3.19
C ASN A 117 -7.22 -8.25 -2.94
N ALA A 118 -6.71 -8.91 -4.02
CA ALA A 118 -5.99 -10.20 -3.90
C ALA A 118 -4.72 -10.07 -3.04
N LEU A 119 -3.98 -8.94 -3.19
CA LEU A 119 -2.79 -8.64 -2.36
C LEU A 119 -3.15 -8.34 -0.90
N VAL A 120 -4.26 -7.61 -0.68
CA VAL A 120 -4.74 -7.24 0.68
C VAL A 120 -5.20 -8.50 1.46
N ASN A 121 -5.92 -9.38 0.75
CA ASN A 121 -6.49 -10.62 1.31
C ASN A 121 -5.48 -11.80 1.25
N SER A 122 -4.34 -11.60 0.54
CA SER A 122 -3.24 -12.60 0.47
C SER A 122 -2.70 -12.95 1.86
N GLN A 123 -2.28 -14.22 2.04
CA GLN A 123 -1.84 -14.74 3.36
C GLN A 123 -0.50 -14.09 3.78
N GLU A 124 0.38 -13.88 2.78
CA GLU A 124 1.73 -13.28 2.96
C GLU A 124 1.64 -11.84 3.51
N TYR A 125 0.65 -11.09 3.02
CA TYR A 125 0.34 -9.73 3.51
C TYR A 125 -0.41 -9.76 4.86
N ASN A 126 -1.37 -10.69 4.96
CA ASN A 126 -2.41 -10.67 6.02
C ASN A 126 -1.83 -10.93 7.44
N GLU A 127 -1.04 -12.02 7.60
CA GLU A 127 -0.56 -12.48 8.93
C GLU A 127 0.80 -11.88 9.31
N VAL A 128 1.60 -11.50 8.30
CA VAL A 128 2.94 -10.91 8.51
C VAL A 128 2.82 -9.41 8.88
N PHE A 129 2.05 -8.66 8.07
CA PHE A 129 1.84 -7.20 8.26
C PHE A 129 0.74 -6.91 9.34
N GLY A 130 -0.40 -7.62 9.28
CA GLY A 130 -1.54 -7.38 10.21
C GLY A 130 -2.62 -6.48 9.60
N GLU A 131 -3.26 -5.60 10.41
CA GLU A 131 -4.34 -4.67 9.95
C GLU A 131 -4.04 -3.19 10.31
N ASP A 132 -3.87 -2.93 11.61
CA ASP A 132 -3.94 -1.56 12.22
C ASP A 132 -2.73 -0.63 11.95
N THR A 133 -1.84 -0.99 11.03
CA THR A 133 -0.56 -0.26 10.83
C THR A 133 -0.24 0.00 9.33
N VAL A 134 0.84 0.76 9.08
CA VAL A 134 1.42 0.96 7.73
C VAL A 134 2.40 -0.22 7.38
N PRO A 135 2.35 -0.79 6.12
CA PRO A 135 3.30 -1.84 5.66
C PRO A 135 4.78 -1.36 5.73
N TYR A 136 5.63 -2.23 6.27
CA TYR A 136 7.03 -1.90 6.61
C TYR A 136 8.04 -2.59 5.67
N ARG A 137 9.19 -1.92 5.47
CA ARG A 137 10.26 -2.36 4.56
C ARG A 137 11.16 -3.39 5.27
N ARG A 138 10.93 -4.69 5.00
CA ARG A 138 11.63 -5.81 5.69
C ARG A 138 13.03 -6.08 5.06
N PHE A 139 13.94 -5.09 5.15
CA PHE A 139 15.26 -5.14 4.47
C PHE A 139 16.39 -4.59 5.39
N PRO A 140 17.62 -5.24 5.41
CA PRO A 140 18.75 -4.82 6.29
C PRO A 140 19.24 -3.38 5.94
N THR A 141 19.47 -3.10 4.64
CA THR A 141 19.81 -1.74 4.16
C THR A 141 18.52 -0.96 3.85
N LEU A 142 18.45 0.27 4.38
CA LEU A 142 17.26 1.15 4.25
C LEU A 142 17.70 2.56 3.78
N GLU A 143 16.85 3.20 2.96
CA GLU A 143 17.08 4.58 2.48
C GLU A 143 16.94 5.61 3.63
N HIS A 144 18.05 5.87 4.34
CA HIS A 144 18.09 6.85 5.45
C HIS A 144 18.31 8.27 4.87
N HIS A 145 17.22 8.84 4.34
CA HIS A 145 17.20 10.21 3.78
C HIS A 145 16.44 11.18 4.72
N HIS A 146 16.34 12.45 4.28
CA HIS A 146 15.61 13.50 5.01
C HIS A 146 14.07 13.35 4.85
N HIS A 147 13.33 14.16 5.61
CA HIS A 147 11.85 14.10 5.69
C HIS A 147 11.24 15.48 6.00
N HIS A 148 10.93 16.24 4.93
CA HIS A 148 10.31 17.57 5.04
C HIS A 148 8.81 17.41 5.45
N HIS A 149 8.42 18.12 6.54
CA HIS A 149 7.04 18.08 7.09
C HIS A 149 6.00 18.66 6.09
N MET A 1 13.44 -0.01 15.83
CA MET A 1 13.43 1.47 16.02
C MET A 1 12.00 1.96 16.36
N LYS A 2 11.08 1.89 15.37
CA LYS A 2 9.64 2.20 15.57
C LYS A 2 8.77 1.51 14.48
N VAL A 3 7.60 1.00 14.88
CA VAL A 3 6.64 0.39 13.93
C VAL A 3 5.42 1.32 13.74
N PHE A 4 5.18 1.74 12.50
CA PHE A 4 3.98 2.52 12.13
C PHE A 4 2.74 1.60 12.18
N LYS A 5 2.08 1.59 13.34
CA LYS A 5 0.83 0.85 13.58
C LYS A 5 -0.24 1.82 14.14
N ARG A 6 -1.53 1.54 13.88
CA ARG A 6 -2.61 2.46 14.29
C ARG A 6 -3.03 2.19 15.75
N VAL A 7 -2.93 3.22 16.59
CA VAL A 7 -3.35 3.13 18.00
C VAL A 7 -4.88 3.36 18.11
N ALA A 8 -5.60 2.39 18.68
CA ALA A 8 -7.08 2.43 18.81
C ALA A 8 -7.54 3.57 19.77
N GLY A 9 -7.87 4.73 19.17
CA GLY A 9 -8.44 5.87 19.92
C GLY A 9 -7.52 7.09 20.04
N ILE A 10 -6.40 7.12 19.27
CA ILE A 10 -5.45 8.24 19.26
C ILE A 10 -6.06 9.47 18.48
N LYS A 11 -6.63 10.46 19.21
CA LYS A 11 -7.18 11.71 18.60
C LYS A 11 -6.10 12.57 17.91
N ASP A 12 -4.87 12.54 18.47
CA ASP A 12 -3.67 13.13 17.83
C ASP A 12 -3.60 12.81 16.32
N LYS A 13 -4.07 13.79 15.51
CA LYS A 13 -4.07 13.71 14.04
C LYS A 13 -2.64 13.84 13.46
N ALA A 14 -1.67 14.19 14.34
CA ALA A 14 -0.24 14.13 14.02
C ALA A 14 0.19 12.66 13.78
N ALA A 15 -0.32 11.75 14.64
CA ALA A 15 -0.08 10.29 14.52
C ALA A 15 -0.79 9.68 13.29
N ILE A 16 -2.05 10.12 13.06
CA ILE A 16 -2.84 9.68 11.88
C ILE A 16 -2.19 10.16 10.55
N LYS A 17 -1.75 11.42 10.51
CA LYS A 17 -1.19 12.06 9.28
C LYS A 17 0.24 11.54 8.93
N THR A 18 1.07 11.27 9.97
CA THR A 18 2.40 10.61 9.76
C THR A 18 2.25 9.15 9.26
N LEU A 19 1.13 8.51 9.67
CA LEU A 19 0.73 7.17 9.19
C LEU A 19 0.33 7.24 7.69
N ILE A 20 -0.47 8.27 7.35
CA ILE A 20 -0.91 8.57 5.98
C ILE A 20 0.29 8.84 5.03
N SER A 21 1.26 9.65 5.51
CA SER A 21 2.48 10.00 4.75
C SER A 21 3.42 8.79 4.57
N ALA A 22 3.50 7.95 5.62
CA ALA A 22 4.25 6.66 5.59
C ALA A 22 3.67 5.70 4.53
N ALA A 23 2.34 5.75 4.38
CA ALA A 23 1.59 4.93 3.40
C ALA A 23 1.80 5.43 1.95
N TYR A 24 1.78 6.76 1.75
CA TYR A 24 1.92 7.38 0.41
C TYR A 24 3.35 7.22 -0.16
N ARG A 25 4.35 7.57 0.67
CA ARG A 25 5.78 7.43 0.33
C ARG A 25 6.24 5.96 0.12
N GLN A 26 5.43 4.97 0.56
CA GLN A 26 5.74 3.53 0.35
C GLN A 26 5.02 3.00 -0.92
N ILE A 27 3.67 3.04 -0.93
CA ILE A 27 2.84 2.48 -2.04
C ILE A 27 3.07 3.24 -3.38
N PHE A 28 3.15 4.56 -3.33
CA PHE A 28 3.41 5.40 -4.53
C PHE A 28 4.93 5.68 -4.72
N GLU A 29 5.74 5.36 -3.67
CA GLU A 29 7.21 5.58 -3.66
C GLU A 29 7.65 7.05 -3.87
N ARG A 30 6.83 8.01 -3.39
CA ARG A 30 7.11 9.45 -3.58
C ARG A 30 6.34 10.35 -2.57
N ASP A 31 6.78 11.61 -2.53
CA ASP A 31 6.17 12.68 -1.70
C ASP A 31 4.90 13.23 -2.39
N ILE A 32 3.72 12.78 -1.92
CA ILE A 32 2.43 13.42 -2.28
C ILE A 32 2.22 14.68 -1.41
N ALA A 33 2.12 15.84 -2.07
CA ALA A 33 1.92 17.14 -1.40
C ALA A 33 0.57 17.18 -0.63
N PRO A 34 0.55 17.64 0.67
CA PRO A 34 -0.68 17.61 1.54
C PRO A 34 -1.92 18.28 0.89
N TYR A 35 -1.69 19.40 0.16
CA TYR A 35 -2.77 20.14 -0.53
C TYR A 35 -3.34 19.37 -1.76
N ILE A 36 -2.53 18.50 -2.38
CA ILE A 36 -3.00 17.59 -3.47
C ILE A 36 -3.71 16.35 -2.86
N ALA A 37 -3.17 15.86 -1.73
CA ALA A 37 -3.69 14.68 -1.01
C ALA A 37 -5.11 14.91 -0.43
N GLN A 38 -5.41 16.16 -0.04
CA GLN A 38 -6.74 16.53 0.50
C GLN A 38 -7.79 16.66 -0.62
N ASN A 39 -7.35 16.78 -1.88
CA ASN A 39 -8.24 16.78 -3.07
C ASN A 39 -8.67 15.34 -3.46
N GLU A 40 -7.66 14.45 -3.51
CA GLU A 40 -7.84 13.04 -3.96
C GLU A 40 -8.47 12.16 -2.84
N PHE A 41 -7.95 12.30 -1.62
CA PHE A 41 -8.40 11.51 -0.43
C PHE A 41 -9.01 12.43 0.66
N SER A 42 -10.00 13.27 0.28
CA SER A 42 -10.63 14.25 1.21
C SER A 42 -11.46 13.55 2.32
N GLY A 43 -12.41 12.72 1.90
CA GLY A 43 -13.22 11.91 2.81
C GLY A 43 -12.44 10.75 3.42
N TRP A 44 -11.46 10.23 2.67
CA TRP A 44 -10.69 9.03 3.05
C TRP A 44 -9.80 9.28 4.28
N GLU A 45 -9.21 10.49 4.35
CA GLU A 45 -8.43 10.99 5.52
C GLU A 45 -9.30 10.96 6.81
N SER A 46 -10.52 11.53 6.68
CA SER A 46 -11.53 11.61 7.78
C SER A 46 -11.82 10.23 8.38
N LYS A 47 -12.11 9.25 7.51
CA LYS A 47 -12.52 7.89 7.91
C LYS A 47 -11.41 7.16 8.71
N LEU A 48 -10.13 7.41 8.38
CA LEU A 48 -8.98 6.83 9.11
C LEU A 48 -8.83 7.50 10.51
N GLY A 49 -8.98 8.84 10.55
CA GLY A 49 -8.90 9.61 11.80
C GLY A 49 -10.10 9.42 12.74
N ASN A 50 -11.24 8.93 12.20
CA ASN A 50 -12.47 8.68 12.99
C ASN A 50 -12.56 7.20 13.45
N GLY A 51 -11.71 6.32 12.89
CA GLY A 51 -11.77 4.88 13.21
C GLY A 51 -12.82 4.12 12.41
N GLU A 52 -13.30 4.73 11.31
CA GLU A 52 -14.28 4.12 10.39
C GLU A 52 -13.63 3.00 9.54
N ILE A 53 -12.33 3.15 9.21
CA ILE A 53 -11.57 2.16 8.41
C ILE A 53 -10.24 1.82 9.13
N THR A 54 -9.67 0.64 8.84
CA THR A 54 -8.33 0.25 9.35
C THR A 54 -7.22 0.78 8.42
N VAL A 55 -5.95 0.52 8.78
CA VAL A 55 -4.80 0.79 7.89
C VAL A 55 -4.88 -0.09 6.63
N LYS A 56 -5.31 -1.36 6.79
CA LYS A 56 -5.46 -2.31 5.67
C LYS A 56 -6.45 -1.78 4.59
N GLU A 57 -7.60 -1.25 5.03
CA GLU A 57 -8.62 -0.66 4.12
C GLU A 57 -8.10 0.65 3.47
N PHE A 58 -7.14 1.31 4.14
CA PHE A 58 -6.61 2.62 3.70
C PHE A 58 -5.64 2.38 2.53
N ILE A 59 -4.72 1.41 2.74
CA ILE A 59 -3.73 0.93 1.73
C ILE A 59 -4.44 0.35 0.47
N GLU A 60 -5.62 -0.27 0.69
CA GLU A 60 -6.46 -0.83 -0.40
C GLU A 60 -6.89 0.28 -1.40
N GLY A 61 -7.47 1.39 -0.88
CA GLY A 61 -7.79 2.57 -1.73
C GLY A 61 -6.59 3.20 -2.44
N LEU A 62 -5.39 3.10 -1.84
CA LEU A 62 -4.14 3.58 -2.47
C LEU A 62 -3.77 2.75 -3.72
N GLY A 63 -4.19 1.48 -3.72
CA GLY A 63 -4.03 0.59 -4.88
C GLY A 63 -5.08 0.83 -5.98
N TYR A 64 -6.29 1.24 -5.57
CA TYR A 64 -7.42 1.55 -6.49
C TYR A 64 -7.33 2.99 -7.07
N SER A 65 -6.35 3.80 -6.63
CA SER A 65 -6.24 5.23 -7.04
C SER A 65 -5.66 5.37 -8.47
N ASN A 66 -6.19 6.33 -9.24
CA ASN A 66 -5.70 6.63 -10.62
C ASN A 66 -4.19 7.00 -10.63
N LEU A 67 -3.71 7.60 -9.52
CA LEU A 67 -2.28 7.96 -9.35
C LEU A 67 -1.39 6.71 -9.36
N TYR A 68 -1.79 5.66 -8.60
CA TYR A 68 -1.06 4.37 -8.57
C TYR A 68 -1.06 3.69 -9.95
N LEU A 69 -2.19 3.84 -10.68
CA LEU A 69 -2.39 3.24 -12.02
C LEU A 69 -1.50 3.89 -13.09
N LYS A 70 -1.40 5.22 -13.11
CA LYS A 70 -0.61 5.95 -14.13
C LYS A 70 0.92 5.82 -13.87
N GLU A 71 1.32 5.68 -12.60
CA GLU A 71 2.74 5.46 -12.23
C GLU A 71 3.21 3.98 -12.36
N PHE A 72 2.50 3.03 -11.72
CA PHE A 72 2.95 1.60 -11.61
C PHE A 72 1.98 0.59 -12.28
N TYR A 73 1.47 0.95 -13.48
CA TYR A 73 0.60 0.04 -14.28
C TYR A 73 0.64 0.39 -15.78
N THR A 74 0.39 1.67 -16.08
CA THR A 74 0.29 2.18 -17.47
C THR A 74 1.67 2.18 -18.23
N PRO A 75 2.81 2.71 -17.64
CA PRO A 75 4.13 2.74 -18.35
C PRO A 75 4.92 1.40 -18.25
N TYR A 76 4.31 0.37 -17.64
CA TYR A 76 4.95 -0.96 -17.42
C TYR A 76 4.09 -2.11 -17.97
N PRO A 77 4.72 -3.26 -18.41
CA PRO A 77 3.96 -4.47 -18.82
C PRO A 77 3.29 -5.17 -17.62
N ASN A 78 2.44 -6.17 -17.92
CA ASN A 78 1.64 -6.90 -16.89
C ASN A 78 2.54 -7.53 -15.82
N THR A 79 3.60 -8.26 -16.26
CA THR A 79 4.58 -8.94 -15.38
C THR A 79 5.35 -7.99 -14.41
N LYS A 80 5.41 -6.67 -14.74
CA LYS A 80 6.24 -5.72 -13.94
C LYS A 80 5.36 -5.07 -12.86
N VAL A 81 4.07 -4.84 -13.21
CA VAL A 81 3.03 -4.39 -12.25
C VAL A 81 2.92 -5.38 -11.07
N ILE A 82 3.17 -6.66 -11.36
CA ILE A 82 3.09 -7.75 -10.40
C ILE A 82 4.21 -7.66 -9.33
N GLU A 83 5.50 -7.55 -9.73
CA GLU A 83 6.61 -7.42 -8.73
C GLU A 83 6.58 -6.06 -8.00
N LEU A 84 6.46 -4.93 -8.75
CA LEU A 84 6.33 -3.58 -8.18
C LEU A 84 5.05 -3.45 -7.31
N GLY A 85 4.00 -4.20 -7.67
CA GLY A 85 2.75 -4.22 -6.90
C GLY A 85 2.89 -4.93 -5.56
N THR A 86 3.54 -6.11 -5.57
CA THR A 86 3.70 -6.96 -4.38
C THR A 86 4.55 -6.27 -3.28
N LYS A 87 5.67 -5.61 -3.65
CA LYS A 87 6.53 -4.88 -2.67
C LYS A 87 5.79 -3.71 -1.95
N HIS A 88 4.77 -3.11 -2.61
CA HIS A 88 3.96 -2.03 -2.00
C HIS A 88 2.97 -2.55 -0.93
N PHE A 89 2.44 -3.77 -1.13
CA PHE A 89 1.47 -4.39 -0.19
C PHE A 89 2.12 -5.50 0.67
N LEU A 90 2.56 -6.59 0.01
CA LEU A 90 3.16 -7.76 0.69
C LEU A 90 4.63 -7.48 1.15
N GLY A 91 5.21 -6.38 0.67
CA GLY A 91 6.55 -5.94 1.09
C GLY A 91 7.70 -6.80 0.55
N ARG A 92 7.49 -7.48 -0.59
CA ARG A 92 8.51 -8.38 -1.19
C ARG A 92 8.25 -8.63 -2.70
N ALA A 93 9.07 -9.49 -3.31
CA ALA A 93 8.91 -9.93 -4.73
C ALA A 93 8.14 -11.29 -4.81
N PRO A 94 7.28 -11.53 -5.87
CA PRO A 94 6.51 -12.81 -6.01
C PRO A 94 7.39 -14.10 -5.98
N ILE A 95 6.78 -15.24 -5.59
CA ILE A 95 7.50 -16.50 -5.29
C ILE A 95 8.21 -17.10 -6.52
N ASP A 96 7.46 -17.28 -7.61
CA ASP A 96 7.93 -17.99 -8.81
C ASP A 96 7.25 -17.39 -10.08
N GLN A 97 7.69 -17.79 -11.27
CA GLN A 97 7.06 -17.38 -12.55
C GLN A 97 5.57 -17.84 -12.63
N ALA A 98 5.25 -18.95 -11.95
CA ALA A 98 3.87 -19.46 -11.81
C ALA A 98 2.99 -18.49 -10.98
N GLU A 99 3.57 -17.99 -9.86
CA GLU A 99 2.95 -16.94 -8.99
C GLU A 99 2.64 -15.65 -9.78
N ILE A 100 3.62 -15.23 -10.61
CA ILE A 100 3.50 -14.06 -11.50
C ILE A 100 2.36 -14.25 -12.54
N ARG A 101 2.39 -15.40 -13.23
CA ARG A 101 1.40 -15.75 -14.28
C ARG A 101 -0.02 -15.88 -13.71
N LYS A 102 -0.12 -16.31 -12.43
CA LYS A 102 -1.39 -16.35 -11.66
C LYS A 102 -1.99 -14.93 -11.52
N TYR A 103 -1.16 -13.96 -11.08
CA TYR A 103 -1.56 -12.53 -11.00
C TYR A 103 -1.88 -11.94 -12.39
N ASN A 104 -1.07 -12.30 -13.41
CA ASN A 104 -1.27 -11.83 -14.82
C ASN A 104 -2.63 -12.32 -15.37
N GLN A 105 -3.03 -13.54 -14.95
CA GLN A 105 -4.35 -14.12 -15.27
C GLN A 105 -5.49 -13.29 -14.63
N ILE A 106 -5.26 -12.75 -13.41
CA ILE A 106 -6.23 -11.90 -12.69
C ILE A 106 -6.41 -10.54 -13.42
N LEU A 107 -5.29 -9.94 -13.88
CA LEU A 107 -5.31 -8.68 -14.68
C LEU A 107 -6.02 -8.88 -16.04
N ALA A 108 -5.84 -10.07 -16.63
CA ALA A 108 -6.48 -10.45 -17.91
C ALA A 108 -8.01 -10.61 -17.77
N THR A 109 -8.42 -11.30 -16.69
CA THR A 109 -9.86 -11.56 -16.40
C THR A 109 -10.59 -10.33 -15.80
N GLN A 110 -10.26 -9.94 -14.55
CA GLN A 110 -10.97 -8.84 -13.83
C GLN A 110 -10.26 -7.48 -14.03
N GLY A 111 -8.92 -7.45 -13.85
CA GLY A 111 -8.13 -6.22 -13.94
C GLY A 111 -7.35 -5.88 -12.66
N ILE A 112 -6.98 -4.59 -12.54
CA ILE A 112 -6.16 -4.07 -11.41
C ILE A 112 -6.87 -4.21 -10.03
N ARG A 113 -8.20 -4.00 -9.99
CA ARG A 113 -8.99 -4.01 -8.73
C ARG A 113 -8.85 -5.37 -7.99
N ALA A 114 -8.90 -6.46 -8.77
CA ALA A 114 -8.86 -7.83 -8.22
C ALA A 114 -7.41 -8.23 -7.85
N PHE A 115 -6.43 -7.63 -8.55
CA PHE A 115 -4.99 -7.80 -8.27
C PHE A 115 -4.63 -7.19 -6.89
N ILE A 116 -5.07 -5.94 -6.66
CA ILE A 116 -4.86 -5.21 -5.39
C ILE A 116 -5.54 -5.96 -4.23
N ASN A 117 -6.86 -6.22 -4.38
CA ASN A 117 -7.65 -7.10 -3.49
C ASN A 117 -6.93 -8.44 -3.16
N ALA A 118 -6.30 -9.07 -4.17
CA ALA A 118 -5.53 -10.33 -3.98
C ALA A 118 -4.29 -10.12 -3.06
N LEU A 119 -3.61 -8.98 -3.22
CA LEU A 119 -2.45 -8.59 -2.38
C LEU A 119 -2.86 -8.27 -0.92
N VAL A 120 -3.98 -7.56 -0.73
CA VAL A 120 -4.43 -7.09 0.61
C VAL A 120 -5.07 -8.25 1.43
N ASN A 121 -5.97 -9.01 0.79
CA ASN A 121 -6.65 -10.17 1.45
C ASN A 121 -5.78 -11.46 1.44
N SER A 122 -4.54 -11.35 0.91
CA SER A 122 -3.52 -12.41 1.05
C SER A 122 -3.18 -12.61 2.54
N GLN A 123 -3.16 -13.90 2.99
CA GLN A 123 -2.92 -14.23 4.42
C GLN A 123 -1.55 -13.68 4.90
N GLU A 124 -0.54 -13.71 4.00
CA GLU A 124 0.81 -13.21 4.27
C GLU A 124 0.81 -11.72 4.71
N TYR A 125 0.03 -10.87 3.99
CA TYR A 125 -0.19 -9.46 4.38
C TYR A 125 -0.80 -9.41 5.79
N ASN A 126 -1.93 -10.11 5.97
CA ASN A 126 -2.73 -10.06 7.21
C ASN A 126 -1.94 -10.53 8.47
N GLU A 127 -0.94 -11.42 8.28
CA GLU A 127 -0.09 -11.93 9.39
C GLU A 127 1.13 -11.01 9.66
N VAL A 128 1.78 -10.48 8.59
CA VAL A 128 3.01 -9.64 8.72
C VAL A 128 2.62 -8.15 8.87
N PHE A 129 1.95 -7.60 7.86
CA PHE A 129 1.42 -6.21 7.87
C PHE A 129 -0.10 -6.25 8.14
N GLY A 130 -0.47 -6.62 9.38
CA GLY A 130 -1.88 -6.69 9.81
C GLY A 130 -2.66 -5.39 9.64
N GLU A 131 -3.96 -5.42 10.00
CA GLU A 131 -4.89 -4.30 9.74
C GLU A 131 -4.53 -3.00 10.50
N ASP A 132 -3.63 -3.10 11.49
CA ASP A 132 -3.09 -1.93 12.21
C ASP A 132 -1.72 -1.47 11.64
N THR A 133 -0.91 -2.41 11.13
CA THR A 133 0.48 -2.14 10.68
C THR A 133 0.54 -1.65 9.21
N VAL A 134 1.36 -0.60 8.95
CA VAL A 134 1.61 -0.03 7.61
C VAL A 134 2.79 -0.78 6.93
N PRO A 135 2.68 -1.15 5.60
CA PRO A 135 3.86 -1.60 4.80
C PRO A 135 5.04 -0.58 4.84
N TYR A 136 6.27 -1.10 5.00
CA TYR A 136 7.50 -0.27 5.01
C TYR A 136 8.68 -1.01 4.34
N ARG A 137 9.84 -0.34 4.27
CA ARG A 137 11.09 -0.93 3.74
C ARG A 137 11.64 -2.01 4.70
N ARG A 138 11.22 -3.27 4.49
CA ARG A 138 11.64 -4.43 5.30
C ARG A 138 12.88 -5.13 4.69
N PHE A 139 12.96 -5.17 3.35
CA PHE A 139 14.09 -5.80 2.62
C PHE A 139 15.03 -4.73 1.99
N PRO A 140 16.38 -4.99 1.96
CA PRO A 140 17.38 -4.06 1.35
C PRO A 140 17.33 -4.03 -0.21
N THR A 141 16.58 -4.95 -0.82
CA THR A 141 16.38 -4.99 -2.29
C THR A 141 15.35 -3.92 -2.77
N LEU A 142 14.37 -3.61 -1.90
CA LEU A 142 13.36 -2.55 -2.13
C LEU A 142 13.69 -1.31 -1.24
N GLU A 143 14.99 -1.00 -1.22
CA GLU A 143 15.64 0.00 -0.33
C GLU A 143 14.99 1.41 -0.31
N HIS A 144 14.39 1.84 -1.45
CA HIS A 144 13.65 3.12 -1.59
C HIS A 144 14.54 4.37 -1.17
N HIS A 145 15.87 4.28 -1.43
CA HIS A 145 16.81 5.39 -1.15
C HIS A 145 16.57 6.59 -2.09
N HIS A 146 16.15 6.30 -3.33
CA HIS A 146 15.75 7.32 -4.31
C HIS A 146 14.40 8.00 -3.91
N HIS A 147 14.37 9.35 -3.95
CA HIS A 147 13.18 10.16 -3.55
C HIS A 147 13.31 11.65 -3.98
N HIS A 148 14.21 11.94 -4.95
CA HIS A 148 14.51 13.32 -5.41
C HIS A 148 13.29 13.99 -6.09
N HIS A 149 12.44 14.64 -5.27
CA HIS A 149 11.24 15.38 -5.71
C HIS A 149 10.67 16.20 -4.54
N MET A 1 12.61 -0.59 14.66
CA MET A 1 12.57 -0.13 16.07
C MET A 1 11.34 0.78 16.34
N LYS A 2 10.89 1.49 15.29
CA LYS A 2 9.61 2.25 15.29
C LYS A 2 8.67 1.69 14.20
N VAL A 3 7.54 1.11 14.64
CA VAL A 3 6.52 0.53 13.74
C VAL A 3 5.27 1.43 13.78
N PHE A 4 5.15 2.32 12.77
CA PHE A 4 4.05 3.31 12.66
C PHE A 4 2.66 2.62 12.62
N LYS A 5 1.77 3.01 13.55
CA LYS A 5 0.36 2.54 13.59
C LYS A 5 -0.57 3.64 14.11
N ARG A 6 -1.89 3.46 13.84
CA ARG A 6 -2.94 4.38 14.32
C ARG A 6 -3.20 4.16 15.84
N VAL A 7 -2.45 4.90 16.68
CA VAL A 7 -2.59 4.82 18.15
C VAL A 7 -3.91 5.48 18.62
N ALA A 8 -4.83 4.62 19.15
CA ALA A 8 -6.15 5.02 19.69
C ALA A 8 -6.09 6.21 20.69
N GLY A 9 -5.10 6.16 21.63
CA GLY A 9 -4.85 7.27 22.58
C GLY A 9 -4.67 8.65 21.92
N ILE A 10 -3.93 8.68 20.80
CA ILE A 10 -3.65 9.91 20.04
C ILE A 10 -4.92 10.40 19.30
N LYS A 11 -5.52 9.49 18.49
CA LYS A 11 -6.78 9.72 17.66
C LYS A 11 -6.80 11.06 16.85
N ASP A 12 -5.63 11.69 16.66
CA ASP A 12 -5.49 13.06 16.12
C ASP A 12 -5.34 13.03 14.58
N LYS A 13 -6.01 13.95 13.89
CA LYS A 13 -6.04 14.00 12.40
C LYS A 13 -4.68 14.43 11.79
N ALA A 14 -3.91 15.25 12.52
CA ALA A 14 -2.57 15.73 12.05
C ALA A 14 -1.50 14.62 12.24
N ALA A 15 -1.70 13.77 13.28
CA ALA A 15 -0.87 12.56 13.51
C ALA A 15 -1.23 11.47 12.48
N ILE A 16 -2.55 11.37 12.19
CA ILE A 16 -3.08 10.53 11.09
C ILE A 16 -2.56 11.04 9.72
N LYS A 17 -2.42 12.37 9.57
CA LYS A 17 -2.02 13.01 8.28
C LYS A 17 -0.58 12.64 7.84
N THR A 18 0.37 12.57 8.81
CA THR A 18 1.75 12.08 8.54
C THR A 18 1.72 10.55 8.25
N LEU A 19 0.80 9.84 8.94
CA LEU A 19 0.53 8.40 8.74
C LEU A 19 -0.02 8.13 7.31
N ILE A 20 -0.81 9.10 6.77
CA ILE A 20 -1.32 9.08 5.37
C ILE A 20 -0.11 9.14 4.37
N SER A 21 0.76 10.15 4.58
CA SER A 21 1.97 10.39 3.75
C SER A 21 3.02 9.26 3.91
N ALA A 22 3.06 8.59 5.09
CA ALA A 22 4.01 7.49 5.39
C ALA A 22 3.58 6.18 4.67
N ALA A 23 2.25 5.93 4.67
CA ALA A 23 1.62 4.83 3.90
C ALA A 23 1.90 4.96 2.38
N TYR A 24 1.96 6.21 1.88
CA TYR A 24 2.32 6.51 0.48
C TYR A 24 3.77 6.11 0.15
N ARG A 25 4.68 6.21 1.15
CA ARG A 25 6.13 5.89 0.97
C ARG A 25 6.35 4.37 0.71
N GLN A 26 5.32 3.56 0.99
CA GLN A 26 5.34 2.13 0.71
C GLN A 26 4.67 1.81 -0.65
N ILE A 27 3.45 2.34 -0.88
CA ILE A 27 2.64 2.05 -2.11
C ILE A 27 3.15 2.88 -3.31
N PHE A 28 3.14 4.21 -3.18
CA PHE A 28 3.63 5.14 -4.24
C PHE A 28 5.18 5.28 -4.20
N GLU A 29 5.79 4.68 -3.14
CA GLU A 29 7.24 4.76 -2.80
C GLU A 29 7.74 6.18 -2.39
N ARG A 30 7.49 7.16 -3.24
CA ARG A 30 7.75 8.59 -2.95
C ARG A 30 6.84 9.12 -1.81
N ASP A 31 7.45 9.94 -0.94
CA ASP A 31 6.72 10.73 0.08
C ASP A 31 5.85 11.80 -0.64
N ILE A 32 4.56 11.86 -0.29
CA ILE A 32 3.61 12.85 -0.87
C ILE A 32 3.30 13.96 0.16
N ALA A 33 3.17 15.21 -0.34
CA ALA A 33 2.90 16.41 0.47
C ALA A 33 1.53 16.31 1.20
N PRO A 34 1.49 16.44 2.56
CA PRO A 34 0.26 16.18 3.40
C PRO A 34 -1.01 17.00 2.99
N TYR A 35 -0.82 18.25 2.49
CA TYR A 35 -1.95 19.09 2.02
C TYR A 35 -2.52 18.58 0.68
N ILE A 36 -1.62 18.06 -0.19
CA ILE A 36 -1.99 17.37 -1.45
C ILE A 36 -2.74 16.05 -1.16
N ALA A 37 -2.25 15.32 -0.14
CA ALA A 37 -2.89 14.09 0.37
C ALA A 37 -4.34 14.36 0.85
N GLN A 38 -4.58 15.59 1.32
CA GLN A 38 -5.89 16.03 1.83
C GLN A 38 -6.89 16.30 0.66
N ASN A 39 -6.57 17.26 -0.23
CA ASN A 39 -7.52 17.67 -1.32
C ASN A 39 -7.84 16.53 -2.31
N GLU A 40 -6.92 15.56 -2.46
CA GLU A 40 -7.16 14.33 -3.26
C GLU A 40 -8.00 13.30 -2.46
N PHE A 41 -7.53 12.97 -1.24
CA PHE A 41 -8.15 11.93 -0.38
C PHE A 41 -8.74 12.54 0.93
N SER A 42 -9.71 13.47 0.80
CA SER A 42 -10.28 14.21 1.97
C SER A 42 -11.19 13.33 2.83
N GLY A 43 -12.16 12.66 2.18
CA GLY A 43 -13.09 11.75 2.85
C GLY A 43 -12.44 10.41 3.24
N TRP A 44 -11.46 10.00 2.42
CA TRP A 44 -10.69 8.76 2.61
C TRP A 44 -9.73 8.86 3.84
N GLU A 45 -9.15 10.07 4.04
CA GLU A 45 -8.39 10.44 5.27
C GLU A 45 -9.33 10.55 6.51
N SER A 46 -10.53 11.16 6.29
CA SER A 46 -11.53 11.47 7.36
C SER A 46 -11.93 10.22 8.19
N LYS A 47 -12.37 9.16 7.50
CA LYS A 47 -12.78 7.87 8.13
C LYS A 47 -11.64 7.17 8.91
N LEU A 48 -10.38 7.29 8.40
CA LEU A 48 -9.18 6.75 9.09
C LEU A 48 -8.87 7.56 10.37
N GLY A 49 -9.11 8.89 10.32
CA GLY A 49 -8.91 9.78 11.48
C GLY A 49 -9.87 9.49 12.62
N ASN A 50 -11.11 9.07 12.27
CA ASN A 50 -12.16 8.65 13.24
C ASN A 50 -11.85 7.24 13.86
N GLY A 51 -10.86 6.55 13.28
CA GLY A 51 -10.46 5.19 13.70
C GLY A 51 -11.54 4.11 13.54
N GLU A 52 -12.40 4.25 12.52
CA GLU A 52 -13.48 3.28 12.22
C GLU A 52 -12.93 2.11 11.40
N ILE A 53 -12.40 2.47 10.21
CA ILE A 53 -11.86 1.52 9.22
C ILE A 53 -10.50 0.93 9.66
N THR A 54 -9.99 0.00 8.85
CA THR A 54 -8.62 -0.52 8.99
C THR A 54 -7.71 0.18 7.97
N VAL A 55 -6.39 0.28 8.26
CA VAL A 55 -5.42 0.85 7.29
C VAL A 55 -5.34 -0.04 6.02
N LYS A 56 -5.55 -1.37 6.18
CA LYS A 56 -5.79 -2.31 5.05
C LYS A 56 -6.80 -1.78 4.00
N GLU A 57 -7.99 -1.32 4.46
CA GLU A 57 -9.02 -0.72 3.58
C GLU A 57 -8.46 0.51 2.83
N PHE A 58 -7.70 1.35 3.57
CA PHE A 58 -7.10 2.60 3.06
C PHE A 58 -6.08 2.30 1.93
N ILE A 59 -5.24 1.27 2.16
CA ILE A 59 -4.15 0.85 1.25
C ILE A 59 -4.67 0.27 -0.06
N GLU A 60 -5.67 -0.64 0.04
CA GLU A 60 -6.42 -1.14 -1.13
C GLU A 60 -7.01 0.03 -1.97
N GLY A 61 -7.49 1.08 -1.29
CA GLY A 61 -8.01 2.29 -1.95
C GLY A 61 -6.94 3.10 -2.71
N LEU A 62 -5.65 2.97 -2.28
CA LEU A 62 -4.50 3.64 -2.94
C LEU A 62 -4.13 2.92 -4.26
N GLY A 63 -4.21 1.58 -4.26
CA GLY A 63 -4.08 0.80 -5.51
C GLY A 63 -5.31 0.89 -6.42
N TYR A 64 -6.46 1.32 -5.86
CA TYR A 64 -7.70 1.60 -6.64
C TYR A 64 -7.69 3.03 -7.24
N SER A 65 -6.99 3.97 -6.58
CA SER A 65 -6.85 5.36 -7.06
C SER A 65 -5.94 5.40 -8.30
N ASN A 66 -6.41 6.04 -9.39
CA ASN A 66 -5.73 6.05 -10.72
C ASN A 66 -4.28 6.63 -10.69
N LEU A 67 -3.92 7.34 -9.59
CA LEU A 67 -2.55 7.92 -9.40
C LEU A 67 -1.45 6.82 -9.39
N TYR A 68 -1.72 5.68 -8.70
CA TYR A 68 -0.77 4.53 -8.64
C TYR A 68 -0.59 3.89 -10.04
N LEU A 69 -1.72 3.73 -10.75
CA LEU A 69 -1.77 3.12 -12.09
C LEU A 69 -1.18 4.06 -13.16
N LYS A 70 -1.27 5.37 -12.92
CA LYS A 70 -0.67 6.44 -13.76
C LYS A 70 0.87 6.30 -13.83
N GLU A 71 1.47 6.06 -12.66
CA GLU A 71 2.93 5.92 -12.50
C GLU A 71 3.44 4.55 -13.04
N PHE A 72 2.69 3.47 -12.75
CA PHE A 72 3.15 2.08 -12.96
C PHE A 72 2.36 1.30 -14.05
N TYR A 73 1.08 1.00 -13.80
CA TYR A 73 0.29 0.06 -14.66
C TYR A 73 0.12 0.53 -16.13
N THR A 74 0.11 1.85 -16.36
CA THR A 74 -0.07 2.42 -17.72
C THR A 74 1.25 2.35 -18.57
N PRO A 75 2.44 2.91 -18.10
CA PRO A 75 3.72 2.80 -18.85
C PRO A 75 4.34 1.37 -18.86
N TYR A 76 3.90 0.49 -17.93
CA TYR A 76 4.50 -0.87 -17.76
C TYR A 76 3.49 -2.02 -18.10
N PRO A 77 3.97 -3.19 -18.64
CA PRO A 77 3.12 -4.38 -18.90
C PRO A 77 2.74 -5.15 -17.60
N ASN A 78 1.80 -6.12 -17.71
CA ASN A 78 1.22 -6.86 -16.57
C ASN A 78 2.30 -7.45 -15.61
N THR A 79 3.30 -8.15 -16.19
CA THR A 79 4.37 -8.82 -15.42
C THR A 79 5.21 -7.84 -14.54
N LYS A 80 5.42 -6.60 -15.05
CA LYS A 80 6.16 -5.56 -14.29
C LYS A 80 5.28 -5.00 -13.14
N VAL A 81 3.97 -4.90 -13.40
CA VAL A 81 2.97 -4.43 -12.40
C VAL A 81 2.81 -5.47 -11.26
N ILE A 82 3.04 -6.76 -11.59
CA ILE A 82 3.04 -7.88 -10.62
C ILE A 82 4.22 -7.76 -9.64
N GLU A 83 5.46 -7.60 -10.16
CA GLU A 83 6.66 -7.55 -9.31
C GLU A 83 6.75 -6.23 -8.51
N LEU A 84 6.34 -5.10 -9.13
CA LEU A 84 6.28 -3.78 -8.46
C LEU A 84 5.07 -3.69 -7.49
N GLY A 85 3.98 -4.38 -7.83
CA GLY A 85 2.77 -4.42 -6.97
C GLY A 85 2.99 -5.25 -5.70
N THR A 86 3.65 -6.40 -5.87
CA THR A 86 4.07 -7.29 -4.76
C THR A 86 5.16 -6.60 -3.90
N LYS A 87 6.04 -5.81 -4.55
CA LYS A 87 7.09 -5.00 -3.86
C LYS A 87 6.48 -3.87 -2.99
N HIS A 88 5.45 -3.17 -3.53
CA HIS A 88 4.83 -2.00 -2.86
C HIS A 88 3.79 -2.41 -1.80
N PHE A 89 3.04 -3.48 -2.08
CA PHE A 89 2.03 -4.00 -1.14
C PHE A 89 2.61 -5.12 -0.25
N LEU A 90 2.93 -6.31 -0.82
CA LEU A 90 3.35 -7.50 -0.03
C LEU A 90 4.73 -7.31 0.66
N GLY A 91 5.51 -6.32 0.18
CA GLY A 91 6.83 -6.00 0.75
C GLY A 91 7.91 -7.00 0.37
N ARG A 92 7.69 -7.75 -0.73
CA ARG A 92 8.59 -8.83 -1.17
C ARG A 92 8.68 -8.87 -2.72
N ALA A 93 9.58 -9.71 -3.24
CA ALA A 93 9.59 -10.11 -4.67
C ALA A 93 8.66 -11.32 -4.92
N PRO A 94 8.07 -11.48 -6.16
CA PRO A 94 7.30 -12.70 -6.52
C PRO A 94 8.23 -13.96 -6.58
N ILE A 95 7.72 -15.10 -6.09
CA ILE A 95 8.56 -16.28 -5.75
C ILE A 95 8.90 -17.15 -6.98
N ASP A 96 7.91 -17.39 -7.86
CA ASP A 96 8.03 -18.37 -8.96
C ASP A 96 7.04 -18.00 -10.09
N GLN A 97 7.28 -18.53 -11.32
CA GLN A 97 6.39 -18.29 -12.49
C GLN A 97 4.92 -18.66 -12.22
N ALA A 98 4.70 -19.74 -11.43
CA ALA A 98 3.35 -20.17 -10.99
C ALA A 98 2.59 -19.02 -10.27
N GLU A 99 3.30 -18.29 -9.39
CA GLU A 99 2.74 -17.13 -8.63
C GLU A 99 2.52 -15.90 -9.56
N ILE A 100 3.47 -15.67 -10.48
CA ILE A 100 3.44 -14.51 -11.41
C ILE A 100 2.29 -14.64 -12.45
N ARG A 101 2.24 -15.78 -13.16
CA ARG A 101 1.15 -16.11 -14.12
C ARG A 101 -0.24 -16.06 -13.46
N LYS A 102 -0.29 -16.41 -12.15
CA LYS A 102 -1.51 -16.31 -11.32
C LYS A 102 -2.00 -14.84 -11.23
N TYR A 103 -1.10 -13.91 -10.86
CA TYR A 103 -1.43 -12.46 -10.75
C TYR A 103 -1.77 -11.83 -12.13
N ASN A 104 -1.09 -12.30 -13.20
CA ASN A 104 -1.32 -11.86 -14.59
C ASN A 104 -2.70 -12.32 -15.10
N GLN A 105 -3.10 -13.54 -14.68
CA GLN A 105 -4.40 -14.13 -15.02
C GLN A 105 -5.54 -13.35 -14.33
N ILE A 106 -5.26 -12.78 -13.13
CA ILE A 106 -6.23 -11.93 -12.41
C ILE A 106 -6.51 -10.62 -13.19
N LEU A 107 -5.45 -10.04 -13.78
CA LEU A 107 -5.56 -8.84 -14.65
C LEU A 107 -6.26 -9.15 -16.00
N ALA A 108 -5.98 -10.34 -16.56
CA ALA A 108 -6.55 -10.80 -17.84
C ALA A 108 -8.08 -11.05 -17.74
N THR A 109 -8.50 -11.77 -16.68
CA THR A 109 -9.91 -12.14 -16.43
C THR A 109 -10.71 -10.93 -15.87
N GLN A 110 -10.16 -10.31 -14.82
CA GLN A 110 -10.87 -9.29 -14.00
C GLN A 110 -10.22 -7.89 -14.17
N GLY A 111 -9.03 -7.66 -13.59
CA GLY A 111 -8.38 -6.34 -13.66
C GLY A 111 -7.70 -5.92 -12.36
N ILE A 112 -7.21 -4.66 -12.35
CA ILE A 112 -6.46 -4.05 -11.22
C ILE A 112 -7.19 -4.14 -9.87
N ARG A 113 -8.51 -4.01 -9.88
CA ARG A 113 -9.32 -4.02 -8.64
C ARG A 113 -9.17 -5.36 -7.88
N ALA A 114 -9.37 -6.46 -8.62
CA ALA A 114 -9.19 -7.83 -8.10
C ALA A 114 -7.70 -8.13 -7.73
N PHE A 115 -6.76 -7.60 -8.54
CA PHE A 115 -5.30 -7.78 -8.35
C PHE A 115 -4.79 -7.12 -7.04
N ILE A 116 -5.05 -5.82 -6.89
CA ILE A 116 -4.72 -5.03 -5.67
C ILE A 116 -5.38 -5.67 -4.42
N ASN A 117 -6.66 -6.05 -4.54
CA ASN A 117 -7.40 -6.78 -3.48
C ASN A 117 -6.70 -8.12 -3.10
N ALA A 118 -6.17 -8.85 -4.11
CA ALA A 118 -5.44 -10.12 -3.91
C ALA A 118 -4.15 -9.90 -3.06
N LEU A 119 -3.41 -8.82 -3.39
CA LEU A 119 -2.21 -8.38 -2.64
C LEU A 119 -2.57 -7.99 -1.18
N VAL A 120 -3.53 -7.06 -1.04
CA VAL A 120 -3.89 -6.46 0.27
C VAL A 120 -4.54 -7.50 1.23
N ASN A 121 -5.30 -8.47 0.68
CA ASN A 121 -5.95 -9.52 1.50
C ASN A 121 -5.22 -10.89 1.38
N SER A 122 -3.92 -10.84 0.98
CA SER A 122 -3.03 -12.03 1.02
C SER A 122 -2.66 -12.37 2.48
N GLN A 123 -2.59 -13.69 2.78
CA GLN A 123 -2.31 -14.18 4.15
C GLN A 123 -0.86 -13.85 4.59
N GLU A 124 0.11 -13.93 3.64
CA GLU A 124 1.54 -13.59 3.93
C GLU A 124 1.67 -12.10 4.32
N TYR A 125 0.80 -11.26 3.74
CA TYR A 125 0.78 -9.81 3.99
C TYR A 125 0.15 -9.47 5.36
N ASN A 126 -1.08 -9.96 5.62
CA ASN A 126 -1.88 -9.52 6.80
C ASN A 126 -1.29 -10.01 8.15
N GLU A 127 -0.50 -11.11 8.12
CA GLU A 127 0.27 -11.60 9.30
C GLU A 127 1.37 -10.58 9.73
N VAL A 128 2.03 -9.98 8.72
CA VAL A 128 3.17 -9.05 8.92
C VAL A 128 2.65 -7.62 9.20
N PHE A 129 1.89 -7.12 8.23
CA PHE A 129 1.25 -5.80 8.22
C PHE A 129 0.26 -5.60 9.40
N GLY A 130 -0.60 -6.60 9.64
CA GLY A 130 -1.68 -6.49 10.63
C GLY A 130 -2.93 -5.85 10.04
N GLU A 131 -3.48 -4.81 10.71
CA GLU A 131 -4.67 -4.06 10.23
C GLU A 131 -4.47 -2.53 10.37
N ASP A 132 -4.34 -2.05 11.63
CA ASP A 132 -4.27 -0.60 11.96
C ASP A 132 -2.84 0.00 11.76
N THR A 133 -1.91 -0.85 11.31
CA THR A 133 -0.47 -0.48 11.12
C THR A 133 -0.21 0.01 9.67
N VAL A 134 0.80 0.89 9.50
CA VAL A 134 1.34 1.31 8.18
C VAL A 134 2.14 0.14 7.54
N PRO A 135 1.99 -0.12 6.19
CA PRO A 135 2.73 -1.21 5.51
C PRO A 135 4.25 -0.93 5.46
N TYR A 136 5.06 -1.94 5.77
CA TYR A 136 6.54 -1.85 5.78
C TYR A 136 7.17 -3.08 5.10
N ARG A 137 8.25 -2.86 4.34
CA ARG A 137 8.95 -3.92 3.56
C ARG A 137 10.02 -4.68 4.40
N ARG A 138 9.92 -4.58 5.75
CA ARG A 138 10.85 -5.21 6.73
C ARG A 138 12.30 -4.62 6.65
N PHE A 139 13.26 -5.38 6.04
CA PHE A 139 14.71 -5.02 6.05
C PHE A 139 15.62 -5.72 4.94
N PRO A 140 15.11 -6.14 3.70
CA PRO A 140 15.99 -6.83 2.68
C PRO A 140 17.08 -5.89 2.09
N THR A 141 16.93 -4.58 2.37
CA THR A 141 17.96 -3.55 2.12
C THR A 141 19.26 -3.83 2.92
N LEU A 142 19.09 -4.19 4.21
CA LEU A 142 20.19 -4.51 5.17
C LEU A 142 21.16 -3.30 5.43
N GLU A 143 20.83 -2.11 4.90
CA GLU A 143 21.62 -0.88 5.12
C GLU A 143 21.15 -0.20 6.44
N HIS A 144 21.80 -0.61 7.55
CA HIS A 144 21.38 -0.21 8.90
C HIS A 144 21.96 1.17 9.30
N HIS A 145 21.13 2.21 9.15
CA HIS A 145 21.43 3.56 9.67
C HIS A 145 20.93 3.66 11.13
N HIS A 146 21.83 4.06 12.05
CA HIS A 146 21.54 4.08 13.52
C HIS A 146 20.50 5.17 13.94
N HIS A 147 20.09 6.03 12.99
CA HIS A 147 18.92 6.94 13.14
C HIS A 147 18.01 6.87 11.89
N HIS A 148 16.69 6.63 12.12
CA HIS A 148 15.67 6.66 11.06
C HIS A 148 14.28 6.98 11.68
N HIS A 149 14.02 8.28 11.93
CA HIS A 149 12.85 8.77 12.70
C HIS A 149 11.50 8.44 12.01
N MET A 1 14.47 2.16 12.77
CA MET A 1 13.20 1.38 12.63
C MET A 1 12.05 2.09 13.39
N LYS A 2 11.00 2.49 12.64
CA LYS A 2 9.77 3.11 13.20
C LYS A 2 8.52 2.54 12.49
N VAL A 3 7.52 2.11 13.29
CA VAL A 3 6.25 1.54 12.78
C VAL A 3 5.08 2.53 13.03
N PHE A 4 4.36 2.88 11.95
CA PHE A 4 3.13 3.71 12.02
C PHE A 4 1.89 2.80 12.15
N LYS A 5 1.57 2.44 13.40
CA LYS A 5 0.39 1.60 13.72
C LYS A 5 -0.79 2.47 14.19
N ARG A 6 -2.01 1.93 14.02
CA ARG A 6 -3.26 2.60 14.41
C ARG A 6 -3.62 2.16 15.84
N VAL A 7 -3.58 3.09 16.80
CA VAL A 7 -3.79 2.78 18.23
C VAL A 7 -5.18 3.34 18.65
N ALA A 8 -6.04 2.45 19.19
CA ALA A 8 -7.38 2.81 19.70
C ALA A 8 -7.31 3.95 20.75
N GLY A 9 -7.60 5.19 20.31
CA GLY A 9 -7.49 6.39 21.16
C GLY A 9 -6.90 7.60 20.44
N ILE A 10 -5.99 7.38 19.46
CA ILE A 10 -5.35 8.48 18.70
C ILE A 10 -6.39 9.20 17.80
N LYS A 11 -6.82 10.38 18.28
CA LYS A 11 -7.76 11.28 17.58
C LYS A 11 -7.05 12.59 17.17
N ASP A 12 -5.72 12.51 17.04
CA ASP A 12 -4.87 13.63 16.61
C ASP A 12 -4.67 13.53 15.09
N LYS A 13 -5.28 14.47 14.35
CA LYS A 13 -5.25 14.47 12.87
C LYS A 13 -3.82 14.63 12.30
N ALA A 14 -2.90 15.20 13.12
CA ALA A 14 -1.46 15.32 12.78
C ALA A 14 -0.75 13.94 12.84
N ALA A 15 -1.13 13.14 13.86
CA ALA A 15 -0.56 11.79 14.09
C ALA A 15 -1.17 10.75 13.11
N ILE A 16 -2.42 10.99 12.67
CA ILE A 16 -3.09 10.17 11.63
C ILE A 16 -2.47 10.48 10.24
N LYS A 17 -2.24 11.79 9.98
CA LYS A 17 -1.74 12.29 8.67
C LYS A 17 -0.31 11.79 8.35
N THR A 18 0.54 11.59 9.38
CA THR A 18 1.92 11.07 9.19
C THR A 18 1.92 9.53 8.94
N LEU A 19 0.92 8.83 9.53
CA LEU A 19 0.64 7.40 9.25
C LEU A 19 0.23 7.23 7.76
N ILE A 20 -0.62 8.15 7.30
CA ILE A 20 -1.07 8.25 5.89
C ILE A 20 0.12 8.60 4.95
N SER A 21 1.03 9.47 5.43
CA SER A 21 2.24 9.90 4.67
C SER A 21 3.22 8.73 4.45
N ALA A 22 3.36 7.86 5.47
CA ALA A 22 4.21 6.63 5.39
C ALA A 22 3.51 5.55 4.54
N ALA A 23 2.17 5.46 4.68
CA ALA A 23 1.31 4.60 3.85
C ALA A 23 1.44 4.94 2.34
N TYR A 24 1.56 6.26 2.02
CA TYR A 24 1.83 6.73 0.65
C TYR A 24 3.15 6.15 0.12
N ARG A 25 4.24 6.25 0.90
CA ARG A 25 5.59 5.81 0.48
C ARG A 25 5.68 4.28 0.23
N GLN A 26 4.81 3.51 0.91
CA GLN A 26 4.67 2.06 0.68
C GLN A 26 4.10 1.76 -0.73
N ILE A 27 3.02 2.47 -1.13
CA ILE A 27 2.35 2.27 -2.44
C ILE A 27 3.01 3.20 -3.50
N PHE A 28 2.81 4.51 -3.35
CA PHE A 28 3.44 5.55 -4.20
C PHE A 28 4.87 5.85 -3.66
N GLU A 29 5.85 5.01 -4.04
CA GLU A 29 7.33 5.29 -3.84
C GLU A 29 7.76 6.75 -4.27
N ARG A 30 7.31 7.73 -3.48
CA ARG A 30 7.44 9.18 -3.72
C ARG A 30 6.68 9.94 -2.62
N ASP A 31 7.21 11.10 -2.22
CA ASP A 31 6.50 12.01 -1.30
C ASP A 31 5.28 12.67 -2.00
N ILE A 32 4.07 12.44 -1.47
CA ILE A 32 2.84 13.11 -1.91
C ILE A 32 2.74 14.48 -1.19
N ALA A 33 2.61 15.58 -1.95
CA ALA A 33 2.49 16.94 -1.42
C ALA A 33 1.26 17.07 -0.49
N PRO A 34 1.42 17.48 0.82
CA PRO A 34 0.31 17.55 1.82
C PRO A 34 -0.92 18.40 1.35
N TYR A 35 -0.64 19.52 0.65
CA TYR A 35 -1.70 20.42 0.10
C TYR A 35 -2.49 19.75 -1.06
N ILE A 36 -1.85 18.78 -1.76
CA ILE A 36 -2.52 17.93 -2.77
C ILE A 36 -3.26 16.73 -2.10
N ALA A 37 -2.59 16.08 -1.14
CA ALA A 37 -3.09 14.87 -0.43
C ALA A 37 -4.42 15.13 0.30
N GLN A 38 -4.56 16.36 0.83
CA GLN A 38 -5.73 16.76 1.62
C GLN A 38 -7.02 16.90 0.76
N ASN A 39 -6.89 17.38 -0.50
CA ASN A 39 -8.04 17.49 -1.43
C ASN A 39 -8.33 16.15 -2.17
N GLU A 40 -7.26 15.47 -2.61
CA GLU A 40 -7.36 14.19 -3.37
C GLU A 40 -7.94 13.04 -2.52
N PHE A 41 -7.32 12.82 -1.37
CA PHE A 41 -7.73 11.78 -0.40
C PHE A 41 -8.59 12.38 0.74
N SER A 42 -9.39 13.44 0.41
CA SER A 42 -10.23 14.20 1.39
C SER A 42 -11.31 13.33 2.06
N GLY A 43 -12.07 12.61 1.23
CA GLY A 43 -13.14 11.72 1.72
C GLY A 43 -12.58 10.43 2.30
N TRP A 44 -11.53 9.91 1.66
CA TRP A 44 -10.92 8.60 2.01
C TRP A 44 -10.16 8.66 3.36
N GLU A 45 -9.62 9.85 3.71
CA GLU A 45 -8.98 10.11 5.01
C GLU A 45 -10.02 10.14 6.15
N SER A 46 -11.20 10.73 5.84
CA SER A 46 -12.27 11.02 6.85
C SER A 46 -12.66 9.79 7.71
N LYS A 47 -12.71 8.61 7.07
CA LYS A 47 -12.98 7.34 7.78
C LYS A 47 -11.76 6.86 8.62
N LEU A 48 -10.53 7.01 8.10
CA LEU A 48 -9.30 6.55 8.83
C LEU A 48 -8.98 7.43 10.06
N GLY A 49 -9.34 8.73 10.00
CA GLY A 49 -9.12 9.67 11.10
C GLY A 49 -10.02 9.39 12.32
N ASN A 50 -11.24 8.88 12.04
CA ASN A 50 -12.18 8.41 13.08
C ASN A 50 -11.95 6.91 13.42
N GLY A 51 -11.24 6.18 12.54
CA GLY A 51 -11.00 4.74 12.70
C GLY A 51 -12.14 3.84 12.17
N GLU A 52 -13.06 4.44 11.38
CA GLU A 52 -14.19 3.71 10.74
C GLU A 52 -13.68 2.63 9.74
N ILE A 53 -12.53 2.91 9.12
CA ILE A 53 -11.78 1.92 8.29
C ILE A 53 -10.43 1.57 8.97
N THR A 54 -9.88 0.42 8.61
CA THR A 54 -8.54 -0.02 9.06
C THR A 54 -7.43 0.56 8.18
N VAL A 55 -6.16 0.43 8.61
CA VAL A 55 -5.00 0.87 7.81
C VAL A 55 -4.92 0.05 6.51
N LYS A 56 -5.05 -1.29 6.65
CA LYS A 56 -5.24 -2.25 5.52
C LYS A 56 -6.26 -1.78 4.45
N GLU A 57 -7.47 -1.41 4.90
CA GLU A 57 -8.53 -0.90 4.01
C GLU A 57 -8.06 0.36 3.23
N PHE A 58 -7.30 1.24 3.93
CA PHE A 58 -6.76 2.49 3.35
C PHE A 58 -5.62 2.19 2.33
N ILE A 59 -4.77 1.18 2.66
CA ILE A 59 -3.63 0.73 1.84
C ILE A 59 -4.10 0.17 0.48
N GLU A 60 -5.08 -0.75 0.56
CA GLU A 60 -5.79 -1.29 -0.61
C GLU A 60 -6.46 -0.17 -1.44
N GLY A 61 -7.02 0.85 -0.72
CA GLY A 61 -7.59 2.05 -1.34
C GLY A 61 -6.58 2.88 -2.14
N LEU A 62 -5.31 2.90 -1.68
CA LEU A 62 -4.19 3.60 -2.38
C LEU A 62 -3.82 2.86 -3.70
N GLY A 63 -3.82 1.52 -3.67
CA GLY A 63 -3.68 0.70 -4.89
C GLY A 63 -4.85 0.83 -5.88
N TYR A 64 -6.07 1.07 -5.35
CA TYR A 64 -7.28 1.36 -6.16
C TYR A 64 -7.23 2.78 -6.79
N SER A 65 -6.42 3.68 -6.20
CA SER A 65 -6.26 5.07 -6.68
C SER A 65 -5.64 5.11 -8.11
N ASN A 66 -6.30 5.85 -9.02
CA ASN A 66 -5.87 6.03 -10.44
C ASN A 66 -4.46 6.68 -10.56
N LEU A 67 -4.00 7.35 -9.49
CA LEU A 67 -2.63 7.92 -9.40
C LEU A 67 -1.56 6.81 -9.51
N TYR A 68 -1.78 5.69 -8.80
CA TYR A 68 -0.89 4.50 -8.87
C TYR A 68 -0.97 3.81 -10.25
N LEU A 69 -2.14 3.89 -10.90
CA LEU A 69 -2.38 3.29 -12.23
C LEU A 69 -1.66 4.09 -13.36
N LYS A 70 -1.55 5.41 -13.24
CA LYS A 70 -0.81 6.23 -14.23
C LYS A 70 0.72 6.19 -13.98
N GLU A 71 1.14 6.02 -12.71
CA GLU A 71 2.57 5.87 -12.35
C GLU A 71 3.13 4.46 -12.71
N PHE A 72 2.50 3.39 -12.18
CA PHE A 72 3.01 1.99 -12.28
C PHE A 72 1.96 1.01 -12.84
N TYR A 73 1.48 1.29 -14.06
CA TYR A 73 0.59 0.36 -14.82
C TYR A 73 0.57 0.72 -16.31
N THR A 74 0.13 1.96 -16.62
CA THR A 74 -0.02 2.46 -18.01
C THR A 74 1.34 2.58 -18.80
N PRO A 75 2.50 3.06 -18.20
CA PRO A 75 3.80 3.10 -18.94
C PRO A 75 4.61 1.76 -18.87
N TYR A 76 4.13 0.80 -18.04
CA TYR A 76 4.83 -0.50 -17.81
C TYR A 76 4.06 -1.69 -18.45
N PRO A 77 4.77 -2.79 -18.89
CA PRO A 77 4.10 -4.06 -19.30
C PRO A 77 3.46 -4.76 -18.07
N ASN A 78 2.40 -5.57 -18.32
CA ASN A 78 1.62 -6.27 -17.25
C ASN A 78 2.52 -7.08 -16.28
N THR A 79 3.47 -7.87 -16.83
CA THR A 79 4.47 -8.64 -16.03
C THR A 79 5.29 -7.73 -15.07
N LYS A 80 5.56 -6.48 -15.50
CA LYS A 80 6.29 -5.48 -14.68
C LYS A 80 5.38 -4.89 -13.58
N VAL A 81 4.09 -4.69 -13.89
CA VAL A 81 3.08 -4.18 -12.92
C VAL A 81 2.91 -5.17 -11.73
N ILE A 82 3.03 -6.46 -12.07
CA ILE A 82 2.96 -7.58 -11.10
C ILE A 82 4.10 -7.52 -10.06
N GLU A 83 5.36 -7.40 -10.56
CA GLU A 83 6.56 -7.41 -9.70
C GLU A 83 6.74 -6.07 -8.95
N LEU A 84 6.28 -4.96 -9.57
CA LEU A 84 6.28 -3.61 -8.96
C LEU A 84 5.13 -3.47 -7.93
N GLY A 85 4.02 -4.20 -8.14
CA GLY A 85 2.89 -4.18 -7.20
C GLY A 85 3.21 -4.90 -5.88
N THR A 86 3.65 -6.17 -5.99
CA THR A 86 3.96 -7.01 -4.81
C THR A 86 5.08 -6.43 -3.92
N LYS A 87 6.07 -5.73 -4.51
CA LYS A 87 7.17 -5.08 -3.74
C LYS A 87 6.68 -3.82 -2.94
N HIS A 88 5.48 -3.33 -3.28
CA HIS A 88 4.86 -2.18 -2.57
C HIS A 88 3.98 -2.62 -1.37
N PHE A 89 3.09 -3.58 -1.60
CA PHE A 89 2.11 -4.03 -0.57
C PHE A 89 2.71 -5.12 0.35
N LEU A 90 3.48 -6.05 -0.24
CA LEU A 90 4.20 -7.09 0.53
C LEU A 90 5.66 -6.67 0.81
N GLY A 91 6.38 -6.21 -0.22
CA GLY A 91 7.81 -5.88 -0.12
C GLY A 91 8.71 -7.10 0.11
N ARG A 92 8.41 -8.21 -0.57
CA ARG A 92 9.09 -9.52 -0.33
C ARG A 92 9.60 -10.20 -1.63
N ALA A 93 9.53 -9.50 -2.80
CA ALA A 93 9.64 -10.13 -4.15
C ALA A 93 8.51 -11.20 -4.44
N PRO A 94 8.21 -11.52 -5.76
CA PRO A 94 7.31 -12.67 -6.11
C PRO A 94 7.82 -14.05 -5.60
N ILE A 95 6.88 -15.00 -5.38
CA ILE A 95 7.21 -16.39 -4.98
C ILE A 95 7.76 -17.20 -6.19
N ASP A 96 6.85 -17.56 -7.13
CA ASP A 96 7.22 -18.31 -8.37
C ASP A 96 6.76 -17.52 -9.61
N GLN A 97 7.15 -17.96 -10.83
CA GLN A 97 6.62 -17.39 -12.09
C GLN A 97 5.13 -17.78 -12.26
N ALA A 98 4.75 -18.96 -11.72
CA ALA A 98 3.34 -19.42 -11.68
C ALA A 98 2.44 -18.43 -10.89
N GLU A 99 3.02 -17.74 -9.88
CA GLU A 99 2.34 -16.66 -9.12
C GLU A 99 2.20 -15.38 -9.98
N ILE A 100 3.23 -15.07 -10.76
CA ILE A 100 3.24 -13.90 -11.69
C ILE A 100 2.16 -14.08 -12.80
N ARG A 101 2.20 -15.25 -13.48
CA ARG A 101 1.15 -15.67 -14.44
C ARG A 101 -0.26 -15.66 -13.81
N LYS A 102 -0.36 -16.11 -12.53
CA LYS A 102 -1.61 -16.05 -11.73
C LYS A 102 -2.15 -14.60 -11.63
N TYR A 103 -1.25 -13.63 -11.34
CA TYR A 103 -1.60 -12.21 -11.24
C TYR A 103 -2.01 -11.61 -12.61
N ASN A 104 -1.35 -12.06 -13.71
CA ASN A 104 -1.70 -11.63 -15.08
C ASN A 104 -3.11 -12.17 -15.51
N GLN A 105 -3.46 -13.36 -14.98
CA GLN A 105 -4.80 -13.97 -15.13
C GLN A 105 -5.86 -13.10 -14.39
N ILE A 106 -5.49 -12.60 -13.21
CA ILE A 106 -6.32 -11.71 -12.37
C ILE A 106 -6.63 -10.36 -13.09
N LEU A 107 -5.57 -9.76 -13.69
CA LEU A 107 -5.68 -8.51 -14.49
C LEU A 107 -6.60 -8.71 -15.73
N ALA A 108 -6.45 -9.85 -16.41
CA ALA A 108 -7.20 -10.17 -17.65
C ALA A 108 -8.72 -10.39 -17.39
N THR A 109 -9.03 -11.16 -16.33
CA THR A 109 -10.43 -11.54 -15.98
C THR A 109 -11.25 -10.35 -15.40
N GLN A 110 -10.71 -9.67 -14.37
CA GLN A 110 -11.43 -8.55 -13.69
C GLN A 110 -10.63 -7.23 -13.67
N GLY A 111 -9.33 -7.27 -13.32
CA GLY A 111 -8.48 -6.06 -13.35
C GLY A 111 -7.63 -5.82 -12.10
N ILE A 112 -7.30 -4.52 -11.87
CA ILE A 112 -6.31 -4.08 -10.86
C ILE A 112 -6.80 -4.28 -9.41
N ARG A 113 -8.11 -4.09 -9.14
CA ARG A 113 -8.67 -4.14 -7.77
C ARG A 113 -8.47 -5.51 -7.09
N ALA A 114 -8.72 -6.58 -7.83
CA ALA A 114 -8.52 -7.97 -7.36
C ALA A 114 -7.01 -8.32 -7.21
N PHE A 115 -6.16 -7.68 -8.04
CA PHE A 115 -4.68 -7.80 -7.94
C PHE A 115 -4.17 -7.20 -6.62
N ILE A 116 -4.64 -5.98 -6.31
CA ILE A 116 -4.30 -5.27 -5.06
C ILE A 116 -4.85 -6.05 -3.83
N ASN A 117 -6.12 -6.50 -3.94
CA ASN A 117 -6.79 -7.32 -2.90
C ASN A 117 -6.03 -8.64 -2.64
N ALA A 118 -5.45 -9.24 -3.70
CA ALA A 118 -4.64 -10.48 -3.61
C ALA A 118 -3.33 -10.26 -2.81
N LEU A 119 -2.81 -9.02 -2.84
CA LEU A 119 -1.59 -8.62 -2.09
C LEU A 119 -1.91 -8.17 -0.64
N VAL A 120 -2.97 -7.38 -0.46
CA VAL A 120 -3.33 -6.77 0.84
C VAL A 120 -4.02 -7.79 1.78
N ASN A 121 -4.86 -8.67 1.22
CA ASN A 121 -5.47 -9.81 1.97
C ASN A 121 -4.57 -11.07 1.96
N SER A 122 -3.35 -10.97 1.38
CA SER A 122 -2.34 -12.04 1.45
C SER A 122 -1.83 -12.19 2.91
N GLN A 123 -1.67 -13.46 3.35
CA GLN A 123 -1.28 -13.81 4.73
C GLN A 123 0.04 -13.14 5.20
N GLU A 124 0.95 -12.85 4.25
CA GLU A 124 2.25 -12.16 4.53
C GLU A 124 2.06 -10.85 5.34
N TYR A 125 1.11 -10.03 4.90
CA TYR A 125 0.60 -8.88 5.67
C TYR A 125 -0.41 -9.33 6.77
N ASN A 126 -1.34 -10.23 6.38
CA ASN A 126 -2.58 -10.52 7.17
C ASN A 126 -2.31 -11.34 8.46
N GLU A 127 -1.89 -12.62 8.36
CA GLU A 127 -1.57 -13.46 9.57
C GLU A 127 -0.48 -12.82 10.50
N VAL A 128 0.53 -12.16 9.88
CA VAL A 128 1.62 -11.51 10.63
C VAL A 128 1.15 -10.27 11.43
N PHE A 129 0.64 -9.25 10.72
CA PHE A 129 0.21 -7.96 11.35
C PHE A 129 -1.33 -7.86 11.42
N GLY A 130 -1.99 -8.05 10.28
CA GLY A 130 -3.45 -7.96 10.18
C GLY A 130 -3.93 -6.70 9.50
N GLU A 131 -4.83 -5.98 10.19
CA GLU A 131 -5.60 -4.86 9.61
C GLU A 131 -5.08 -3.48 10.16
N ASP A 132 -4.39 -3.53 11.32
CA ASP A 132 -4.25 -2.38 12.25
C ASP A 132 -2.91 -1.60 12.14
N THR A 133 -2.08 -1.84 11.10
CA THR A 133 -0.77 -1.12 10.94
C THR A 133 -0.32 -1.04 9.46
N VAL A 134 0.65 -0.15 9.17
CA VAL A 134 1.27 -0.01 7.82
C VAL A 134 2.12 -1.27 7.48
N PRO A 135 2.01 -1.84 6.21
CA PRO A 135 2.77 -3.05 5.79
C PRO A 135 4.29 -2.79 5.59
N TYR A 136 5.03 -2.70 6.70
CA TYR A 136 6.51 -2.51 6.70
C TYR A 136 7.22 -3.89 6.61
N ARG A 137 8.55 -3.86 6.41
CA ARG A 137 9.37 -5.09 6.26
C ARG A 137 9.34 -5.96 7.54
N ARG A 138 9.13 -7.28 7.37
CA ARG A 138 9.14 -8.23 8.50
C ARG A 138 10.58 -8.69 8.80
N PHE A 139 10.95 -8.61 10.08
CA PHE A 139 12.25 -9.06 10.62
C PHE A 139 12.42 -10.61 10.53
N PRO A 140 13.72 -11.15 10.56
CA PRO A 140 14.00 -12.62 10.45
C PRO A 140 13.18 -13.50 11.45
N THR A 141 13.01 -12.99 12.67
CA THR A 141 12.08 -13.57 13.68
C THR A 141 10.85 -12.66 13.85
N LEU A 142 9.69 -13.26 14.15
CA LEU A 142 8.42 -12.54 14.36
C LEU A 142 7.90 -12.75 15.79
N GLU A 143 7.96 -11.70 16.63
CA GLU A 143 7.42 -11.74 18.01
C GLU A 143 5.90 -11.40 17.99
N HIS A 144 5.12 -12.33 17.42
CA HIS A 144 3.66 -12.21 17.27
C HIS A 144 3.05 -13.62 17.35
N HIS A 145 2.74 -14.05 18.59
CA HIS A 145 2.36 -15.44 18.94
C HIS A 145 1.18 -15.99 18.08
N HIS A 146 1.50 -16.91 17.16
CA HIS A 146 0.51 -17.60 16.30
C HIS A 146 -0.25 -18.69 17.10
N HIS A 147 -1.52 -18.97 16.72
CA HIS A 147 -2.41 -19.93 17.44
C HIS A 147 -1.88 -21.39 17.36
N HIS A 148 -2.01 -22.12 18.48
CA HIS A 148 -1.64 -23.56 18.59
C HIS A 148 -2.86 -24.48 18.34
N HIS A 149 -4.08 -23.88 18.31
CA HIS A 149 -5.34 -24.60 17.99
C HIS A 149 -6.37 -23.62 17.38
N MET A 1 14.34 2.96 14.37
CA MET A 1 13.45 2.38 13.33
C MET A 1 11.98 2.55 13.73
N LYS A 2 11.12 2.93 12.76
CA LYS A 2 9.72 3.30 13.02
C LYS A 2 8.72 2.53 12.11
N VAL A 3 7.72 1.90 12.75
CA VAL A 3 6.64 1.14 12.09
C VAL A 3 5.30 1.87 12.33
N PHE A 4 4.64 2.31 11.25
CA PHE A 4 3.41 3.12 11.33
C PHE A 4 2.15 2.21 11.38
N LYS A 5 1.59 2.03 12.59
CA LYS A 5 0.35 1.26 12.81
C LYS A 5 -0.65 2.02 13.68
N ARG A 6 -1.90 1.58 13.64
CA ARG A 6 -2.99 2.19 14.42
C ARG A 6 -2.92 1.71 15.88
N VAL A 7 -2.33 2.53 16.74
CA VAL A 7 -2.23 2.24 18.18
C VAL A 7 -3.60 2.50 18.82
N ALA A 8 -4.13 1.54 19.62
CA ALA A 8 -5.45 1.68 20.29
C ALA A 8 -5.42 2.73 21.42
N GLY A 9 -5.42 4.01 20.99
CA GLY A 9 -5.39 5.16 21.90
C GLY A 9 -4.90 6.44 21.20
N ILE A 10 -3.91 6.29 20.29
CA ILE A 10 -3.30 7.42 19.56
C ILE A 10 -4.26 7.94 18.43
N LYS A 11 -5.21 8.75 18.88
CA LYS A 11 -6.26 9.38 18.04
C LYS A 11 -5.85 10.76 17.47
N ASP A 12 -4.57 11.13 17.60
CA ASP A 12 -4.08 12.49 17.25
C ASP A 12 -4.07 12.71 15.73
N LYS A 13 -4.72 13.79 15.24
CA LYS A 13 -4.86 14.07 13.79
C LYS A 13 -3.48 14.24 13.10
N ALA A 14 -2.49 14.73 13.87
CA ALA A 14 -1.09 14.87 13.43
C ALA A 14 -0.45 13.50 13.17
N ALA A 15 -0.56 12.59 14.16
CA ALA A 15 -0.04 11.21 14.07
C ALA A 15 -0.72 10.39 12.95
N ILE A 16 -2.05 10.57 12.79
CA ILE A 16 -2.85 9.87 11.75
C ILE A 16 -2.38 10.28 10.32
N LYS A 17 -2.24 11.59 10.04
CA LYS A 17 -1.81 12.08 8.70
C LYS A 17 -0.31 11.79 8.43
N THR A 18 0.52 11.67 9.48
CA THR A 18 1.91 11.16 9.37
C THR A 18 1.93 9.66 8.94
N LEU A 19 0.98 8.89 9.47
CA LEU A 19 0.73 7.47 9.08
C LEU A 19 0.26 7.39 7.60
N ILE A 20 -0.61 8.34 7.23
CA ILE A 20 -1.16 8.49 5.85
C ILE A 20 -0.04 8.89 4.84
N SER A 21 0.82 9.85 5.24
CA SER A 21 1.93 10.36 4.39
C SER A 21 3.04 9.30 4.22
N ALA A 22 3.27 8.51 5.29
CA ALA A 22 4.20 7.35 5.27
C ALA A 22 3.71 6.24 4.31
N ALA A 23 2.37 6.03 4.29
CA ALA A 23 1.71 5.07 3.37
C ALA A 23 1.92 5.48 1.89
N TYR A 24 1.80 6.79 1.63
CA TYR A 24 2.00 7.40 0.29
C TYR A 24 3.50 7.37 -0.12
N ARG A 25 4.37 7.68 0.84
CA ARG A 25 5.85 7.70 0.66
C ARG A 25 6.41 6.31 0.25
N GLN A 26 5.81 5.25 0.79
CA GLN A 26 6.22 3.86 0.49
C GLN A 26 5.61 3.41 -0.87
N ILE A 27 4.27 3.36 -0.93
CA ILE A 27 3.52 2.78 -2.07
C ILE A 27 3.68 3.60 -3.38
N PHE A 28 3.39 4.92 -3.31
CA PHE A 28 3.44 5.82 -4.48
C PHE A 28 4.89 6.25 -4.83
N GLU A 29 5.87 5.91 -3.94
CA GLU A 29 7.32 6.22 -4.12
C GLU A 29 7.59 7.73 -4.37
N ARG A 30 6.93 8.58 -3.57
CA ARG A 30 7.01 10.04 -3.71
C ARG A 30 6.75 10.76 -2.37
N ASP A 31 6.77 12.10 -2.40
CA ASP A 31 6.44 12.95 -1.24
C ASP A 31 5.34 13.94 -1.67
N ILE A 32 4.10 13.72 -1.19
CA ILE A 32 2.92 14.52 -1.61
C ILE A 32 2.73 15.75 -0.70
N ALA A 33 2.37 16.89 -1.30
CA ALA A 33 2.00 18.12 -0.57
C ALA A 33 0.68 17.89 0.20
N PRO A 34 0.57 18.35 1.51
CA PRO A 34 -0.56 18.00 2.43
C PRO A 34 -1.96 18.21 1.82
N TYR A 35 -2.12 19.37 1.15
CA TYR A 35 -3.37 19.77 0.48
C TYR A 35 -3.71 18.86 -0.74
N ILE A 36 -2.70 18.54 -1.60
CA ILE A 36 -2.91 17.65 -2.80
C ILE A 36 -3.45 16.25 -2.39
N ALA A 37 -2.85 15.71 -1.31
CA ALA A 37 -3.23 14.39 -0.72
C ALA A 37 -4.71 14.38 -0.27
N GLN A 38 -5.12 15.43 0.46
CA GLN A 38 -6.50 15.51 1.02
C GLN A 38 -7.53 15.99 -0.02
N ASN A 39 -7.09 16.51 -1.19
CA ASN A 39 -7.99 16.86 -2.31
C ASN A 39 -8.39 15.62 -3.14
N GLU A 40 -7.40 14.78 -3.51
CA GLU A 40 -7.65 13.51 -4.23
C GLU A 40 -8.31 12.47 -3.30
N PHE A 41 -7.80 12.38 -2.06
CA PHE A 41 -8.31 11.47 -1.01
C PHE A 41 -9.13 12.25 0.06
N SER A 42 -10.16 13.02 -0.39
CA SER A 42 -11.02 13.84 0.51
C SER A 42 -11.82 12.95 1.49
N GLY A 43 -12.50 11.94 0.94
CA GLY A 43 -13.21 10.94 1.75
C GLY A 43 -12.26 9.99 2.50
N TRP A 44 -11.17 9.59 1.84
CA TRP A 44 -10.26 8.51 2.29
C TRP A 44 -9.43 8.91 3.54
N GLU A 45 -8.91 10.16 3.57
CA GLU A 45 -8.20 10.72 4.75
C GLU A 45 -9.16 10.80 5.97
N SER A 46 -10.42 11.19 5.70
CA SER A 46 -11.48 11.33 6.71
C SER A 46 -11.81 9.97 7.40
N LYS A 47 -11.99 8.92 6.58
CA LYS A 47 -12.35 7.56 7.06
C LYS A 47 -11.31 7.00 8.05
N LEU A 48 -10.01 7.15 7.70
CA LEU A 48 -8.89 6.69 8.54
C LEU A 48 -8.70 7.61 9.78
N GLY A 49 -8.97 8.93 9.60
CA GLY A 49 -8.94 9.91 10.70
C GLY A 49 -10.02 9.69 11.76
N ASN A 50 -11.14 9.07 11.36
CA ASN A 50 -12.25 8.70 12.26
C ASN A 50 -12.07 7.25 12.80
N GLY A 51 -11.22 6.47 12.11
CA GLY A 51 -10.91 5.09 12.50
C GLY A 51 -12.01 4.09 12.16
N GLU A 52 -12.78 4.39 11.10
CA GLU A 52 -13.93 3.55 10.64
C GLU A 52 -13.48 2.27 9.89
N ILE A 53 -12.29 2.35 9.29
CA ILE A 53 -11.61 1.19 8.66
C ILE A 53 -10.23 0.98 9.33
N THR A 54 -9.56 -0.14 9.00
CA THR A 54 -8.17 -0.40 9.44
C THR A 54 -7.20 0.17 8.39
N VAL A 55 -5.91 0.23 8.72
CA VAL A 55 -4.88 0.67 7.76
C VAL A 55 -4.87 -0.24 6.50
N LYS A 56 -5.18 -1.55 6.69
CA LYS A 56 -5.38 -2.54 5.60
C LYS A 56 -6.26 -2.02 4.43
N GLU A 57 -7.49 -1.58 4.77
CA GLU A 57 -8.50 -1.14 3.77
C GLU A 57 -8.08 0.17 3.09
N PHE A 58 -7.53 1.10 3.90
CA PHE A 58 -6.95 2.37 3.42
C PHE A 58 -5.89 2.11 2.31
N ILE A 59 -4.94 1.22 2.63
CA ILE A 59 -3.85 0.79 1.71
C ILE A 59 -4.41 0.18 0.40
N GLU A 60 -5.45 -0.67 0.54
CA GLU A 60 -6.10 -1.30 -0.62
C GLU A 60 -6.68 -0.25 -1.61
N GLY A 61 -7.42 0.75 -1.07
CA GLY A 61 -7.95 1.85 -1.90
C GLY A 61 -6.88 2.77 -2.52
N LEU A 62 -5.65 2.74 -1.99
CA LEU A 62 -4.48 3.45 -2.60
C LEU A 62 -4.04 2.77 -3.92
N GLY A 63 -4.23 1.44 -3.96
CA GLY A 63 -4.05 0.65 -5.19
C GLY A 63 -5.15 0.84 -6.24
N TYR A 64 -6.25 1.51 -5.84
CA TYR A 64 -7.39 1.84 -6.73
C TYR A 64 -7.25 3.29 -7.31
N SER A 65 -6.25 4.05 -6.82
CA SER A 65 -6.09 5.49 -7.16
C SER A 65 -5.32 5.66 -8.47
N ASN A 66 -5.79 6.60 -9.33
CA ASN A 66 -5.16 6.89 -10.64
C ASN A 66 -3.71 7.42 -10.46
N LEU A 67 -3.40 8.00 -9.28
CA LEU A 67 -2.06 8.52 -8.94
C LEU A 67 -1.01 7.37 -8.81
N TYR A 68 -1.43 6.22 -8.24
CA TYR A 68 -0.59 5.00 -8.22
C TYR A 68 -0.54 4.33 -9.62
N LEU A 69 -1.72 4.22 -10.24
CA LEU A 69 -1.93 3.56 -11.57
C LEU A 69 -1.05 4.17 -12.69
N LYS A 70 -0.96 5.50 -12.75
CA LYS A 70 -0.14 6.21 -13.77
C LYS A 70 1.39 5.94 -13.60
N GLU A 71 1.85 5.70 -12.35
CA GLU A 71 3.30 5.52 -12.05
C GLU A 71 3.76 4.03 -12.05
N PHE A 72 2.92 3.11 -11.58
CA PHE A 72 3.31 1.68 -11.35
C PHE A 72 2.33 0.68 -12.01
N TYR A 73 1.76 1.08 -13.15
CA TYR A 73 0.87 0.21 -13.95
C TYR A 73 0.95 0.57 -15.45
N THR A 74 0.70 1.85 -15.76
CA THR A 74 0.61 2.33 -17.17
C THR A 74 1.98 2.30 -17.92
N PRO A 75 3.17 2.75 -17.31
CA PRO A 75 4.49 2.66 -18.00
C PRO A 75 5.16 1.26 -17.89
N TYR A 76 4.42 0.27 -17.36
CA TYR A 76 4.94 -1.09 -17.08
C TYR A 76 4.00 -2.18 -17.66
N PRO A 77 4.56 -3.30 -18.23
CA PRO A 77 3.75 -4.47 -18.66
C PRO A 77 3.06 -5.18 -17.46
N ASN A 78 2.09 -6.07 -17.75
CA ASN A 78 1.23 -6.71 -16.73
C ASN A 78 2.05 -7.43 -15.62
N THR A 79 3.14 -8.12 -16.03
CA THR A 79 4.06 -8.82 -15.11
C THR A 79 4.87 -7.87 -14.19
N LYS A 80 5.36 -6.74 -14.73
CA LYS A 80 6.13 -5.75 -13.92
C LYS A 80 5.25 -5.10 -12.82
N VAL A 81 3.94 -4.94 -13.12
CA VAL A 81 2.95 -4.42 -12.14
C VAL A 81 2.80 -5.39 -10.95
N ILE A 82 3.02 -6.68 -11.22
CA ILE A 82 2.89 -7.76 -10.22
C ILE A 82 4.01 -7.71 -9.16
N GLU A 83 5.29 -7.64 -9.58
CA GLU A 83 6.44 -7.57 -8.65
C GLU A 83 6.50 -6.20 -7.93
N LEU A 84 6.33 -5.07 -8.68
CA LEU A 84 6.19 -3.71 -8.11
C LEU A 84 4.94 -3.58 -7.22
N GLY A 85 3.92 -4.38 -7.52
CA GLY A 85 2.68 -4.43 -6.74
C GLY A 85 2.87 -5.14 -5.40
N THR A 86 3.62 -6.27 -5.43
CA THR A 86 3.91 -7.07 -4.23
C THR A 86 4.85 -6.32 -3.25
N LYS A 87 5.94 -5.70 -3.74
CA LYS A 87 6.90 -4.98 -2.85
C LYS A 87 6.33 -3.66 -2.25
N HIS A 88 5.32 -3.05 -2.92
CA HIS A 88 4.59 -1.88 -2.35
C HIS A 88 3.40 -2.28 -1.41
N PHE A 89 2.70 -3.40 -1.68
CA PHE A 89 1.50 -3.81 -0.86
C PHE A 89 1.80 -4.97 0.11
N LEU A 90 2.53 -5.99 -0.33
CA LEU A 90 2.95 -7.11 0.55
C LEU A 90 4.34 -6.89 1.17
N GLY A 91 5.12 -5.92 0.61
CA GLY A 91 6.52 -5.66 1.02
C GLY A 91 7.42 -6.90 1.03
N ARG A 92 6.96 -7.99 0.37
CA ARG A 92 7.47 -9.37 0.60
C ARG A 92 8.51 -9.78 -0.45
N ALA A 93 8.06 -10.30 -1.62
CA ALA A 93 8.92 -10.97 -2.61
C ALA A 93 8.03 -11.53 -3.76
N PRO A 94 8.44 -11.38 -5.06
CA PRO A 94 7.81 -12.16 -6.15
C PRO A 94 8.16 -13.67 -5.99
N ILE A 95 7.14 -14.54 -5.90
CA ILE A 95 7.35 -15.96 -5.49
C ILE A 95 7.92 -16.80 -6.66
N ASP A 96 7.16 -16.94 -7.75
CA ASP A 96 7.48 -17.86 -8.87
C ASP A 96 6.72 -17.37 -10.13
N GLN A 97 7.08 -17.87 -11.33
CA GLN A 97 6.40 -17.48 -12.59
C GLN A 97 4.91 -17.97 -12.62
N ALA A 98 4.61 -19.07 -11.90
CA ALA A 98 3.23 -19.58 -11.74
C ALA A 98 2.37 -18.64 -10.84
N GLU A 99 3.00 -18.10 -9.77
CA GLU A 99 2.38 -17.06 -8.91
C GLU A 99 2.14 -15.76 -9.70
N ILE A 100 3.16 -15.35 -10.47
CA ILE A 100 3.07 -14.20 -11.37
C ILE A 100 1.95 -14.40 -12.41
N ARG A 101 1.77 -15.65 -12.89
CA ARG A 101 0.68 -16.01 -13.83
C ARG A 101 -0.70 -15.93 -13.15
N LYS A 102 -0.77 -16.23 -11.84
CA LYS A 102 -2.05 -16.17 -11.07
C LYS A 102 -2.50 -14.70 -10.86
N TYR A 103 -1.61 -13.82 -10.39
CA TYR A 103 -1.89 -12.36 -10.28
C TYR A 103 -2.15 -11.72 -11.68
N ASN A 104 -1.39 -12.16 -12.70
CA ASN A 104 -1.62 -11.80 -14.13
C ASN A 104 -3.01 -12.26 -14.61
N GLN A 105 -3.46 -13.43 -14.11
CA GLN A 105 -4.76 -14.01 -14.46
C GLN A 105 -5.92 -13.18 -13.86
N ILE A 106 -5.77 -12.77 -12.57
CA ILE A 106 -6.77 -11.93 -11.86
C ILE A 106 -6.88 -10.53 -12.52
N LEU A 107 -5.73 -9.96 -12.87
CA LEU A 107 -5.60 -8.68 -13.59
C LEU A 107 -6.19 -8.75 -15.03
N ALA A 108 -6.07 -9.92 -15.69
CA ALA A 108 -6.56 -10.12 -17.08
C ALA A 108 -8.08 -10.37 -17.12
N THR A 109 -8.58 -11.25 -16.23
CA THR A 109 -10.02 -11.61 -16.13
C THR A 109 -10.85 -10.44 -15.55
N GLN A 110 -10.34 -9.81 -14.48
CA GLN A 110 -11.07 -8.75 -13.74
C GLN A 110 -10.43 -7.36 -13.94
N GLY A 111 -9.22 -7.13 -13.39
CA GLY A 111 -8.58 -5.80 -13.44
C GLY A 111 -7.69 -5.49 -12.22
N ILE A 112 -7.26 -4.21 -12.12
CA ILE A 112 -6.28 -3.75 -11.09
C ILE A 112 -6.84 -3.83 -9.65
N ARG A 113 -8.13 -3.50 -9.48
CA ARG A 113 -8.78 -3.46 -8.14
C ARG A 113 -8.86 -4.86 -7.51
N ALA A 114 -9.04 -5.88 -8.38
CA ALA A 114 -9.13 -7.29 -7.97
C ALA A 114 -7.73 -7.85 -7.67
N PHE A 115 -6.73 -7.36 -8.45
CA PHE A 115 -5.29 -7.68 -8.25
C PHE A 115 -4.79 -7.16 -6.87
N ILE A 116 -5.04 -5.87 -6.59
CA ILE A 116 -4.65 -5.20 -5.33
C ILE A 116 -5.36 -5.86 -4.12
N ASN A 117 -6.70 -6.01 -4.20
CA ASN A 117 -7.52 -6.78 -3.23
C ASN A 117 -6.92 -8.19 -2.94
N ALA A 118 -6.56 -8.93 -4.01
CA ALA A 118 -5.94 -10.28 -3.91
C ALA A 118 -4.62 -10.28 -3.12
N LEU A 119 -3.85 -9.17 -3.23
CA LEU A 119 -2.64 -8.95 -2.41
C LEU A 119 -3.01 -8.67 -0.92
N VAL A 120 -3.83 -7.63 -0.71
CA VAL A 120 -4.08 -7.03 0.63
C VAL A 120 -4.76 -8.00 1.65
N ASN A 121 -5.68 -8.87 1.19
CA ASN A 121 -6.29 -9.90 2.07
C ASN A 121 -5.78 -11.34 1.73
N SER A 122 -4.49 -11.45 1.36
CA SER A 122 -3.80 -12.75 1.21
C SER A 122 -3.28 -13.27 2.57
N GLN A 123 -2.81 -14.52 2.58
CA GLN A 123 -2.19 -15.17 3.76
C GLN A 123 -0.81 -14.51 4.07
N GLU A 124 -0.16 -14.07 3.00
CA GLU A 124 1.20 -13.48 2.99
C GLU A 124 1.23 -12.11 3.69
N TYR A 125 0.16 -11.32 3.50
CA TYR A 125 -0.03 -10.02 4.20
C TYR A 125 -0.45 -10.25 5.67
N ASN A 126 -1.31 -11.27 5.88
CA ASN A 126 -1.97 -11.55 7.18
C ASN A 126 -0.96 -11.70 8.34
N GLU A 127 -0.07 -12.71 8.25
CA GLU A 127 0.78 -13.12 9.39
C GLU A 127 1.93 -12.12 9.64
N VAL A 128 2.51 -11.62 8.53
CA VAL A 128 3.69 -10.74 8.56
C VAL A 128 3.35 -9.33 9.11
N PHE A 129 2.21 -8.76 8.65
CA PHE A 129 1.80 -7.37 9.00
C PHE A 129 0.70 -7.36 10.08
N GLY A 130 -0.32 -8.22 9.91
CA GLY A 130 -1.46 -8.26 10.85
C GLY A 130 -2.53 -7.21 10.59
N GLU A 131 -2.53 -6.66 9.35
CA GLU A 131 -3.54 -5.69 8.78
C GLU A 131 -3.75 -4.35 9.58
N ASP A 132 -3.05 -4.17 10.70
CA ASP A 132 -3.16 -2.96 11.54
C ASP A 132 -2.10 -1.90 11.16
N THR A 133 -1.05 -2.35 10.45
CA THR A 133 0.10 -1.49 10.06
C THR A 133 0.12 -1.18 8.55
N VAL A 134 0.90 -0.14 8.21
CA VAL A 134 1.28 0.19 6.82
C VAL A 134 2.25 -0.90 6.32
N PRO A 135 2.11 -1.40 5.04
CA PRO A 135 3.08 -2.35 4.44
C PRO A 135 4.52 -1.78 4.42
N TYR A 136 5.24 -2.01 5.53
CA TYR A 136 6.66 -1.65 5.63
C TYR A 136 7.48 -2.58 4.72
N ARG A 137 7.97 -2.00 3.61
CA ARG A 137 8.92 -2.66 2.69
C ARG A 137 10.07 -3.37 3.45
N ARG A 138 10.07 -4.71 3.37
CA ARG A 138 10.99 -5.59 4.14
C ARG A 138 12.37 -5.75 3.43
N PHE A 139 12.63 -4.88 2.43
CA PHE A 139 13.88 -4.84 1.66
C PHE A 139 14.90 -3.86 2.32
N PRO A 140 16.06 -4.37 2.84
CA PRO A 140 17.17 -3.52 3.39
C PRO A 140 17.77 -2.57 2.31
N THR A 141 17.82 -3.05 1.06
CA THR A 141 18.27 -2.25 -0.13
C THR A 141 17.16 -1.28 -0.63
N LEU A 142 17.54 -0.38 -1.56
CA LEU A 142 16.63 0.64 -2.18
C LEU A 142 16.18 1.73 -1.16
N GLU A 143 16.96 1.88 -0.07
CA GLU A 143 16.68 2.80 1.06
C GLU A 143 16.60 4.30 0.60
N HIS A 144 17.31 4.61 -0.51
CA HIS A 144 17.48 5.99 -1.05
C HIS A 144 16.14 6.78 -1.24
N HIS A 145 15.00 6.06 -1.45
CA HIS A 145 13.59 6.61 -1.59
C HIS A 145 13.45 7.85 -2.55
N HIS A 146 12.68 7.68 -3.63
CA HIS A 146 12.63 8.65 -4.77
C HIS A 146 11.84 9.95 -4.46
N HIS A 147 12.47 11.09 -4.80
CA HIS A 147 11.80 12.42 -4.90
C HIS A 147 11.54 12.75 -6.39
N HIS A 148 10.65 13.72 -6.65
CA HIS A 148 10.40 14.27 -7.99
C HIS A 148 9.98 15.75 -7.92
N HIS A 149 10.68 16.62 -8.67
CA HIS A 149 10.39 18.07 -8.74
C HIS A 149 9.66 18.40 -10.05
N MET A 1 13.51 5.14 13.24
CA MET A 1 13.45 4.83 14.70
C MET A 1 12.05 4.31 15.12
N LYS A 2 10.97 4.90 14.57
CA LYS A 2 9.56 4.60 14.99
C LYS A 2 8.75 3.95 13.85
N VAL A 3 7.63 3.30 14.23
CA VAL A 3 6.72 2.59 13.30
C VAL A 3 5.28 3.11 13.51
N PHE A 4 4.65 3.58 12.42
CA PHE A 4 3.31 4.17 12.46
C PHE A 4 2.22 3.08 12.42
N LYS A 5 1.34 3.10 13.44
CA LYS A 5 0.22 2.16 13.61
C LYS A 5 -0.87 2.82 14.49
N ARG A 6 -2.02 2.15 14.63
CA ARG A 6 -3.18 2.70 15.36
C ARG A 6 -3.30 2.10 16.77
N VAL A 7 -3.14 2.99 17.78
CA VAL A 7 -3.29 2.67 19.23
C VAL A 7 -4.81 2.60 19.64
N ALA A 8 -5.68 2.77 18.62
CA ALA A 8 -7.16 2.78 18.73
C ALA A 8 -7.64 4.14 19.27
N GLY A 9 -7.34 4.46 20.55
CA GLY A 9 -7.73 5.74 21.16
C GLY A 9 -6.73 6.88 20.89
N ILE A 10 -6.35 7.05 19.61
CA ILE A 10 -5.54 8.20 19.16
C ILE A 10 -6.38 9.49 19.15
N LYS A 11 -7.55 9.42 18.44
CA LYS A 11 -8.45 10.57 18.14
C LYS A 11 -7.77 11.60 17.18
N ASP A 12 -6.70 12.24 17.69
CA ASP A 12 -5.95 13.35 17.07
C ASP A 12 -5.63 13.16 15.55
N LYS A 13 -5.90 14.24 14.81
CA LYS A 13 -5.77 14.30 13.32
C LYS A 13 -4.30 14.50 12.86
N ALA A 14 -3.48 15.11 13.73
CA ALA A 14 -2.06 15.41 13.44
C ALA A 14 -1.21 14.11 13.41
N ALA A 15 -1.31 13.28 14.47
CA ALA A 15 -0.78 11.90 14.46
C ALA A 15 -1.26 11.06 13.25
N ILE A 16 -2.58 11.04 13.00
CA ILE A 16 -3.19 10.26 11.88
C ILE A 16 -2.59 10.63 10.50
N LYS A 17 -2.40 11.94 10.22
CA LYS A 17 -1.92 12.39 8.87
C LYS A 17 -0.45 11.95 8.58
N THR A 18 0.39 11.81 9.63
CA THR A 18 1.79 11.32 9.49
C THR A 18 1.81 9.80 9.16
N LEU A 19 1.05 9.03 9.95
CA LEU A 19 0.66 7.63 9.64
C LEU A 19 0.22 7.46 8.15
N ILE A 20 -0.65 8.39 7.68
CA ILE A 20 -1.14 8.45 6.28
C ILE A 20 0.00 8.75 5.27
N SER A 21 0.96 9.61 5.67
CA SER A 21 2.12 10.01 4.81
C SER A 21 3.00 8.78 4.43
N ALA A 22 3.36 7.97 5.45
CA ALA A 22 4.13 6.71 5.23
C ALA A 22 3.30 5.65 4.46
N ALA A 23 2.00 5.56 4.83
CA ALA A 23 0.99 4.76 4.10
C ALA A 23 0.97 5.06 2.57
N TYR A 24 1.29 6.31 2.17
CA TYR A 24 1.55 6.68 0.75
C TYR A 24 2.97 6.22 0.29
N ARG A 25 3.97 6.55 1.13
CA ARG A 25 5.43 6.46 0.78
C ARG A 25 5.92 5.08 0.31
N GLN A 26 5.26 4.00 0.75
CA GLN A 26 5.63 2.63 0.29
C GLN A 26 4.89 2.26 -1.01
N ILE A 27 3.60 2.62 -1.09
CA ILE A 27 2.70 2.22 -2.21
C ILE A 27 2.99 3.04 -3.48
N PHE A 28 2.89 4.38 -3.37
CA PHE A 28 3.26 5.32 -4.47
C PHE A 28 4.80 5.52 -4.58
N GLU A 29 5.54 4.93 -3.60
CA GLU A 29 7.02 4.96 -3.51
C GLU A 29 7.60 6.41 -3.55
N ARG A 30 6.89 7.35 -2.89
CA ARG A 30 7.29 8.78 -2.85
C ARG A 30 6.74 9.51 -1.62
N ASP A 31 7.48 10.55 -1.19
CA ASP A 31 6.98 11.54 -0.23
C ASP A 31 5.92 12.43 -0.92
N ILE A 32 4.63 12.16 -0.65
CA ILE A 32 3.52 12.96 -1.22
C ILE A 32 3.32 14.24 -0.37
N ALA A 33 3.33 15.40 -1.07
CA ALA A 33 3.09 16.72 -0.47
C ALA A 33 1.66 16.80 0.14
N PRO A 34 1.51 17.31 1.41
CA PRO A 34 0.18 17.33 2.12
C PRO A 34 -0.91 18.12 1.36
N TYR A 35 -0.50 19.19 0.64
CA TYR A 35 -1.43 20.02 -0.16
C TYR A 35 -2.00 19.27 -1.40
N ILE A 36 -1.30 18.23 -1.86
CA ILE A 36 -1.81 17.33 -2.94
C ILE A 36 -2.77 16.28 -2.33
N ALA A 37 -2.32 15.65 -1.23
CA ALA A 37 -3.05 14.57 -0.53
C ALA A 37 -4.43 15.03 0.03
N GLN A 38 -4.51 16.32 0.42
CA GLN A 38 -5.74 16.89 1.02
C GLN A 38 -6.83 17.19 -0.05
N ASN A 39 -6.40 17.27 -1.33
CA ASN A 39 -7.31 17.43 -2.47
C ASN A 39 -7.95 16.09 -2.89
N GLU A 40 -7.11 15.04 -3.00
CA GLU A 40 -7.56 13.74 -3.56
C GLU A 40 -8.20 12.83 -2.47
N PHE A 41 -7.42 12.51 -1.43
CA PHE A 41 -7.87 11.64 -0.30
C PHE A 41 -8.44 12.46 0.89
N SER A 42 -9.24 13.49 0.57
CA SER A 42 -9.80 14.44 1.58
C SER A 42 -10.83 13.73 2.53
N GLY A 43 -11.79 13.04 1.92
CA GLY A 43 -12.82 12.25 2.64
C GLY A 43 -12.29 10.92 3.19
N TRP A 44 -11.29 10.38 2.49
CA TRP A 44 -10.69 9.06 2.79
C TRP A 44 -9.94 9.05 4.17
N GLU A 45 -9.49 10.24 4.63
CA GLU A 45 -8.95 10.43 6.02
C GLU A 45 -10.09 10.27 7.07
N SER A 46 -11.25 10.90 6.79
CA SER A 46 -12.41 10.97 7.72
C SER A 46 -12.91 9.56 8.14
N LYS A 47 -12.78 8.59 7.25
CA LYS A 47 -13.10 7.18 7.56
C LYS A 47 -12.04 6.53 8.49
N LEU A 48 -10.75 6.92 8.30
CA LEU A 48 -9.61 6.26 8.99
C LEU A 48 -9.51 6.62 10.50
N GLY A 49 -9.32 7.92 10.84
CA GLY A 49 -9.03 8.32 12.24
C GLY A 49 -10.23 8.15 13.19
N ASN A 50 -11.44 8.42 12.69
CA ASN A 50 -12.72 8.22 13.43
C ASN A 50 -12.96 6.75 13.87
N GLY A 51 -12.22 5.80 13.26
CA GLY A 51 -12.17 4.40 13.72
C GLY A 51 -12.99 3.43 12.87
N GLU A 52 -13.57 3.91 11.76
CA GLU A 52 -14.49 3.12 10.92
C GLU A 52 -13.75 2.03 10.12
N ILE A 53 -12.86 2.46 9.21
CA ILE A 53 -12.03 1.54 8.39
C ILE A 53 -10.73 1.11 9.15
N THR A 54 -9.60 0.96 8.43
CA THR A 54 -8.39 0.28 8.92
C THR A 54 -7.24 0.52 7.94
N VAL A 55 -5.99 0.49 8.44
CA VAL A 55 -4.80 0.90 7.64
C VAL A 55 -4.62 0.06 6.35
N LYS A 56 -5.04 -1.23 6.36
CA LYS A 56 -4.88 -2.12 5.19
C LYS A 56 -5.93 -1.80 4.10
N GLU A 57 -7.20 -1.59 4.52
CA GLU A 57 -8.30 -1.16 3.62
C GLU A 57 -8.07 0.29 3.11
N PHE A 58 -7.26 1.04 3.86
CA PHE A 58 -6.93 2.44 3.53
C PHE A 58 -5.94 2.42 2.34
N ILE A 59 -4.96 1.53 2.48
CA ILE A 59 -3.89 1.26 1.51
C ILE A 59 -4.38 0.53 0.24
N GLU A 60 -5.41 -0.32 0.38
CA GLU A 60 -6.08 -0.96 -0.77
C GLU A 60 -6.74 0.10 -1.68
N GLY A 61 -7.48 1.04 -1.05
CA GLY A 61 -7.98 2.26 -1.73
C GLY A 61 -6.89 3.08 -2.44
N LEU A 62 -5.66 3.13 -1.88
CA LEU A 62 -4.48 3.80 -2.51
C LEU A 62 -3.99 3.02 -3.76
N GLY A 63 -4.26 1.69 -3.78
CA GLY A 63 -3.97 0.84 -4.94
C GLY A 63 -5.04 0.92 -6.04
N TYR A 64 -6.26 1.32 -5.64
CA TYR A 64 -7.39 1.58 -6.57
C TYR A 64 -7.34 3.05 -7.11
N SER A 65 -6.27 3.79 -6.76
CA SER A 65 -6.09 5.21 -7.16
C SER A 65 -5.45 5.30 -8.55
N ASN A 66 -6.06 6.11 -9.46
CA ASN A 66 -5.63 6.22 -10.87
C ASN A 66 -4.19 6.77 -11.03
N LEU A 67 -3.65 7.39 -9.94
CA LEU A 67 -2.25 7.86 -9.90
C LEU A 67 -1.27 6.67 -10.06
N TYR A 68 -1.34 5.67 -9.14
CA TYR A 68 -0.61 4.38 -9.27
C TYR A 68 -0.92 3.64 -10.62
N LEU A 69 -2.19 3.74 -11.06
CA LEU A 69 -2.65 3.15 -12.35
C LEU A 69 -1.97 3.79 -13.59
N LYS A 70 -1.60 5.08 -13.52
CA LYS A 70 -1.06 5.77 -14.71
C LYS A 70 0.48 5.69 -14.79
N GLU A 71 1.20 5.82 -13.64
CA GLU A 71 2.68 5.88 -13.63
C GLU A 71 3.39 4.52 -13.80
N PHE A 72 3.08 3.50 -12.96
CA PHE A 72 3.58 2.12 -13.17
C PHE A 72 2.70 1.31 -14.15
N TYR A 73 1.42 1.14 -13.83
CA TYR A 73 0.54 0.16 -14.51
C TYR A 73 0.47 0.33 -16.06
N THR A 74 0.28 1.57 -16.55
CA THR A 74 0.07 1.84 -18.00
C THR A 74 1.35 1.62 -18.87
N PRO A 75 2.55 2.29 -18.60
CA PRO A 75 3.78 2.09 -19.42
C PRO A 75 4.42 0.70 -19.20
N TYR A 76 4.24 0.12 -18.00
CA TYR A 76 4.82 -1.19 -17.64
C TYR A 76 3.83 -2.33 -17.91
N PRO A 77 4.32 -3.51 -18.43
CA PRO A 77 3.47 -4.71 -18.67
C PRO A 77 2.69 -5.17 -17.41
N ASN A 78 1.47 -5.70 -17.61
CA ASN A 78 0.79 -6.62 -16.63
C ASN A 78 1.81 -7.50 -15.81
N THR A 79 2.81 -8.11 -16.49
CA THR A 79 3.82 -8.99 -15.85
C THR A 79 4.83 -8.18 -14.97
N LYS A 80 5.01 -6.87 -15.24
CA LYS A 80 5.94 -6.02 -14.47
C LYS A 80 5.18 -5.33 -13.29
N VAL A 81 3.85 -5.11 -13.48
CA VAL A 81 2.95 -4.53 -12.45
C VAL A 81 2.87 -5.47 -11.22
N ILE A 82 3.09 -6.77 -11.47
CA ILE A 82 3.09 -7.83 -10.44
C ILE A 82 4.24 -7.67 -9.43
N GLU A 83 5.47 -7.46 -9.92
CA GLU A 83 6.67 -7.44 -9.03
C GLU A 83 6.77 -6.09 -8.28
N LEU A 84 6.85 -4.97 -9.03
CA LEU A 84 6.54 -3.60 -8.53
C LEU A 84 5.28 -3.50 -7.63
N GLY A 85 4.26 -4.33 -7.88
CA GLY A 85 3.03 -4.32 -7.07
C GLY A 85 3.25 -5.01 -5.71
N THR A 86 3.82 -6.21 -5.77
CA THR A 86 4.11 -7.07 -4.59
C THR A 86 5.08 -6.36 -3.58
N LYS A 87 5.99 -5.51 -4.08
CA LYS A 87 6.93 -4.77 -3.21
C LYS A 87 6.23 -3.59 -2.50
N HIS A 88 5.64 -2.68 -3.30
CA HIS A 88 4.78 -1.58 -2.77
C HIS A 88 3.67 -2.02 -1.79
N PHE A 89 3.13 -3.25 -1.92
CA PHE A 89 2.11 -3.77 -0.97
C PHE A 89 2.69 -4.77 0.06
N LEU A 90 3.12 -5.98 -0.38
CA LEU A 90 3.55 -7.05 0.57
C LEU A 90 4.90 -6.75 1.26
N GLY A 91 5.77 -5.97 0.58
CA GLY A 91 7.13 -5.69 1.06
C GLY A 91 8.13 -6.79 0.71
N ARG A 92 7.93 -7.41 -0.47
CA ARG A 92 8.79 -8.49 -1.01
C ARG A 92 8.71 -8.54 -2.55
N ALA A 93 9.40 -9.51 -3.17
CA ALA A 93 9.26 -9.83 -4.61
C ALA A 93 8.39 -11.12 -4.77
N PRO A 94 7.86 -11.44 -6.00
CA PRO A 94 7.21 -12.75 -6.28
C PRO A 94 8.21 -13.95 -6.13
N ILE A 95 7.70 -15.20 -6.23
CA ILE A 95 8.48 -16.40 -5.85
C ILE A 95 8.66 -17.34 -7.09
N ASP A 96 7.66 -18.22 -7.30
CA ASP A 96 7.56 -19.07 -8.50
C ASP A 96 6.79 -18.30 -9.57
N GLN A 97 6.67 -18.76 -10.84
CA GLN A 97 5.90 -18.04 -11.85
C GLN A 97 4.39 -18.25 -11.58
N ALA A 98 4.03 -19.18 -10.66
CA ALA A 98 2.63 -19.46 -10.26
C ALA A 98 2.02 -18.26 -9.52
N GLU A 99 2.85 -17.62 -8.68
CA GLU A 99 2.56 -16.30 -8.07
C GLU A 99 2.24 -15.26 -9.17
N ILE A 100 3.17 -15.14 -10.13
CA ILE A 100 3.09 -14.21 -11.27
C ILE A 100 1.91 -14.55 -12.22
N ARG A 101 1.63 -15.85 -12.41
CA ARG A 101 0.63 -16.33 -13.41
C ARG A 101 -0.79 -16.06 -12.89
N LYS A 102 -0.96 -16.27 -11.58
CA LYS A 102 -2.24 -16.04 -10.89
C LYS A 102 -2.68 -14.57 -10.99
N TYR A 103 -1.81 -13.63 -10.52
CA TYR A 103 -2.07 -12.17 -10.60
C TYR A 103 -2.22 -11.67 -12.07
N ASN A 104 -1.21 -12.00 -12.89
CA ASN A 104 -1.23 -11.73 -14.38
C ASN A 104 -2.59 -12.08 -15.04
N GLN A 105 -3.11 -13.28 -14.74
CA GLN A 105 -4.40 -13.76 -15.28
C GLN A 105 -5.61 -13.03 -14.65
N ILE A 106 -5.55 -12.82 -13.32
CA ILE A 106 -6.60 -12.11 -12.54
C ILE A 106 -6.81 -10.66 -13.04
N LEU A 107 -5.71 -9.89 -13.08
CA LEU A 107 -5.67 -8.55 -13.71
C LEU A 107 -6.23 -8.56 -15.16
N ALA A 108 -5.69 -9.45 -16.01
CA ALA A 108 -6.07 -9.52 -17.45
C ALA A 108 -7.58 -9.78 -17.66
N THR A 109 -8.12 -10.79 -16.96
CA THR A 109 -9.56 -11.15 -17.01
C THR A 109 -10.48 -10.08 -16.36
N GLN A 110 -10.19 -9.69 -15.11
CA GLN A 110 -11.08 -8.84 -14.28
C GLN A 110 -10.62 -7.36 -14.25
N GLY A 111 -9.40 -7.10 -13.70
CA GLY A 111 -8.89 -5.72 -13.58
C GLY A 111 -7.90 -5.52 -12.43
N ILE A 112 -7.52 -4.25 -12.19
CA ILE A 112 -6.51 -3.86 -11.18
C ILE A 112 -7.00 -4.09 -9.74
N ARG A 113 -8.31 -3.91 -9.49
CA ARG A 113 -8.90 -4.04 -8.14
C ARG A 113 -8.77 -5.49 -7.63
N ALA A 114 -9.32 -6.42 -8.44
CA ALA A 114 -9.10 -7.87 -8.28
C ALA A 114 -7.59 -8.27 -8.14
N PHE A 115 -6.69 -7.49 -8.78
CA PHE A 115 -5.22 -7.68 -8.65
C PHE A 115 -4.67 -7.14 -7.28
N ILE A 116 -5.14 -5.95 -6.83
CA ILE A 116 -4.64 -5.30 -5.60
C ILE A 116 -5.15 -6.05 -4.36
N ASN A 117 -6.48 -6.27 -4.30
CA ASN A 117 -7.14 -7.22 -3.36
C ASN A 117 -6.40 -8.58 -3.23
N ALA A 118 -5.88 -9.10 -4.36
CA ALA A 118 -5.09 -10.35 -4.38
C ALA A 118 -3.77 -10.25 -3.56
N LEU A 119 -3.15 -9.05 -3.55
CA LEU A 119 -1.93 -8.76 -2.75
C LEU A 119 -2.29 -8.38 -1.29
N VAL A 120 -3.08 -7.30 -1.15
CA VAL A 120 -3.57 -6.75 0.14
C VAL A 120 -4.12 -7.85 1.09
N ASN A 121 -5.03 -8.71 0.57
CA ASN A 121 -5.69 -9.76 1.39
C ASN A 121 -5.04 -11.15 1.19
N SER A 122 -3.80 -11.20 0.64
CA SER A 122 -2.96 -12.44 0.68
C SER A 122 -2.41 -12.61 2.12
N GLN A 123 -1.91 -13.81 2.46
CA GLN A 123 -1.56 -14.15 3.85
C GLN A 123 -0.28 -13.40 4.31
N GLU A 124 0.56 -12.98 3.33
CA GLU A 124 1.85 -12.31 3.63
C GLU A 124 1.67 -10.94 4.32
N TYR A 125 0.85 -10.04 3.70
CA TYR A 125 0.51 -8.74 4.32
C TYR A 125 -0.23 -8.98 5.65
N ASN A 126 -1.13 -9.98 5.63
CA ASN A 126 -1.95 -10.36 6.80
C ASN A 126 -1.10 -10.75 8.04
N GLU A 127 0.00 -11.53 7.85
CA GLU A 127 0.86 -11.98 8.97
C GLU A 127 1.90 -10.91 9.40
N VAL A 128 2.59 -10.32 8.40
CA VAL A 128 3.68 -9.34 8.66
C VAL A 128 3.13 -8.00 9.23
N PHE A 129 2.00 -7.51 8.68
CA PHE A 129 1.36 -6.25 9.12
C PHE A 129 -0.04 -6.51 9.74
N GLY A 130 -0.99 -6.93 8.89
CA GLY A 130 -2.37 -7.24 9.31
C GLY A 130 -3.35 -6.14 8.91
N GLU A 131 -4.14 -5.66 9.88
CA GLU A 131 -5.13 -4.57 9.67
C GLU A 131 -4.49 -3.18 9.88
N ASP A 132 -4.21 -2.81 11.15
CA ASP A 132 -3.76 -1.45 11.51
C ASP A 132 -2.24 -1.37 11.77
N THR A 133 -1.47 -1.57 10.70
CA THR A 133 0.00 -1.40 10.68
C THR A 133 0.45 -0.93 9.29
N VAL A 134 1.17 0.21 9.24
CA VAL A 134 1.75 0.74 7.99
C VAL A 134 2.95 -0.14 7.53
N PRO A 135 3.09 -0.45 6.19
CA PRO A 135 4.26 -1.17 5.64
C PRO A 135 5.61 -0.51 6.01
N TYR A 136 6.16 -0.94 7.15
CA TYR A 136 7.47 -0.50 7.64
C TYR A 136 8.61 -1.11 6.82
N ARG A 137 9.83 -0.58 7.05
CA ARG A 137 11.07 -1.05 6.38
C ARG A 137 11.35 -2.56 6.65
N ARG A 138 10.87 -3.42 5.74
CA ARG A 138 11.28 -4.85 5.71
C ARG A 138 12.68 -4.97 5.07
N PHE A 139 13.01 -4.00 4.21
CA PHE A 139 14.32 -3.89 3.53
C PHE A 139 15.22 -2.91 4.33
N PRO A 140 16.59 -3.09 4.34
CA PRO A 140 17.53 -2.20 5.07
C PRO A 140 17.69 -0.78 4.44
N THR A 141 16.93 -0.52 3.35
CA THR A 141 16.89 0.78 2.62
C THR A 141 18.31 1.23 2.19
N LEU A 142 18.97 0.36 1.41
CA LEU A 142 20.38 0.54 1.01
C LEU A 142 20.50 1.54 -0.18
N GLU A 143 20.46 2.83 0.15
CA GLU A 143 20.75 3.94 -0.77
C GLU A 143 21.75 4.90 -0.12
N HIS A 144 23.03 4.81 -0.55
CA HIS A 144 24.14 5.59 0.03
C HIS A 144 24.07 7.10 -0.36
N HIS A 145 23.36 7.40 -1.47
CA HIS A 145 23.16 8.79 -1.93
C HIS A 145 22.39 9.62 -0.87
N HIS A 146 23.07 10.61 -0.28
CA HIS A 146 22.47 11.55 0.68
C HIS A 146 21.47 12.47 -0.07
N HIS A 147 20.19 12.10 -0.05
CA HIS A 147 19.11 12.85 -0.71
C HIS A 147 18.21 13.57 0.34
N HIS A 148 17.31 14.42 -0.16
CA HIS A 148 16.34 15.18 0.67
C HIS A 148 15.28 14.22 1.30
N HIS A 149 14.51 14.70 2.31
CA HIS A 149 13.62 13.81 3.14
C HIS A 149 12.65 12.97 2.25
N MET A 1 11.47 8.15 11.75
CA MET A 1 11.14 6.70 11.57
C MET A 1 10.30 6.18 12.77
N LYS A 2 9.05 5.74 12.47
CA LYS A 2 8.14 5.13 13.48
C LYS A 2 7.45 3.87 12.89
N VAL A 3 6.75 3.14 13.77
CA VAL A 3 5.79 2.08 13.37
C VAL A 3 4.44 2.76 12.95
N PHE A 4 4.12 3.90 13.63
CA PHE A 4 2.91 4.75 13.42
C PHE A 4 1.59 4.05 13.87
N LYS A 5 1.69 2.80 14.37
CA LYS A 5 0.54 1.89 14.69
C LYS A 5 -0.59 2.59 15.51
N ARG A 6 -1.77 2.73 14.86
CA ARG A 6 -2.98 3.35 15.46
C ARG A 6 -3.40 2.77 16.85
N VAL A 7 -2.93 3.46 17.90
CA VAL A 7 -3.43 3.39 19.32
C VAL A 7 -5.01 3.45 19.39
N ALA A 8 -5.60 3.37 20.61
CA ALA A 8 -7.05 3.40 20.81
C ALA A 8 -7.52 4.86 20.60
N GLY A 9 -8.59 5.04 19.79
CA GLY A 9 -8.96 6.29 19.07
C GLY A 9 -8.25 7.58 19.48
N ILE A 10 -6.97 7.71 19.07
CA ILE A 10 -6.12 8.87 19.40
C ILE A 10 -6.65 10.15 18.69
N LYS A 11 -6.74 11.27 19.44
CA LYS A 11 -7.42 12.51 18.99
C LYS A 11 -6.51 13.39 18.10
N ASP A 12 -5.21 13.10 18.09
CA ASP A 12 -4.19 14.02 17.58
C ASP A 12 -4.10 13.95 16.04
N LYS A 13 -4.51 15.06 15.37
CA LYS A 13 -4.42 15.19 13.90
C LYS A 13 -2.95 15.21 13.40
N ALA A 14 -1.98 15.32 14.32
CA ALA A 14 -0.55 15.13 14.02
C ALA A 14 -0.25 13.62 13.86
N ALA A 15 -0.68 12.84 14.87
CA ALA A 15 -0.62 11.36 14.89
C ALA A 15 -1.39 10.73 13.70
N ILE A 16 -2.52 11.36 13.29
CA ILE A 16 -3.38 10.87 12.19
C ILE A 16 -2.75 11.22 10.81
N LYS A 17 -2.34 12.48 10.63
CA LYS A 17 -1.81 13.01 9.32
C LYS A 17 -0.46 12.37 8.92
N THR A 18 0.49 12.27 9.88
CA THR A 18 1.81 11.60 9.66
C THR A 18 1.64 10.07 9.34
N LEU A 19 0.67 9.45 10.04
CA LEU A 19 0.19 8.07 9.71
C LEU A 19 -0.19 7.97 8.21
N ILE A 20 -1.04 8.91 7.76
CA ILE A 20 -1.59 8.98 6.38
C ILE A 20 -0.51 9.28 5.30
N SER A 21 0.46 10.15 5.63
CA SER A 21 1.55 10.53 4.68
C SER A 21 2.51 9.34 4.43
N ALA A 22 3.03 8.74 5.53
CA ALA A 22 3.82 7.49 5.48
C ALA A 22 3.02 6.27 4.90
N ALA A 23 1.68 6.33 5.03
CA ALA A 23 0.76 5.34 4.38
C ALA A 23 0.90 5.40 2.83
N TYR A 24 1.16 6.62 2.30
CA TYR A 24 1.43 6.83 0.85
C TYR A 24 2.89 6.44 0.46
N ARG A 25 3.86 6.95 1.24
CA ARG A 25 5.32 6.91 0.92
C ARG A 25 5.90 5.52 0.51
N GLN A 26 5.27 4.42 0.95
CA GLN A 26 5.71 3.06 0.59
C GLN A 26 5.04 2.61 -0.75
N ILE A 27 3.69 2.58 -0.77
CA ILE A 27 2.89 2.09 -1.94
C ILE A 27 3.11 3.01 -3.17
N PHE A 28 2.83 4.31 -2.99
CA PHE A 28 3.10 5.35 -4.01
C PHE A 28 4.61 5.56 -4.27
N GLU A 29 5.45 5.26 -3.25
CA GLU A 29 6.94 5.33 -3.36
C GLU A 29 7.39 6.81 -3.54
N ARG A 30 6.61 7.70 -2.91
CA ARG A 30 6.73 9.15 -3.04
C ARG A 30 5.88 9.87 -1.97
N ASP A 31 6.32 11.06 -1.57
CA ASP A 31 5.49 12.00 -0.82
C ASP A 31 4.41 12.63 -1.75
N ILE A 32 3.13 12.25 -1.55
CA ILE A 32 1.97 12.94 -2.17
C ILE A 32 1.94 14.42 -1.69
N ALA A 33 1.77 15.37 -2.62
CA ALA A 33 1.82 16.82 -2.28
C ALA A 33 0.62 17.21 -1.37
N PRO A 34 0.85 18.06 -0.30
CA PRO A 34 -0.16 18.35 0.77
C PRO A 34 -1.59 18.67 0.26
N TYR A 35 -1.67 19.49 -0.81
CA TYR A 35 -2.97 19.90 -1.41
C TYR A 35 -3.69 18.73 -2.14
N ILE A 36 -2.91 17.80 -2.74
CA ILE A 36 -3.46 16.61 -3.46
C ILE A 36 -4.02 15.57 -2.46
N ALA A 37 -3.28 15.35 -1.36
CA ALA A 37 -3.69 14.40 -0.29
C ALA A 37 -4.99 14.86 0.42
N GLN A 38 -5.14 16.19 0.58
CA GLN A 38 -6.29 16.79 1.32
C GLN A 38 -7.58 16.83 0.44
N ASN A 39 -7.45 17.09 -0.89
CA ASN A 39 -8.64 17.17 -1.79
C ASN A 39 -9.15 15.77 -2.26
N GLU A 40 -8.22 14.87 -2.66
CA GLU A 40 -8.58 13.52 -3.15
C GLU A 40 -9.04 12.59 -2.01
N PHE A 41 -8.15 12.35 -1.04
CA PHE A 41 -8.43 11.48 0.12
C PHE A 41 -9.07 12.22 1.33
N SER A 42 -9.98 13.20 1.07
CA SER A 42 -10.67 13.97 2.16
C SER A 42 -11.73 13.09 2.87
N GLY A 43 -12.59 12.43 2.09
CA GLY A 43 -13.59 11.47 2.60
C GLY A 43 -12.94 10.17 3.14
N TRP A 44 -11.78 9.83 2.58
CA TRP A 44 -11.08 8.54 2.83
C TRP A 44 -10.29 8.58 4.16
N GLU A 45 -9.65 9.74 4.44
CA GLU A 45 -8.97 10.01 5.73
C GLU A 45 -9.99 10.14 6.90
N SER A 46 -11.22 10.61 6.57
CA SER A 46 -12.32 10.80 7.56
C SER A 46 -12.80 9.46 8.15
N LYS A 47 -12.82 8.42 7.30
CA LYS A 47 -13.20 7.05 7.70
C LYS A 47 -12.16 6.43 8.66
N LEU A 48 -10.88 6.74 8.39
CA LEU A 48 -9.74 6.33 9.24
C LEU A 48 -9.75 7.09 10.60
N GLY A 49 -10.14 8.39 10.55
CA GLY A 49 -10.28 9.24 11.74
C GLY A 49 -11.51 8.88 12.62
N ASN A 50 -12.57 8.33 11.98
CA ASN A 50 -13.81 7.87 12.66
C ASN A 50 -13.67 6.38 13.13
N GLY A 51 -12.46 5.81 12.95
CA GLY A 51 -12.16 4.40 13.22
C GLY A 51 -13.13 3.39 12.61
N GLU A 52 -13.68 3.72 11.42
CA GLU A 52 -14.50 2.77 10.64
C GLU A 52 -13.57 1.68 10.06
N ILE A 53 -12.89 2.01 8.95
CA ILE A 53 -11.87 1.15 8.31
C ILE A 53 -10.63 0.86 9.21
N THR A 54 -9.54 0.37 8.58
CA THR A 54 -8.26 0.09 9.25
C THR A 54 -7.16 0.80 8.44
N VAL A 55 -5.91 0.82 8.94
CA VAL A 55 -4.78 1.43 8.19
C VAL A 55 -4.40 0.52 6.97
N LYS A 56 -4.58 -0.80 7.13
CA LYS A 56 -4.45 -1.79 6.01
C LYS A 56 -5.53 -1.58 4.92
N GLU A 57 -6.76 -1.25 5.38
CA GLU A 57 -7.94 -1.08 4.49
C GLU A 57 -7.89 0.32 3.80
N PHE A 58 -7.21 1.27 4.46
CA PHE A 58 -6.82 2.57 3.87
C PHE A 58 -5.86 2.35 2.67
N ILE A 59 -4.82 1.52 2.90
CA ILE A 59 -3.83 1.07 1.87
C ILE A 59 -4.49 0.31 0.68
N GLU A 60 -5.63 -0.34 0.97
CA GLU A 60 -6.42 -1.08 -0.04
C GLU A 60 -6.90 -0.11 -1.15
N GLY A 61 -7.35 1.11 -0.73
CA GLY A 61 -7.83 2.14 -1.66
C GLY A 61 -6.71 2.98 -2.31
N LEU A 62 -5.53 3.04 -1.66
CA LEU A 62 -4.33 3.73 -2.21
C LEU A 62 -3.79 2.95 -3.44
N GLY A 63 -3.79 1.61 -3.30
CA GLY A 63 -3.47 0.70 -4.42
C GLY A 63 -4.45 0.81 -5.61
N TYR A 64 -5.68 1.28 -5.34
CA TYR A 64 -6.73 1.47 -6.39
C TYR A 64 -6.61 2.85 -7.11
N SER A 65 -5.77 3.78 -6.57
CA SER A 65 -5.57 5.12 -7.16
C SER A 65 -4.68 5.05 -8.43
N ASN A 66 -5.22 5.53 -9.57
CA ASN A 66 -4.54 5.46 -10.90
C ASN A 66 -3.18 6.23 -10.94
N LEU A 67 -2.91 7.11 -9.95
CA LEU A 67 -1.68 7.94 -9.93
C LEU A 67 -0.39 7.07 -9.92
N TYR A 68 -0.21 6.24 -8.85
CA TYR A 68 0.90 5.24 -8.84
C TYR A 68 0.94 4.36 -10.12
N LEU A 69 -0.25 3.99 -10.62
CA LEU A 69 -0.40 3.16 -11.82
C LEU A 69 -0.01 3.90 -13.13
N LYS A 70 -0.11 5.23 -13.18
CA LYS A 70 0.22 6.00 -14.40
C LYS A 70 1.73 5.83 -14.71
N GLU A 71 2.53 6.05 -13.66
CA GLU A 71 4.00 5.80 -13.66
C GLU A 71 4.35 4.29 -13.84
N PHE A 72 3.81 3.45 -12.92
CA PHE A 72 4.13 1.99 -12.85
C PHE A 72 2.91 1.07 -13.16
N TYR A 73 2.50 1.09 -14.44
CA TYR A 73 1.51 0.14 -15.03
C TYR A 73 1.49 0.35 -16.56
N THR A 74 1.22 1.60 -16.99
CA THR A 74 1.01 1.95 -18.43
C THR A 74 2.31 1.86 -19.31
N PRO A 75 3.55 2.30 -18.85
CA PRO A 75 4.80 2.13 -19.66
C PRO A 75 5.32 0.67 -19.66
N TYR A 76 5.29 0.05 -18.47
CA TYR A 76 5.85 -1.29 -18.20
C TYR A 76 4.94 -2.43 -18.78
N PRO A 77 5.54 -3.60 -19.23
CA PRO A 77 4.74 -4.79 -19.63
C PRO A 77 4.00 -5.42 -18.42
N ASN A 78 2.80 -6.00 -18.67
CA ASN A 78 1.86 -6.48 -17.62
C ASN A 78 2.54 -7.43 -16.59
N THR A 79 3.27 -8.45 -17.08
CA THR A 79 4.10 -9.36 -16.24
C THR A 79 5.07 -8.62 -15.27
N LYS A 80 5.76 -7.58 -15.79
CA LYS A 80 6.69 -6.73 -14.98
C LYS A 80 5.93 -5.94 -13.88
N VAL A 81 4.71 -5.46 -14.20
CA VAL A 81 3.85 -4.70 -13.25
C VAL A 81 3.42 -5.59 -12.04
N ILE A 82 3.41 -6.93 -12.24
CA ILE A 82 3.05 -7.91 -11.19
C ILE A 82 4.15 -8.02 -10.11
N GLU A 83 5.39 -8.30 -10.53
CA GLU A 83 6.56 -8.40 -9.61
C GLU A 83 6.87 -7.04 -8.93
N LEU A 84 6.44 -5.96 -9.60
CA LEU A 84 6.63 -4.56 -9.15
C LEU A 84 5.55 -4.24 -8.08
N GLY A 85 4.30 -4.63 -8.39
CA GLY A 85 3.14 -4.41 -7.53
C GLY A 85 3.20 -5.15 -6.18
N THR A 86 3.39 -6.49 -6.22
CA THR A 86 3.51 -7.34 -5.00
C THR A 86 4.61 -6.82 -4.03
N LYS A 87 5.74 -6.36 -4.60
CA LYS A 87 6.86 -5.76 -3.84
C LYS A 87 6.42 -4.58 -2.92
N HIS A 88 5.46 -3.73 -3.37
CA HIS A 88 4.94 -2.59 -2.55
C HIS A 88 3.75 -2.97 -1.62
N PHE A 89 3.50 -4.28 -1.42
CA PHE A 89 2.55 -4.81 -0.39
C PHE A 89 3.20 -5.98 0.37
N LEU A 90 3.35 -7.12 -0.34
CA LEU A 90 3.99 -8.36 0.18
C LEU A 90 5.48 -8.15 0.57
N GLY A 91 6.11 -7.08 0.05
CA GLY A 91 7.49 -6.72 0.40
C GLY A 91 8.56 -7.44 -0.43
N ARG A 92 8.13 -8.29 -1.37
CA ARG A 92 9.03 -9.10 -2.22
C ARG A 92 8.31 -9.53 -3.55
N ALA A 93 9.07 -10.17 -4.46
CA ALA A 93 8.54 -10.68 -5.76
C ALA A 93 7.70 -11.99 -5.56
N PRO A 94 6.80 -12.40 -6.54
CA PRO A 94 6.06 -13.72 -6.48
C PRO A 94 6.99 -14.98 -6.33
N ILE A 95 6.40 -16.20 -6.39
CA ILE A 95 7.08 -17.45 -5.93
C ILE A 95 7.71 -18.20 -7.15
N ASP A 96 7.15 -17.94 -8.34
CA ASP A 96 7.42 -18.69 -9.59
C ASP A 96 6.56 -18.08 -10.74
N GLN A 97 6.60 -18.69 -11.94
CA GLN A 97 5.91 -18.15 -13.15
C GLN A 97 4.38 -18.39 -13.10
N ALA A 98 3.94 -19.53 -12.55
CA ALA A 98 2.50 -19.86 -12.40
C ALA A 98 1.82 -18.96 -11.35
N GLU A 99 2.57 -18.61 -10.29
CA GLU A 99 2.18 -17.59 -9.29
C GLU A 99 1.89 -16.23 -9.98
N ILE A 100 2.83 -15.81 -10.86
CA ILE A 100 2.71 -14.55 -11.67
C ILE A 100 1.46 -14.57 -12.59
N ARG A 101 1.24 -15.70 -13.31
CA ARG A 101 0.13 -15.84 -14.29
C ARG A 101 -1.28 -15.85 -13.63
N LYS A 102 -1.36 -16.36 -12.39
CA LYS A 102 -2.56 -16.19 -11.51
C LYS A 102 -2.93 -14.69 -11.36
N TYR A 103 -1.90 -13.88 -11.09
CA TYR A 103 -2.04 -12.42 -10.85
C TYR A 103 -2.21 -11.65 -12.18
N ASN A 104 -1.75 -12.28 -13.28
CA ASN A 104 -1.86 -11.74 -14.66
C ASN A 104 -3.32 -11.88 -15.18
N GLN A 105 -3.94 -13.05 -14.90
CA GLN A 105 -5.31 -13.37 -15.36
C GLN A 105 -6.37 -12.55 -14.59
N ILE A 106 -6.26 -12.56 -13.24
CA ILE A 106 -7.12 -11.76 -12.31
C ILE A 106 -7.06 -10.23 -12.64
N LEU A 107 -5.86 -9.75 -13.03
CA LEU A 107 -5.62 -8.35 -13.42
C LEU A 107 -6.24 -8.04 -14.81
N ALA A 108 -5.97 -8.90 -15.79
CA ALA A 108 -6.40 -8.70 -17.20
C ALA A 108 -7.94 -8.73 -17.37
N THR A 109 -8.60 -9.65 -16.65
CA THR A 109 -10.08 -9.77 -16.64
C THR A 109 -10.76 -8.66 -15.80
N GLN A 110 -10.51 -8.69 -14.48
CA GLN A 110 -11.26 -7.87 -13.49
C GLN A 110 -10.67 -6.46 -13.29
N GLY A 111 -9.32 -6.35 -13.32
CA GLY A 111 -8.64 -5.06 -13.21
C GLY A 111 -7.47 -5.08 -12.24
N ILE A 112 -6.72 -3.96 -12.20
CA ILE A 112 -5.61 -3.77 -11.25
C ILE A 112 -6.13 -3.83 -9.77
N ARG A 113 -7.39 -3.39 -9.58
CA ARG A 113 -8.10 -3.42 -8.28
C ARG A 113 -8.16 -4.85 -7.66
N ALA A 114 -8.39 -5.87 -8.50
CA ALA A 114 -8.51 -7.27 -8.04
C ALA A 114 -7.12 -7.89 -7.76
N PHE A 115 -6.09 -7.39 -8.49
CA PHE A 115 -4.68 -7.73 -8.25
C PHE A 115 -4.22 -7.21 -6.86
N ILE A 116 -4.48 -5.91 -6.59
CA ILE A 116 -4.13 -5.24 -5.31
C ILE A 116 -4.83 -5.93 -4.11
N ASN A 117 -6.13 -6.25 -4.30
CA ASN A 117 -6.97 -6.92 -3.28
C ASN A 117 -6.36 -8.27 -2.83
N ALA A 118 -5.81 -9.03 -3.79
CA ALA A 118 -5.16 -10.33 -3.53
C ALA A 118 -3.87 -10.19 -2.65
N LEU A 119 -3.14 -9.08 -2.82
CA LEU A 119 -1.86 -8.83 -2.09
C LEU A 119 -2.14 -8.31 -0.65
N VAL A 120 -3.16 -7.44 -0.53
CA VAL A 120 -3.60 -6.89 0.78
C VAL A 120 -4.31 -7.97 1.65
N ASN A 121 -5.04 -8.89 0.97
CA ASN A 121 -5.76 -10.00 1.64
C ASN A 121 -4.97 -11.35 1.55
N SER A 122 -3.65 -11.26 1.36
CA SER A 122 -2.74 -12.43 1.44
C SER A 122 -2.35 -12.73 2.92
N GLN A 123 -2.46 -14.02 3.34
CA GLN A 123 -1.94 -14.50 4.66
C GLN A 123 -0.52 -13.97 5.02
N GLU A 124 0.38 -13.85 4.02
CA GLU A 124 1.73 -13.27 4.27
C GLU A 124 1.64 -11.82 4.80
N TYR A 125 0.72 -11.03 4.21
CA TYR A 125 0.56 -9.59 4.53
C TYR A 125 -0.11 -9.37 5.92
N ASN A 126 -1.28 -9.98 6.15
CA ASN A 126 -2.10 -9.72 7.37
C ASN A 126 -1.45 -10.27 8.68
N GLU A 127 -0.64 -11.35 8.56
CA GLU A 127 0.09 -11.93 9.70
C GLU A 127 1.31 -11.05 10.12
N VAL A 128 2.13 -10.62 9.15
CA VAL A 128 3.40 -9.87 9.43
C VAL A 128 3.12 -8.37 9.67
N PHE A 129 2.38 -7.76 8.73
CA PHE A 129 2.01 -6.34 8.77
C PHE A 129 0.83 -6.09 9.78
N GLY A 130 -0.37 -6.61 9.48
CA GLY A 130 -1.56 -6.45 10.35
C GLY A 130 -2.61 -5.47 9.82
N GLU A 131 -3.33 -4.78 10.74
CA GLU A 131 -4.38 -3.79 10.40
C GLU A 131 -3.99 -2.35 10.83
N ASP A 132 -3.09 -2.26 11.82
CA ASP A 132 -2.91 -1.07 12.69
C ASP A 132 -1.78 -0.13 12.22
N THR A 133 -0.74 -0.70 11.61
CA THR A 133 0.55 -0.01 11.36
C THR A 133 0.69 0.54 9.92
N VAL A 134 1.68 1.42 9.72
CA VAL A 134 2.18 1.83 8.39
C VAL A 134 3.21 0.77 7.90
N PRO A 135 3.25 0.42 6.55
CA PRO A 135 4.16 -0.63 6.01
C PRO A 135 5.66 -0.29 6.20
N TYR A 136 6.15 -0.61 7.41
CA TYR A 136 7.57 -0.58 7.75
C TYR A 136 8.29 -1.69 6.98
N ARG A 137 9.45 -1.39 6.41
CA ARG A 137 10.26 -2.40 5.73
C ARG A 137 10.87 -3.35 6.79
N ARG A 138 10.53 -4.66 6.69
CA ARG A 138 10.88 -5.72 7.69
C ARG A 138 12.41 -5.75 8.01
N PHE A 139 13.21 -5.34 7.03
CA PHE A 139 14.65 -5.03 7.19
C PHE A 139 14.88 -3.54 6.77
N PRO A 140 15.80 -2.76 7.44
CA PRO A 140 16.02 -1.31 7.10
C PRO A 140 16.91 -1.09 5.84
N THR A 141 16.72 -1.97 4.82
CA THR A 141 17.49 -1.99 3.55
C THR A 141 19.01 -2.29 3.77
N LEU A 142 19.36 -2.70 5.02
CA LEU A 142 20.77 -2.86 5.48
C LEU A 142 21.59 -1.54 5.30
N GLU A 143 20.88 -0.39 5.31
CA GLU A 143 21.47 0.96 5.16
C GLU A 143 22.02 1.47 6.51
N HIS A 144 21.09 1.90 7.39
CA HIS A 144 21.39 2.37 8.77
C HIS A 144 20.22 1.96 9.70
N HIS A 145 20.45 2.05 11.03
CA HIS A 145 19.43 1.76 12.06
C HIS A 145 18.89 0.30 11.96
N HIS A 146 19.84 -0.67 12.07
CA HIS A 146 19.49 -2.12 12.11
C HIS A 146 18.73 -2.44 13.43
N HIS A 147 17.40 -2.68 13.31
CA HIS A 147 16.50 -2.79 14.47
C HIS A 147 16.73 -4.10 15.28
N HIS A 148 17.70 -4.02 16.22
CA HIS A 148 18.05 -5.10 17.16
C HIS A 148 17.02 -5.12 18.31
N HIS A 149 15.98 -5.97 18.18
CA HIS A 149 14.87 -6.03 19.15
C HIS A 149 14.20 -7.42 19.10
N MET A 1 12.37 0.99 12.59
CA MET A 1 12.13 1.22 14.04
C MET A 1 10.87 2.08 14.26
N LYS A 2 10.81 3.24 13.57
CA LYS A 2 9.60 4.09 13.53
C LYS A 2 8.50 3.41 12.67
N VAL A 3 7.62 2.65 13.33
CA VAL A 3 6.52 1.91 12.69
C VAL A 3 5.24 2.77 12.62
N PHE A 4 4.82 3.13 11.40
CA PHE A 4 3.57 3.87 11.16
C PHE A 4 2.36 2.91 11.20
N LYS A 5 1.62 2.98 12.31
CA LYS A 5 0.45 2.12 12.58
C LYS A 5 -0.58 2.88 13.43
N ARG A 6 -1.79 2.31 13.55
CA ARG A 6 -2.90 2.93 14.30
C ARG A 6 -3.33 2.01 15.45
N VAL A 7 -2.97 2.40 16.68
CA VAL A 7 -3.35 1.70 17.94
C VAL A 7 -4.83 2.08 18.30
N ALA A 8 -5.22 2.10 19.60
CA ALA A 8 -6.61 2.39 20.01
C ALA A 8 -6.84 3.91 20.10
N GLY A 9 -6.43 4.54 21.23
CA GLY A 9 -6.31 6.00 21.38
C GLY A 9 -5.91 6.87 20.16
N ILE A 10 -5.11 6.35 19.20
CA ILE A 10 -4.76 7.14 17.99
C ILE A 10 -6.02 7.43 17.13
N LYS A 11 -6.52 8.69 17.15
CA LYS A 11 -7.74 9.13 16.45
C LYS A 11 -7.65 10.67 16.18
N ASP A 12 -6.41 11.19 16.14
CA ASP A 12 -6.08 12.63 15.93
C ASP A 12 -5.68 12.83 14.46
N LYS A 13 -6.03 13.95 13.79
CA LYS A 13 -5.69 14.15 12.36
C LYS A 13 -4.16 14.30 12.12
N ALA A 14 -3.44 15.01 13.03
CA ALA A 14 -1.94 15.08 13.03
C ALA A 14 -1.28 13.67 13.19
N ALA A 15 -2.04 12.81 13.86
CA ALA A 15 -1.68 11.38 14.05
C ALA A 15 -1.95 10.56 12.75
N ILE A 16 -3.05 10.88 12.05
CA ILE A 16 -3.51 10.14 10.84
C ILE A 16 -2.77 10.57 9.52
N LYS A 17 -2.48 11.86 9.31
CA LYS A 17 -1.85 12.37 8.03
C LYS A 17 -0.34 12.00 7.96
N THR A 18 0.36 12.34 9.06
CA THR A 18 1.72 11.80 9.38
C THR A 18 1.81 10.23 9.26
N LEU A 19 0.65 9.56 9.35
CA LEU A 19 0.51 8.10 9.03
C LEU A 19 0.38 7.87 7.46
N ILE A 20 -0.43 8.73 6.80
CA ILE A 20 -0.85 8.60 5.36
C ILE A 20 0.25 8.98 4.28
N SER A 21 0.93 10.13 4.41
CA SER A 21 2.08 10.50 3.49
C SER A 21 3.27 9.53 3.71
N ALA A 22 3.43 9.23 4.99
CA ALA A 22 4.29 8.14 5.50
C ALA A 22 3.95 6.77 4.82
N ALA A 23 2.67 6.61 4.40
CA ALA A 23 2.20 5.42 3.63
C ALA A 23 2.50 5.55 2.11
N TYR A 24 2.42 6.80 1.56
CA TYR A 24 2.70 7.06 0.11
C TYR A 24 4.20 6.86 -0.21
N ARG A 25 5.05 7.54 0.58
CA ARG A 25 6.53 7.29 0.61
C ARG A 25 6.94 5.79 0.69
N GLN A 26 6.00 4.91 1.07
CA GLN A 26 6.14 3.45 0.91
C GLN A 26 5.62 3.02 -0.50
N ILE A 27 4.32 3.27 -0.77
CA ILE A 27 3.59 2.77 -1.98
C ILE A 27 3.91 3.58 -3.28
N PHE A 28 3.50 4.86 -3.29
CA PHE A 28 3.69 5.78 -4.46
C PHE A 28 5.17 6.26 -4.62
N GLU A 29 6.01 5.96 -3.59
CA GLU A 29 7.44 6.35 -3.49
C GLU A 29 7.63 7.84 -3.11
N ARG A 30 7.05 8.74 -3.91
CA ARG A 30 7.36 10.18 -3.89
C ARG A 30 6.59 10.95 -2.80
N ASP A 31 7.17 12.10 -2.41
CA ASP A 31 6.51 13.09 -1.52
C ASP A 31 5.24 13.65 -2.22
N ILE A 32 4.06 13.47 -1.62
CA ILE A 32 2.81 14.07 -2.09
C ILE A 32 2.42 15.16 -1.06
N ALA A 33 2.32 16.42 -1.53
CA ALA A 33 2.13 17.60 -0.66
C ALA A 33 0.88 17.46 0.25
N PRO A 34 0.98 17.78 1.60
CA PRO A 34 -0.11 17.56 2.60
C PRO A 34 -1.49 18.13 2.20
N TYR A 35 -1.50 19.24 1.44
CA TYR A 35 -2.74 19.85 0.90
C TYR A 35 -3.31 19.04 -0.30
N ILE A 36 -2.42 18.53 -1.19
CA ILE A 36 -2.84 17.67 -2.33
C ILE A 36 -3.46 16.35 -1.81
N ALA A 37 -2.76 15.72 -0.85
CA ALA A 37 -3.21 14.46 -0.20
C ALA A 37 -4.62 14.58 0.44
N GLN A 38 -4.86 15.70 1.15
CA GLN A 38 -6.14 15.94 1.86
C GLN A 38 -7.29 16.32 0.88
N ASN A 39 -6.95 16.89 -0.31
CA ASN A 39 -7.95 17.23 -1.35
C ASN A 39 -8.39 15.99 -2.17
N GLU A 40 -7.40 15.20 -2.62
CA GLU A 40 -7.64 13.98 -3.42
C GLU A 40 -8.37 12.89 -2.58
N PHE A 41 -7.80 12.61 -1.39
CA PHE A 41 -8.30 11.58 -0.46
C PHE A 41 -9.05 12.25 0.73
N SER A 42 -9.97 13.18 0.41
CA SER A 42 -10.70 13.96 1.44
C SER A 42 -11.63 13.08 2.32
N GLY A 43 -12.48 12.27 1.65
CA GLY A 43 -13.35 11.31 2.32
C GLY A 43 -12.60 10.06 2.84
N TRP A 44 -11.54 9.68 2.12
CA TRP A 44 -10.76 8.45 2.40
C TRP A 44 -9.91 8.60 3.69
N GLU A 45 -9.12 9.70 3.78
CA GLU A 45 -8.49 10.15 5.05
C GLU A 45 -9.49 10.27 6.23
N SER A 46 -10.72 10.73 5.95
CA SER A 46 -11.80 10.80 6.98
C SER A 46 -12.22 9.40 7.47
N LYS A 47 -12.21 8.40 6.55
CA LYS A 47 -12.55 7.01 6.89
C LYS A 47 -11.52 6.38 7.87
N LEU A 48 -10.22 6.63 7.63
CA LEU A 48 -9.14 6.12 8.52
C LEU A 48 -9.15 6.86 9.89
N GLY A 49 -9.16 8.20 9.82
CA GLY A 49 -9.28 9.07 11.02
C GLY A 49 -10.44 8.74 11.99
N ASN A 50 -11.67 8.62 11.46
CA ASN A 50 -12.87 8.20 12.25
C ASN A 50 -12.89 6.69 12.62
N GLY A 51 -11.85 5.95 12.20
CA GLY A 51 -11.76 4.49 12.42
C GLY A 51 -12.86 3.67 11.73
N GLU A 52 -13.43 4.21 10.64
CA GLU A 52 -14.43 3.52 9.79
C GLU A 52 -13.81 2.31 9.06
N ILE A 53 -12.50 2.42 8.76
CA ILE A 53 -11.73 1.41 8.00
C ILE A 53 -10.40 1.13 8.74
N THR A 54 -9.79 -0.04 8.52
CA THR A 54 -8.41 -0.32 9.00
C THR A 54 -7.35 0.27 8.04
N VAL A 55 -6.08 0.33 8.50
CA VAL A 55 -4.97 0.87 7.67
C VAL A 55 -4.76 0.03 6.38
N LYS A 56 -4.91 -1.30 6.48
CA LYS A 56 -4.85 -2.24 5.33
C LYS A 56 -5.88 -1.90 4.22
N GLU A 57 -7.16 -1.88 4.64
CA GLU A 57 -8.29 -1.41 3.79
C GLU A 57 -8.01 0.00 3.16
N PHE A 58 -7.30 0.86 3.92
CA PHE A 58 -6.81 2.18 3.41
C PHE A 58 -5.64 2.03 2.37
N ILE A 59 -4.74 1.05 2.60
CA ILE A 59 -3.50 0.83 1.78
C ILE A 59 -3.85 0.20 0.40
N GLU A 60 -4.63 -0.87 0.43
CA GLU A 60 -5.36 -1.40 -0.75
C GLU A 60 -6.19 -0.28 -1.46
N GLY A 61 -6.79 0.53 -0.60
CA GLY A 61 -7.51 1.77 -0.97
C GLY A 61 -6.64 2.73 -1.82
N LEU A 62 -5.35 2.83 -1.45
CA LEU A 62 -4.34 3.64 -2.19
C LEU A 62 -3.85 2.94 -3.48
N GLY A 63 -3.72 1.60 -3.44
CA GLY A 63 -3.31 0.80 -4.62
C GLY A 63 -4.26 0.90 -5.83
N TYR A 64 -5.52 1.28 -5.55
CA TYR A 64 -6.54 1.55 -6.60
C TYR A 64 -6.32 2.94 -7.27
N SER A 65 -5.85 3.93 -6.47
CA SER A 65 -5.62 5.34 -6.92
C SER A 65 -4.85 5.48 -8.26
N ASN A 66 -5.30 6.46 -9.09
CA ASN A 66 -4.82 6.67 -10.48
C ASN A 66 -3.30 7.00 -10.57
N LEU A 67 -2.75 7.66 -9.54
CA LEU A 67 -1.29 7.99 -9.46
C LEU A 67 -0.42 6.72 -9.26
N TYR A 68 -1.05 5.69 -8.70
CA TYR A 68 -0.41 4.35 -8.57
C TYR A 68 -0.44 3.64 -9.96
N LEU A 69 -1.54 3.90 -10.69
CA LEU A 69 -1.82 3.27 -11.99
C LEU A 69 -0.92 3.81 -13.14
N LYS A 70 -0.79 5.14 -13.39
CA LYS A 70 0.21 5.63 -14.39
C LYS A 70 1.71 5.33 -14.03
N GLU A 71 2.17 5.78 -12.86
CA GLU A 71 3.57 5.49 -12.37
C GLU A 71 4.01 3.99 -12.41
N PHE A 72 3.05 3.02 -12.40
CA PHE A 72 3.39 1.56 -12.24
C PHE A 72 2.63 0.55 -13.16
N TYR A 73 1.48 0.92 -13.73
CA TYR A 73 0.64 -0.01 -14.57
C TYR A 73 0.64 0.38 -16.07
N THR A 74 0.62 1.69 -16.37
CA THR A 74 0.47 2.20 -17.77
C THR A 74 1.74 1.97 -18.69
N PRO A 75 3.02 2.28 -18.23
CA PRO A 75 4.24 2.05 -19.04
C PRO A 75 4.76 0.59 -18.94
N TYR A 76 4.27 -0.14 -17.92
CA TYR A 76 4.76 -1.48 -17.57
C TYR A 76 3.73 -2.57 -17.94
N PRO A 77 4.17 -3.75 -18.47
CA PRO A 77 3.25 -4.91 -18.70
C PRO A 77 2.73 -5.48 -17.35
N ASN A 78 1.52 -6.09 -17.36
CA ASN A 78 0.91 -6.82 -16.18
C ASN A 78 1.93 -7.78 -15.46
N THR A 79 2.88 -8.25 -16.28
CA THR A 79 4.01 -9.08 -15.84
C THR A 79 4.90 -8.29 -14.82
N LYS A 80 5.31 -7.07 -15.22
CA LYS A 80 6.08 -6.12 -14.35
C LYS A 80 5.21 -5.44 -13.25
N VAL A 81 3.88 -5.31 -13.49
CA VAL A 81 2.93 -4.72 -12.50
C VAL A 81 2.80 -5.64 -11.24
N ILE A 82 3.06 -6.94 -11.40
CA ILE A 82 3.21 -7.91 -10.28
C ILE A 82 4.62 -7.85 -9.60
N GLU A 83 5.63 -7.46 -10.41
CA GLU A 83 7.06 -7.50 -10.01
C GLU A 83 7.36 -6.32 -9.07
N LEU A 84 7.00 -5.12 -9.51
CA LEU A 84 7.02 -3.89 -8.70
C LEU A 84 5.82 -3.89 -7.71
N GLY A 85 4.85 -4.79 -8.00
CA GLY A 85 3.49 -4.69 -7.52
C GLY A 85 3.29 -5.19 -6.11
N THR A 86 3.77 -6.41 -5.77
CA THR A 86 3.60 -7.05 -4.45
C THR A 86 4.52 -6.36 -3.41
N LYS A 87 5.55 -5.64 -3.92
CA LYS A 87 6.68 -5.15 -3.11
C LYS A 87 6.21 -4.15 -2.02
N HIS A 88 5.15 -3.38 -2.34
CA HIS A 88 4.62 -2.33 -1.47
C HIS A 88 3.55 -2.85 -0.47
N PHE A 89 3.41 -4.20 -0.30
CA PHE A 89 2.35 -4.80 0.55
C PHE A 89 2.99 -5.97 1.35
N LEU A 90 3.55 -6.95 0.60
CA LEU A 90 4.50 -7.96 1.12
C LEU A 90 5.77 -7.96 0.24
N GLY A 91 6.76 -7.13 0.65
CA GLY A 91 8.04 -7.01 -0.06
C GLY A 91 8.87 -8.29 -0.01
N ARG A 92 8.62 -9.19 -0.99
CA ARG A 92 9.36 -10.47 -1.10
C ARG A 92 9.61 -10.85 -2.57
N ALA A 93 9.62 -9.86 -3.49
CA ALA A 93 9.38 -10.08 -4.95
C ALA A 93 8.06 -10.89 -5.25
N PRO A 94 7.66 -11.08 -6.55
CA PRO A 94 6.68 -12.14 -6.92
C PRO A 94 7.35 -13.54 -6.84
N ILE A 95 6.61 -14.53 -6.28
CA ILE A 95 7.14 -15.87 -5.93
C ILE A 95 7.69 -16.64 -7.18
N ASP A 96 6.81 -16.89 -8.16
CA ASP A 96 7.18 -17.64 -9.39
C ASP A 96 6.36 -17.15 -10.60
N GLN A 97 6.88 -17.39 -11.83
CA GLN A 97 6.21 -16.98 -13.11
C GLN A 97 4.83 -17.69 -13.33
N ALA A 98 4.53 -18.72 -12.51
CA ALA A 98 3.24 -19.44 -12.57
C ALA A 98 2.22 -18.69 -11.66
N GLU A 99 2.74 -18.28 -10.48
CA GLU A 99 2.07 -17.38 -9.51
C GLU A 99 1.84 -15.96 -10.11
N ILE A 100 2.76 -15.52 -10.99
CA ILE A 100 2.59 -14.26 -11.76
C ILE A 100 1.41 -14.38 -12.75
N ARG A 101 1.41 -15.43 -13.61
CA ARG A 101 0.20 -15.83 -14.41
C ARG A 101 -1.12 -15.88 -13.58
N LYS A 102 -1.04 -16.30 -12.30
CA LYS A 102 -2.21 -16.31 -11.38
C LYS A 102 -2.78 -14.88 -11.14
N TYR A 103 -1.89 -13.89 -10.91
CA TYR A 103 -2.31 -12.51 -10.55
C TYR A 103 -2.65 -11.70 -11.82
N ASN A 104 -1.75 -11.79 -12.83
CA ASN A 104 -2.02 -11.33 -14.22
C ASN A 104 -3.40 -11.77 -14.75
N GLN A 105 -3.81 -13.02 -14.48
CA GLN A 105 -5.14 -13.52 -14.91
C GLN A 105 -6.29 -12.76 -14.21
N ILE A 106 -6.06 -12.27 -12.97
CA ILE A 106 -7.13 -11.63 -12.16
C ILE A 106 -7.30 -10.17 -12.65
N LEU A 107 -6.18 -9.43 -12.61
CA LEU A 107 -5.99 -8.13 -13.31
C LEU A 107 -6.45 -8.09 -14.81
N ALA A 108 -6.30 -9.20 -15.55
CA ALA A 108 -6.72 -9.30 -16.99
C ALA A 108 -8.25 -9.47 -17.16
N THR A 109 -8.93 -9.96 -16.11
CA THR A 109 -10.38 -10.34 -16.18
C THR A 109 -11.26 -9.40 -15.31
N GLN A 110 -10.64 -8.62 -14.41
CA GLN A 110 -11.36 -7.83 -13.36
C GLN A 110 -10.74 -6.42 -13.20
N GLY A 111 -9.40 -6.36 -13.01
CA GLY A 111 -8.67 -5.08 -12.89
C GLY A 111 -7.90 -4.91 -11.58
N ILE A 112 -7.06 -3.85 -11.54
CA ILE A 112 -6.25 -3.42 -10.36
C ILE A 112 -6.96 -3.56 -8.97
N ARG A 113 -8.30 -3.37 -8.94
CA ARG A 113 -9.12 -3.58 -7.71
C ARG A 113 -8.91 -4.99 -7.13
N ALA A 114 -9.10 -5.98 -8.00
CA ALA A 114 -9.06 -7.40 -7.63
C ALA A 114 -7.60 -7.89 -7.36
N PHE A 115 -6.64 -7.56 -8.27
CA PHE A 115 -5.19 -7.82 -8.04
C PHE A 115 -4.63 -7.28 -6.68
N ILE A 116 -4.54 -5.94 -6.54
CA ILE A 116 -4.24 -5.31 -5.21
C ILE A 116 -5.02 -5.93 -4.01
N ASN A 117 -6.30 -6.33 -4.20
CA ASN A 117 -7.10 -6.97 -3.12
C ASN A 117 -6.53 -8.37 -2.76
N ALA A 118 -6.07 -9.12 -3.77
CA ALA A 118 -5.51 -10.47 -3.59
C ALA A 118 -4.18 -10.44 -2.76
N LEU A 119 -3.21 -9.58 -3.18
CA LEU A 119 -1.96 -9.30 -2.40
C LEU A 119 -2.23 -8.94 -0.91
N VAL A 120 -3.08 -7.94 -0.71
CA VAL A 120 -3.35 -7.35 0.62
C VAL A 120 -4.12 -8.31 1.57
N ASN A 121 -4.90 -9.26 1.00
CA ASN A 121 -5.66 -10.28 1.79
C ASN A 121 -4.95 -11.68 1.79
N SER A 122 -3.67 -11.74 1.38
CA SER A 122 -2.80 -12.95 1.59
C SER A 122 -2.50 -13.14 3.10
N GLN A 123 -2.28 -14.40 3.57
CA GLN A 123 -2.11 -14.68 5.02
C GLN A 123 -0.75 -14.15 5.52
N GLU A 124 0.21 -14.04 4.60
CA GLU A 124 1.56 -13.50 4.86
C GLU A 124 1.49 -12.02 5.31
N TYR A 125 0.53 -11.25 4.74
CA TYR A 125 0.23 -9.88 5.20
C TYR A 125 -0.40 -9.92 6.61
N ASN A 126 -1.30 -10.90 6.86
CA ASN A 126 -2.08 -10.95 8.13
C ASN A 126 -1.19 -11.29 9.34
N GLU A 127 -0.17 -12.19 9.23
CA GLU A 127 0.81 -12.36 10.32
C GLU A 127 1.64 -11.10 10.68
N VAL A 128 2.35 -10.55 9.66
CA VAL A 128 3.46 -9.59 9.87
C VAL A 128 2.94 -8.23 10.40
N PHE A 129 1.77 -7.84 9.90
CA PHE A 129 1.12 -6.55 10.25
C PHE A 129 -0.16 -6.79 11.08
N GLY A 130 -0.97 -7.75 10.61
CA GLY A 130 -2.36 -7.88 11.04
C GLY A 130 -3.25 -7.20 10.02
N GLU A 131 -3.46 -5.88 10.21
CA GLU A 131 -4.17 -5.01 9.25
C GLU A 131 -4.07 -3.52 9.67
N ASP A 132 -3.98 -3.25 10.99
CA ASP A 132 -3.95 -1.87 11.55
C ASP A 132 -2.52 -1.24 11.49
N THR A 133 -1.77 -1.54 10.41
CA THR A 133 -0.37 -1.11 10.23
C THR A 133 -0.07 -0.87 8.73
N VAL A 134 0.80 0.13 8.44
CA VAL A 134 1.31 0.38 7.07
C VAL A 134 2.33 -0.73 6.72
N PRO A 135 2.24 -1.37 5.50
CA PRO A 135 3.20 -2.42 5.07
C PRO A 135 4.66 -1.91 4.96
N TYR A 136 5.36 -1.83 6.11
CA TYR A 136 6.77 -1.39 6.16
C TYR A 136 7.67 -2.30 5.31
N ARG A 137 8.71 -1.70 4.71
CA ARG A 137 9.59 -2.39 3.75
C ARG A 137 10.50 -3.43 4.47
N ARG A 138 10.33 -4.71 4.10
CA ARG A 138 10.99 -5.89 4.74
C ARG A 138 12.53 -5.89 4.58
N PHE A 139 13.04 -5.12 3.61
CA PHE A 139 14.49 -5.08 3.27
C PHE A 139 15.05 -3.64 3.39
N PRO A 140 16.31 -3.47 3.93
CA PRO A 140 17.01 -2.13 4.01
C PRO A 140 17.03 -1.36 2.67
N THR A 141 17.06 -2.11 1.54
CA THR A 141 16.92 -1.52 0.18
C THR A 141 16.16 -2.47 -0.77
N LEU A 142 15.31 -1.87 -1.62
CA LEU A 142 14.63 -2.57 -2.75
C LEU A 142 14.85 -1.76 -4.04
N GLU A 143 15.07 -2.45 -5.17
CA GLU A 143 15.41 -1.82 -6.45
C GLU A 143 14.22 -1.04 -7.06
N HIS A 144 14.20 0.28 -6.77
CA HIS A 144 13.26 1.22 -7.39
C HIS A 144 13.89 2.65 -7.41
N HIS A 145 13.90 3.28 -8.59
CA HIS A 145 14.33 4.70 -8.76
C HIS A 145 13.30 5.67 -8.13
N HIS A 146 13.65 6.96 -8.09
CA HIS A 146 12.75 8.05 -7.65
C HIS A 146 12.18 8.80 -8.88
N HIS A 147 10.96 9.35 -8.70
CA HIS A 147 10.23 10.07 -9.75
C HIS A 147 10.64 11.56 -9.83
N HIS A 148 11.10 12.11 -8.67
CA HIS A 148 11.41 13.55 -8.48
C HIS A 148 10.11 14.41 -8.52
N HIS A 149 9.49 14.50 -9.71
CA HIS A 149 8.21 15.21 -9.93
C HIS A 149 7.03 14.49 -9.24
N MET A 1 14.64 2.28 10.61
CA MET A 1 13.60 1.45 11.28
C MET A 1 12.58 2.35 12.02
N LYS A 2 11.27 2.01 11.95
CA LYS A 2 10.21 2.78 12.64
C LYS A 2 8.92 1.94 12.79
N VAL A 3 8.57 1.17 11.73
CA VAL A 3 7.29 0.42 11.61
C VAL A 3 6.05 1.30 11.94
N PHE A 4 5.55 2.02 10.93
CA PHE A 4 4.36 2.89 11.07
C PHE A 4 3.08 2.03 11.22
N LYS A 5 2.23 2.35 12.20
CA LYS A 5 0.97 1.61 12.45
C LYS A 5 -0.11 2.50 13.11
N ARG A 6 -1.37 2.06 12.99
CA ARG A 6 -2.52 2.67 13.68
C ARG A 6 -2.77 1.90 15.00
N VAL A 7 -2.29 2.47 16.12
CA VAL A 7 -2.54 1.93 17.46
C VAL A 7 -3.98 2.30 17.93
N ALA A 8 -4.66 1.37 18.61
CA ALA A 8 -6.00 1.59 19.19
C ALA A 8 -6.01 2.81 20.15
N GLY A 9 -6.37 4.00 19.61
CA GLY A 9 -6.36 5.26 20.37
C GLY A 9 -5.56 6.39 19.72
N ILE A 10 -4.97 6.17 18.52
CA ILE A 10 -4.31 7.27 17.75
C ILE A 10 -5.38 8.11 17.01
N LYS A 11 -5.98 9.05 17.75
CA LYS A 11 -6.93 10.04 17.21
C LYS A 11 -6.27 11.44 17.16
N ASP A 12 -4.93 11.45 17.32
CA ASP A 12 -4.08 12.63 17.19
C ASP A 12 -3.73 12.84 15.69
N LYS A 13 -4.18 13.96 15.11
CA LYS A 13 -4.03 14.22 13.66
C LYS A 13 -2.58 14.47 13.21
N ALA A 14 -1.69 14.92 14.13
CA ALA A 14 -0.25 15.08 13.85
C ALA A 14 0.44 13.70 13.64
N ALA A 15 -0.09 12.68 14.33
CA ALA A 15 0.33 11.28 14.16
C ALA A 15 -0.27 10.67 12.86
N ILE A 16 -1.59 10.84 12.71
CA ILE A 16 -2.37 10.33 11.54
C ILE A 16 -1.82 10.82 10.18
N LYS A 17 -1.51 12.13 10.07
CA LYS A 17 -1.02 12.72 8.79
C LYS A 17 0.32 12.07 8.33
N THR A 18 1.24 11.79 9.28
CA THR A 18 2.49 11.06 9.01
C THR A 18 2.23 9.62 8.51
N LEU A 19 1.24 8.94 9.14
CA LEU A 19 0.83 7.57 8.78
C LEU A 19 0.31 7.51 7.32
N ILE A 20 -0.53 8.49 6.97
CA ILE A 20 -1.10 8.68 5.63
C ILE A 20 0.00 8.97 4.58
N SER A 21 0.99 9.80 4.97
CA SER A 21 2.15 10.16 4.11
C SER A 21 3.01 8.91 3.78
N ALA A 22 3.43 8.16 4.83
CA ALA A 22 4.20 6.90 4.67
C ALA A 22 3.42 5.83 3.87
N ALA A 23 2.09 5.76 4.10
CA ALA A 23 1.19 4.88 3.31
C ALA A 23 1.30 5.17 1.79
N TYR A 24 1.35 6.47 1.43
CA TYR A 24 1.57 6.92 0.04
C TYR A 24 2.97 6.55 -0.48
N ARG A 25 4.01 6.75 0.36
CA ARG A 25 5.43 6.55 -0.03
C ARG A 25 5.77 5.04 -0.26
N GLN A 26 4.87 4.14 0.16
CA GLN A 26 4.95 2.71 -0.17
C GLN A 26 4.20 2.39 -1.49
N ILE A 27 2.87 2.61 -1.49
CA ILE A 27 2.00 2.24 -2.64
C ILE A 27 2.36 3.06 -3.90
N PHE A 28 2.29 4.39 -3.78
CA PHE A 28 2.57 5.33 -4.89
C PHE A 28 4.09 5.62 -5.05
N GLU A 29 4.91 5.22 -4.03
CA GLU A 29 6.34 5.62 -3.87
C GLU A 29 6.57 7.13 -3.60
N ARG A 30 6.00 7.97 -4.47
CA ARG A 30 6.01 9.45 -4.33
C ARG A 30 5.38 9.93 -3.00
N ASP A 31 6.12 10.78 -2.29
CA ASP A 31 5.61 11.53 -1.14
C ASP A 31 4.56 12.56 -1.62
N ILE A 32 3.32 12.45 -1.13
CA ILE A 32 2.20 13.31 -1.55
C ILE A 32 2.10 14.54 -0.61
N ALA A 33 2.10 15.74 -1.21
CA ALA A 33 1.93 17.00 -0.46
C ALA A 33 0.53 17.04 0.21
N PRO A 34 0.42 17.46 1.52
CA PRO A 34 -0.82 17.30 2.34
C PRO A 34 -2.10 17.92 1.68
N TYR A 35 -1.93 19.06 0.97
CA TYR A 35 -3.05 19.72 0.25
C TYR A 35 -3.54 18.88 -0.96
N ILE A 36 -2.57 18.25 -1.68
CA ILE A 36 -2.86 17.33 -2.82
C ILE A 36 -3.63 16.09 -2.31
N ALA A 37 -3.19 15.58 -1.15
CA ALA A 37 -3.82 14.44 -0.46
C ALA A 37 -5.28 14.75 -0.08
N GLN A 38 -5.52 15.85 0.63
CA GLN A 38 -6.86 16.16 1.21
C GLN A 38 -7.88 16.76 0.20
N ASN A 39 -7.48 17.16 -1.02
CA ASN A 39 -8.47 17.56 -2.06
C ASN A 39 -9.05 16.31 -2.78
N GLU A 40 -8.15 15.36 -3.16
CA GLU A 40 -8.52 14.11 -3.88
C GLU A 40 -9.04 13.02 -2.92
N PHE A 41 -8.31 12.84 -1.81
CA PHE A 41 -8.59 11.81 -0.77
C PHE A 41 -9.17 12.49 0.50
N SER A 42 -10.13 13.43 0.31
CA SER A 42 -10.72 14.24 1.44
C SER A 42 -11.45 13.36 2.48
N GLY A 43 -12.37 12.51 1.99
CA GLY A 43 -13.12 11.58 2.83
C GLY A 43 -12.26 10.43 3.35
N TRP A 44 -11.25 10.04 2.54
CA TRP A 44 -10.36 8.90 2.82
C TRP A 44 -9.35 9.23 3.97
N GLU A 45 -8.81 10.46 3.94
CA GLU A 45 -7.93 11.02 5.01
C GLU A 45 -8.70 11.11 6.35
N SER A 46 -9.90 11.71 6.29
CA SER A 46 -10.82 11.85 7.44
C SER A 46 -11.21 10.48 8.05
N LYS A 47 -11.52 9.52 7.16
CA LYS A 47 -12.00 8.17 7.52
C LYS A 47 -10.98 7.39 8.39
N LEU A 48 -9.69 7.42 7.99
CA LEU A 48 -8.59 6.77 8.74
C LEU A 48 -8.39 7.41 10.13
N GLY A 49 -8.40 8.76 10.17
CA GLY A 49 -8.21 9.53 11.42
C GLY A 49 -9.30 9.28 12.48
N ASN A 50 -10.57 9.16 12.00
CA ASN A 50 -11.76 8.92 12.85
C ASN A 50 -11.91 7.43 13.25
N GLY A 51 -10.91 6.58 12.90
CA GLY A 51 -10.94 5.14 13.18
C GLY A 51 -12.14 4.40 12.57
N GLU A 52 -12.60 4.86 11.40
CA GLU A 52 -13.71 4.21 10.64
C GLU A 52 -13.16 2.96 9.88
N ILE A 53 -11.85 3.01 9.54
CA ILE A 53 -11.10 1.90 8.90
C ILE A 53 -9.74 1.68 9.59
N THR A 54 -9.08 0.57 9.22
CA THR A 54 -7.68 0.29 9.60
C THR A 54 -6.73 0.75 8.48
N VAL A 55 -5.42 0.50 8.65
CA VAL A 55 -4.42 0.81 7.61
C VAL A 55 -4.63 -0.07 6.35
N LYS A 56 -4.85 -1.39 6.54
CA LYS A 56 -5.14 -2.37 5.44
C LYS A 56 -6.24 -1.88 4.46
N GLU A 57 -7.40 -1.48 5.00
CA GLU A 57 -8.53 -0.93 4.19
C GLU A 57 -8.13 0.39 3.48
N PHE A 58 -7.32 1.22 4.17
CA PHE A 58 -6.74 2.47 3.60
C PHE A 58 -5.82 2.16 2.38
N ILE A 59 -4.98 1.10 2.52
CA ILE A 59 -4.01 0.64 1.49
C ILE A 59 -4.73 0.14 0.22
N GLU A 60 -5.80 -0.65 0.43
CA GLU A 60 -6.70 -1.11 -0.66
C GLU A 60 -7.23 0.07 -1.51
N GLY A 61 -7.65 1.15 -0.83
CA GLY A 61 -8.13 2.36 -1.52
C GLY A 61 -7.06 3.04 -2.37
N LEU A 62 -5.81 3.03 -1.87
CA LEU A 62 -4.64 3.61 -2.56
C LEU A 62 -4.32 2.85 -3.88
N GLY A 63 -4.37 1.50 -3.81
CA GLY A 63 -4.20 0.65 -5.00
C GLY A 63 -5.23 0.85 -6.13
N TYR A 64 -6.50 1.15 -5.76
CA TYR A 64 -7.58 1.42 -6.75
C TYR A 64 -7.43 2.82 -7.42
N SER A 65 -6.73 3.75 -6.73
CA SER A 65 -6.50 5.14 -7.23
C SER A 65 -5.84 5.20 -8.63
N ASN A 66 -6.40 6.08 -9.49
CA ASN A 66 -5.93 6.29 -10.89
C ASN A 66 -4.46 6.79 -10.94
N LEU A 67 -4.00 7.46 -9.87
CA LEU A 67 -2.60 7.93 -9.74
C LEU A 67 -1.61 6.75 -9.69
N TYR A 68 -2.00 5.68 -8.95
CA TYR A 68 -1.20 4.43 -8.86
C TYR A 68 -1.21 3.68 -10.22
N LEU A 69 -2.37 3.68 -10.88
CA LEU A 69 -2.54 3.13 -12.24
C LEU A 69 -1.72 3.92 -13.30
N LYS A 70 -1.54 5.23 -13.06
CA LYS A 70 -0.77 6.10 -13.95
C LYS A 70 0.75 5.86 -13.80
N GLU A 71 1.22 5.80 -12.55
CA GLU A 71 2.67 5.73 -12.24
C GLU A 71 3.24 4.29 -12.34
N PHE A 72 2.53 3.31 -11.75
CA PHE A 72 3.01 1.89 -11.68
C PHE A 72 2.02 0.90 -12.35
N TYR A 73 1.60 1.22 -13.58
CA TYR A 73 0.81 0.31 -14.44
C TYR A 73 0.89 0.72 -15.92
N THR A 74 0.68 2.02 -16.19
CA THR A 74 0.71 2.57 -17.58
C THR A 74 2.14 2.51 -18.22
N PRO A 75 3.27 2.93 -17.53
CA PRO A 75 4.64 2.86 -18.11
C PRO A 75 5.36 1.52 -17.80
N TYR A 76 4.62 0.52 -17.28
CA TYR A 76 5.21 -0.77 -16.82
C TYR A 76 4.39 -1.99 -17.33
N PRO A 77 5.07 -3.11 -17.74
CA PRO A 77 4.37 -4.39 -18.10
C PRO A 77 3.77 -5.06 -16.84
N ASN A 78 2.75 -5.94 -17.03
CA ASN A 78 2.05 -6.63 -15.91
C ASN A 78 3.04 -7.33 -14.94
N THR A 79 4.08 -7.99 -15.48
CA THR A 79 5.15 -8.66 -14.69
C THR A 79 5.80 -7.67 -13.68
N LYS A 80 6.06 -6.43 -14.15
CA LYS A 80 6.66 -5.36 -13.32
C LYS A 80 5.63 -4.75 -12.34
N VAL A 81 4.35 -4.69 -12.74
CA VAL A 81 3.24 -4.23 -11.85
C VAL A 81 3.03 -5.21 -10.66
N ILE A 82 3.31 -6.51 -10.91
CA ILE A 82 3.23 -7.57 -9.89
C ILE A 82 4.41 -7.49 -8.91
N GLU A 83 5.65 -7.38 -9.43
CA GLU A 83 6.87 -7.40 -8.59
C GLU A 83 7.02 -6.09 -7.76
N LEU A 84 6.60 -4.95 -8.35
CA LEU A 84 6.55 -3.64 -7.63
C LEU A 84 5.31 -3.57 -6.72
N GLY A 85 4.15 -3.99 -7.24
CA GLY A 85 2.86 -3.86 -6.53
C GLY A 85 2.78 -4.69 -5.25
N THR A 86 3.13 -5.99 -5.37
CA THR A 86 3.29 -6.88 -4.20
C THR A 86 4.31 -6.30 -3.20
N LYS A 87 5.40 -5.72 -3.70
CA LYS A 87 6.47 -5.12 -2.85
C LYS A 87 5.98 -3.78 -2.16
N HIS A 88 4.94 -3.14 -2.74
CA HIS A 88 4.32 -1.89 -2.19
C HIS A 88 3.21 -2.18 -1.15
N PHE A 89 2.82 -3.47 -1.01
CA PHE A 89 1.70 -3.92 -0.15
C PHE A 89 2.23 -4.95 0.87
N LEU A 90 2.74 -6.06 0.34
CA LEU A 90 3.36 -7.15 1.11
C LEU A 90 4.87 -7.11 0.80
N GLY A 91 5.64 -6.26 1.53
CA GLY A 91 7.07 -6.01 1.26
C GLY A 91 7.96 -7.26 1.21
N ARG A 92 7.90 -7.98 0.07
CA ARG A 92 8.58 -9.28 -0.14
C ARG A 92 9.23 -9.35 -1.55
N ALA A 93 10.31 -10.14 -1.64
CA ALA A 93 10.92 -10.53 -2.93
C ALA A 93 10.01 -11.56 -3.69
N PRO A 94 9.73 -11.35 -5.02
CA PRO A 94 8.91 -12.30 -5.85
C PRO A 94 9.41 -13.78 -5.77
N ILE A 95 8.44 -14.70 -5.63
CA ILE A 95 8.73 -16.13 -5.34
C ILE A 95 9.08 -16.94 -6.61
N ASP A 96 8.10 -17.16 -7.49
CA ASP A 96 8.17 -18.14 -8.58
C ASP A 96 7.36 -17.62 -9.79
N GLN A 97 7.66 -18.09 -11.03
CA GLN A 97 6.94 -17.67 -12.25
C GLN A 97 5.42 -17.96 -12.18
N ALA A 98 5.03 -19.13 -11.65
CA ALA A 98 3.59 -19.51 -11.51
C ALA A 98 2.80 -18.51 -10.61
N GLU A 99 3.50 -17.95 -9.60
CA GLU A 99 2.96 -16.88 -8.70
C GLU A 99 2.68 -15.58 -9.51
N ILE A 100 3.60 -15.25 -10.44
CA ILE A 100 3.46 -14.10 -11.36
C ILE A 100 2.30 -14.34 -12.36
N ARG A 101 2.30 -15.52 -13.03
CA ARG A 101 1.23 -15.95 -13.97
C ARG A 101 -0.19 -15.85 -13.36
N LYS A 102 -0.28 -16.24 -12.08
CA LYS A 102 -1.54 -16.15 -11.29
C LYS A 102 -2.08 -14.70 -11.26
N TYR A 103 -1.20 -13.74 -10.88
CA TYR A 103 -1.58 -12.31 -10.76
C TYR A 103 -1.78 -11.64 -12.14
N ASN A 104 -0.97 -12.01 -13.14
CA ASN A 104 -1.05 -11.45 -14.52
C ASN A 104 -2.38 -11.81 -15.21
N GLN A 105 -2.80 -13.06 -14.99
CA GLN A 105 -4.08 -13.58 -15.53
C GLN A 105 -5.28 -12.87 -14.85
N ILE A 106 -5.11 -12.43 -13.58
CA ILE A 106 -6.13 -11.64 -12.84
C ILE A 106 -6.37 -10.28 -13.54
N LEU A 107 -5.29 -9.65 -14.05
CA LEU A 107 -5.39 -8.38 -14.83
C LEU A 107 -6.20 -8.57 -16.14
N ALA A 108 -5.98 -9.71 -16.81
CA ALA A 108 -6.64 -10.03 -18.11
C ALA A 108 -8.12 -10.46 -17.95
N THR A 109 -8.41 -11.23 -16.89
CA THR A 109 -9.78 -11.72 -16.58
C THR A 109 -10.65 -10.65 -15.88
N GLN A 110 -10.20 -10.19 -14.70
CA GLN A 110 -11.00 -9.36 -13.76
C GLN A 110 -10.59 -7.86 -13.81
N GLY A 111 -9.29 -7.59 -13.97
CA GLY A 111 -8.75 -6.22 -13.98
C GLY A 111 -7.84 -5.93 -12.79
N ILE A 112 -7.60 -4.63 -12.51
CA ILE A 112 -6.67 -4.17 -11.45
C ILE A 112 -7.31 -4.27 -10.04
N ARG A 113 -8.64 -4.13 -9.99
CA ARG A 113 -9.41 -4.09 -8.71
C ARG A 113 -9.20 -5.40 -7.92
N ALA A 114 -9.38 -6.53 -8.63
CA ALA A 114 -9.19 -7.89 -8.08
C ALA A 114 -7.71 -8.21 -7.76
N PHE A 115 -6.76 -7.66 -8.56
CA PHE A 115 -5.30 -7.76 -8.28
C PHE A 115 -4.94 -7.15 -6.90
N ILE A 116 -5.37 -5.89 -6.69
CA ILE A 116 -5.15 -5.15 -5.43
C ILE A 116 -5.88 -5.83 -4.25
N ASN A 117 -7.15 -6.20 -4.50
CA ASN A 117 -8.02 -6.91 -3.52
C ASN A 117 -7.38 -8.25 -3.07
N ALA A 118 -6.68 -8.94 -4.02
CA ALA A 118 -5.96 -10.19 -3.73
C ALA A 118 -4.75 -9.94 -2.80
N LEU A 119 -3.93 -8.93 -3.12
CA LEU A 119 -2.76 -8.51 -2.30
C LEU A 119 -3.15 -8.12 -0.85
N VAL A 120 -4.22 -7.33 -0.73
CA VAL A 120 -4.74 -6.82 0.55
C VAL A 120 -5.32 -7.94 1.44
N ASN A 121 -6.23 -8.74 0.88
CA ASN A 121 -6.98 -9.79 1.63
C ASN A 121 -6.28 -11.18 1.53
N SER A 122 -4.96 -11.18 1.27
CA SER A 122 -4.14 -12.40 1.20
C SER A 122 -3.76 -12.94 2.60
N GLN A 123 -3.49 -14.26 2.67
CA GLN A 123 -2.98 -14.94 3.90
C GLN A 123 -1.63 -14.33 4.35
N GLU A 124 -0.68 -14.28 3.41
CA GLU A 124 0.69 -13.73 3.65
C GLU A 124 0.66 -12.25 4.14
N TYR A 125 -0.36 -11.46 3.71
CA TYR A 125 -0.54 -10.07 4.19
C TYR A 125 -1.03 -10.05 5.66
N ASN A 126 -2.14 -10.77 5.94
CA ASN A 126 -2.84 -10.66 7.24
C ASN A 126 -2.03 -11.28 8.41
N GLU A 127 -1.29 -12.36 8.13
CA GLU A 127 -0.52 -13.04 9.18
C GLU A 127 0.75 -12.24 9.60
N VAL A 128 1.48 -11.67 8.60
CA VAL A 128 2.73 -10.91 8.83
C VAL A 128 2.43 -9.43 9.21
N PHE A 129 1.67 -8.73 8.35
CA PHE A 129 1.35 -7.28 8.50
C PHE A 129 0.08 -7.08 9.37
N GLY A 130 -0.99 -7.82 9.03
CA GLY A 130 -2.27 -7.73 9.74
C GLY A 130 -3.24 -6.74 9.09
N GLU A 131 -3.61 -5.71 9.86
CA GLU A 131 -4.48 -4.60 9.38
C GLU A 131 -4.02 -3.24 9.94
N ASP A 132 -3.30 -3.25 11.06
CA ASP A 132 -2.83 -2.01 11.72
C ASP A 132 -1.51 -1.49 11.12
N THR A 133 -0.72 -2.37 10.49
CA THR A 133 0.66 -2.02 10.05
C THR A 133 0.70 -1.53 8.58
N VAL A 134 1.49 -0.47 8.33
CA VAL A 134 1.85 0.00 6.97
C VAL A 134 2.88 -0.99 6.33
N PRO A 135 2.70 -1.37 5.01
CA PRO A 135 3.67 -2.19 4.23
C PRO A 135 5.18 -1.94 4.55
N TYR A 136 5.84 -2.95 5.16
CA TYR A 136 7.28 -2.91 5.45
C TYR A 136 8.01 -4.08 4.75
N ARG A 137 9.26 -3.83 4.35
CA ARG A 137 10.18 -4.89 3.90
C ARG A 137 10.69 -5.68 5.14
N ARG A 138 10.50 -7.01 5.14
CA ARG A 138 11.00 -7.89 6.23
C ARG A 138 12.47 -8.31 5.93
N PHE A 139 13.32 -7.30 5.67
CA PHE A 139 14.72 -7.49 5.24
C PHE A 139 15.61 -6.38 5.86
N PRO A 140 16.87 -6.71 6.30
CA PRO A 140 17.80 -5.71 6.90
C PRO A 140 18.57 -4.84 5.85
N THR A 141 18.05 -4.80 4.60
CA THR A 141 18.57 -3.99 3.45
C THR A 141 20.07 -4.28 3.13
N LEU A 142 20.55 -5.49 3.50
CA LEU A 142 21.98 -5.90 3.39
C LEU A 142 22.90 -4.90 4.17
N GLU A 143 22.50 -4.63 5.44
CA GLU A 143 23.22 -3.71 6.40
C GLU A 143 23.41 -2.26 5.86
N HIS A 144 22.68 -1.89 4.77
CA HIS A 144 22.88 -0.59 4.07
C HIS A 144 22.63 0.62 5.00
N HIS A 145 21.55 0.57 5.81
CA HIS A 145 21.26 1.60 6.83
C HIS A 145 20.81 0.95 8.18
N HIS A 146 21.72 0.92 9.15
CA HIS A 146 21.47 0.46 10.53
C HIS A 146 21.67 1.64 11.52
N HIS A 147 20.55 2.11 12.13
CA HIS A 147 20.49 3.29 13.04
C HIS A 147 20.60 4.65 12.27
N HIS A 148 21.46 4.69 11.24
CA HIS A 148 21.53 5.80 10.27
C HIS A 148 20.20 5.90 9.46
N HIS A 149 19.36 6.90 9.82
CA HIS A 149 18.03 7.07 9.22
C HIS A 149 18.12 7.66 7.79
N MET A 1 7.65 3.81 19.79
CA MET A 1 7.73 2.80 18.70
C MET A 1 7.27 3.42 17.35
N LYS A 2 8.24 3.56 16.42
CA LYS A 2 8.02 4.22 15.11
C LYS A 2 7.62 3.18 14.03
N VAL A 3 6.52 2.47 14.32
CA VAL A 3 5.95 1.40 13.45
C VAL A 3 4.90 1.99 12.46
N PHE A 4 4.35 3.17 12.83
CA PHE A 4 3.33 3.92 12.06
C PHE A 4 1.94 3.23 12.05
N LYS A 5 1.62 2.46 13.11
CA LYS A 5 0.26 1.92 13.30
C LYS A 5 -0.58 2.90 14.15
N ARG A 6 -1.88 3.00 13.87
CA ARG A 6 -2.78 3.84 14.68
C ARG A 6 -3.15 3.10 15.99
N VAL A 7 -2.48 3.50 17.09
CA VAL A 7 -2.76 2.97 18.44
C VAL A 7 -4.16 3.47 18.89
N ALA A 8 -5.12 2.53 19.03
CA ALA A 8 -6.52 2.81 19.48
C ALA A 8 -6.57 3.85 20.64
N GLY A 9 -6.94 5.10 20.30
CA GLY A 9 -6.84 6.26 21.20
C GLY A 9 -6.21 7.51 20.56
N ILE A 10 -5.49 7.36 19.42
CA ILE A 10 -4.83 8.49 18.72
C ILE A 10 -5.87 9.35 17.95
N LYS A 11 -6.19 10.52 18.51
CA LYS A 11 -7.08 11.52 17.90
C LYS A 11 -6.33 12.46 16.93
N ASP A 12 -5.07 12.83 17.31
CA ASP A 12 -4.16 13.70 16.52
C ASP A 12 -4.16 13.39 15.01
N LYS A 13 -4.87 14.21 14.23
CA LYS A 13 -4.80 14.18 12.75
C LYS A 13 -3.42 14.63 12.21
N ALA A 14 -2.56 15.18 13.10
CA ALA A 14 -1.11 15.34 12.84
C ALA A 14 -0.39 13.96 12.79
N ALA A 15 -0.81 13.05 13.69
CA ALA A 15 -0.29 11.67 13.79
C ALA A 15 -0.88 10.77 12.67
N ILE A 16 -2.20 10.92 12.41
CA ILE A 16 -2.90 10.32 11.25
C ILE A 16 -2.25 10.79 9.91
N LYS A 17 -1.86 12.09 9.83
CA LYS A 17 -1.19 12.65 8.64
C LYS A 17 0.19 12.00 8.40
N THR A 18 1.03 11.94 9.45
CA THR A 18 2.33 11.20 9.44
C THR A 18 2.18 9.70 9.02
N LEU A 19 1.14 9.03 9.54
CA LEU A 19 0.75 7.65 9.14
C LEU A 19 0.45 7.57 7.62
N ILE A 20 -0.37 8.52 7.13
CA ILE A 20 -0.69 8.71 5.70
C ILE A 20 0.59 8.95 4.87
N SER A 21 1.49 9.80 5.37
CA SER A 21 2.72 10.19 4.67
C SER A 21 3.65 8.97 4.45
N ALA A 22 3.88 8.19 5.52
CA ALA A 22 4.57 6.87 5.45
C ALA A 22 3.94 5.90 4.41
N ALA A 23 2.61 5.69 4.52
CA ALA A 23 1.84 4.82 3.57
C ALA A 23 2.02 5.23 2.09
N TYR A 24 1.92 6.54 1.80
CA TYR A 24 2.00 7.09 0.43
C TYR A 24 3.45 7.04 -0.11
N ARG A 25 4.41 7.51 0.72
CA ARG A 25 5.88 7.41 0.45
C ARG A 25 6.33 5.97 0.10
N GLN A 26 5.74 4.95 0.74
CA GLN A 26 6.07 3.54 0.50
C GLN A 26 5.44 3.05 -0.83
N ILE A 27 4.10 3.05 -0.88
CA ILE A 27 3.31 2.44 -1.98
C ILE A 27 3.52 3.16 -3.34
N PHE A 28 3.43 4.50 -3.33
CA PHE A 28 3.63 5.34 -4.54
C PHE A 28 5.14 5.64 -4.79
N GLU A 29 6.03 4.96 -4.02
CA GLU A 29 7.51 5.14 -4.04
C GLU A 29 8.00 6.62 -3.91
N ARG A 30 7.14 7.50 -3.40
CA ARG A 30 7.46 8.93 -3.23
C ARG A 30 6.47 9.63 -2.28
N ASP A 31 7.00 10.56 -1.48
CA ASP A 31 6.22 11.41 -0.58
C ASP A 31 5.28 12.35 -1.36
N ILE A 32 3.96 12.10 -1.26
CA ILE A 32 2.93 12.95 -1.89
C ILE A 32 2.70 14.22 -1.04
N ALA A 33 2.63 15.37 -1.73
CA ALA A 33 2.43 16.69 -1.10
C ALA A 33 1.13 16.69 -0.25
N PRO A 34 1.21 17.04 1.10
CA PRO A 34 0.09 16.88 2.07
C PRO A 34 -1.23 17.56 1.62
N TYR A 35 -1.11 18.74 1.00
CA TYR A 35 -2.26 19.51 0.47
C TYR A 35 -2.97 18.82 -0.74
N ILE A 36 -2.24 17.96 -1.48
CA ILE A 36 -2.82 17.09 -2.55
C ILE A 36 -3.41 15.80 -1.93
N ALA A 37 -2.65 15.19 -0.99
CA ALA A 37 -3.00 13.91 -0.33
C ALA A 37 -4.38 13.98 0.38
N GLN A 38 -4.62 15.07 1.12
CA GLN A 38 -5.89 15.30 1.84
C GLN A 38 -7.04 15.67 0.87
N ASN A 39 -6.67 16.23 -0.28
CA ASN A 39 -7.64 16.81 -1.24
C ASN A 39 -8.34 15.72 -2.06
N GLU A 40 -7.54 14.77 -2.58
CA GLU A 40 -8.05 13.63 -3.38
C GLU A 40 -8.69 12.56 -2.47
N PHE A 41 -8.13 12.44 -1.25
CA PHE A 41 -8.57 11.45 -0.24
C PHE A 41 -9.25 12.13 0.97
N SER A 42 -10.13 13.12 0.70
CA SER A 42 -10.85 13.89 1.76
C SER A 42 -11.89 13.02 2.53
N GLY A 43 -12.66 12.23 1.77
CA GLY A 43 -13.62 11.27 2.35
C GLY A 43 -12.93 10.02 2.90
N TRP A 44 -11.76 9.71 2.31
CA TRP A 44 -11.00 8.48 2.57
C TRP A 44 -10.14 8.62 3.85
N GLU A 45 -9.71 9.87 4.14
CA GLU A 45 -9.01 10.24 5.39
C GLU A 45 -10.00 10.15 6.56
N SER A 46 -11.24 10.63 6.32
CA SER A 46 -12.36 10.55 7.31
C SER A 46 -12.64 9.08 7.74
N LYS A 47 -12.50 8.13 6.79
CA LYS A 47 -12.62 6.68 7.08
C LYS A 47 -11.54 6.21 8.09
N LEU A 48 -10.30 6.70 7.89
CA LEU A 48 -9.15 6.43 8.77
C LEU A 48 -9.27 7.20 10.11
N GLY A 49 -9.82 8.44 10.06
CA GLY A 49 -9.84 9.36 11.20
C GLY A 49 -10.87 8.99 12.26
N ASN A 50 -12.11 8.71 11.82
CA ASN A 50 -13.19 8.16 12.70
C ASN A 50 -13.04 6.64 12.97
N GLY A 51 -11.94 6.02 12.45
CA GLY A 51 -11.69 4.58 12.59
C GLY A 51 -12.81 3.68 12.04
N GLU A 52 -13.47 4.13 10.96
CA GLU A 52 -14.53 3.36 10.26
C GLU A 52 -13.97 2.10 9.56
N ILE A 53 -12.68 2.20 9.16
CA ILE A 53 -11.96 1.14 8.42
C ILE A 53 -10.59 0.85 9.09
N THR A 54 -9.92 -0.22 8.64
CA THR A 54 -8.52 -0.53 9.04
C THR A 54 -7.54 0.12 8.04
N VAL A 55 -6.25 0.21 8.43
CA VAL A 55 -5.20 0.81 7.57
C VAL A 55 -4.97 -0.07 6.30
N LYS A 56 -4.97 -1.40 6.46
CA LYS A 56 -5.16 -2.38 5.34
C LYS A 56 -6.27 -1.98 4.32
N GLU A 57 -7.48 -1.75 4.83
CA GLU A 57 -8.64 -1.34 3.98
C GLU A 57 -8.43 0.08 3.35
N PHE A 58 -7.63 0.92 4.03
CA PHE A 58 -7.22 2.26 3.52
C PHE A 58 -6.17 2.12 2.38
N ILE A 59 -5.27 1.15 2.55
CA ILE A 59 -4.11 0.90 1.64
C ILE A 59 -4.55 0.28 0.29
N GLU A 60 -5.44 -0.72 0.34
CA GLU A 60 -6.19 -1.20 -0.85
C GLU A 60 -6.87 -0.04 -1.64
N GLY A 61 -7.36 0.97 -0.89
CA GLY A 61 -8.03 2.13 -1.49
C GLY A 61 -7.06 3.02 -2.29
N LEU A 62 -5.78 2.98 -1.90
CA LEU A 62 -4.68 3.70 -2.56
C LEU A 62 -4.29 3.04 -3.91
N GLY A 63 -4.11 1.70 -3.89
CA GLY A 63 -3.97 0.90 -5.13
C GLY A 63 -5.10 1.05 -6.17
N TYR A 64 -6.35 1.31 -5.71
CA TYR A 64 -7.50 1.59 -6.62
C TYR A 64 -7.40 3.00 -7.27
N SER A 65 -6.56 3.89 -6.70
CA SER A 65 -6.35 5.25 -7.21
C SER A 65 -5.46 5.25 -8.48
N ASN A 66 -5.90 5.98 -9.54
CA ASN A 66 -5.18 6.08 -10.83
C ASN A 66 -3.76 6.71 -10.68
N LEU A 67 -3.54 7.42 -9.55
CA LEU A 67 -2.22 7.95 -9.17
C LEU A 67 -1.19 6.82 -8.96
N TYR A 68 -1.59 5.70 -8.33
CA TYR A 68 -0.74 4.48 -8.23
C TYR A 68 -0.49 3.87 -9.63
N LEU A 69 -1.52 3.91 -10.49
CA LEU A 69 -1.50 3.30 -11.84
C LEU A 69 -0.58 4.06 -12.83
N LYS A 70 -0.43 5.39 -12.64
CA LYS A 70 0.47 6.20 -13.48
C LYS A 70 1.94 6.00 -13.05
N GLU A 71 2.14 5.62 -11.78
CA GLU A 71 3.48 5.23 -11.27
C GLU A 71 3.88 3.80 -11.75
N PHE A 72 3.03 2.77 -11.47
CA PHE A 72 3.38 1.33 -11.72
C PHE A 72 2.25 0.57 -12.49
N TYR A 73 2.09 0.91 -13.79
CA TYR A 73 1.15 0.19 -14.72
C TYR A 73 1.27 0.76 -16.14
N THR A 74 0.94 2.05 -16.28
CA THR A 74 0.93 2.75 -17.58
C THR A 74 2.35 2.88 -18.26
N PRO A 75 3.50 3.13 -17.51
CA PRO A 75 4.85 3.14 -18.12
C PRO A 75 5.60 1.77 -18.00
N TYR A 76 4.85 0.68 -17.72
CA TYR A 76 5.42 -0.69 -17.52
C TYR A 76 4.56 -1.78 -18.23
N PRO A 77 5.16 -2.95 -18.64
CA PRO A 77 4.37 -4.13 -19.11
C PRO A 77 3.60 -4.81 -17.94
N ASN A 78 2.48 -5.48 -18.26
CA ASN A 78 1.61 -6.20 -17.28
C ASN A 78 2.39 -7.11 -16.27
N THR A 79 3.23 -8.04 -16.79
CA THR A 79 4.15 -8.89 -15.96
C THR A 79 4.99 -8.09 -14.91
N LYS A 80 5.37 -6.85 -15.26
CA LYS A 80 6.17 -5.97 -14.37
C LYS A 80 5.31 -5.40 -13.20
N VAL A 81 3.99 -5.27 -13.45
CA VAL A 81 3.01 -4.74 -12.46
C VAL A 81 2.81 -5.73 -11.27
N ILE A 82 2.95 -7.05 -11.53
CA ILE A 82 2.86 -8.10 -10.47
C ILE A 82 4.06 -7.99 -9.49
N GLU A 83 5.26 -7.80 -10.05
CA GLU A 83 6.53 -7.80 -9.25
C GLU A 83 6.78 -6.43 -8.55
N LEU A 84 6.23 -5.34 -9.13
CA LEU A 84 6.24 -3.98 -8.50
C LEU A 84 5.05 -3.78 -7.51
N GLY A 85 3.92 -4.45 -7.81
CA GLY A 85 2.72 -4.39 -6.96
C GLY A 85 2.91 -5.09 -5.62
N THR A 86 3.31 -6.37 -5.68
CA THR A 86 3.68 -7.20 -4.50
C THR A 86 4.81 -6.54 -3.67
N LYS A 87 5.69 -5.80 -4.36
CA LYS A 87 6.82 -5.07 -3.75
C LYS A 87 6.32 -3.85 -2.90
N HIS A 88 5.27 -3.16 -3.38
CA HIS A 88 4.69 -1.96 -2.71
C HIS A 88 3.50 -2.28 -1.77
N PHE A 89 3.07 -3.55 -1.70
CA PHE A 89 1.96 -3.97 -0.80
C PHE A 89 2.40 -5.08 0.18
N LEU A 90 2.88 -6.22 -0.35
CA LEU A 90 3.39 -7.33 0.49
C LEU A 90 4.87 -7.11 0.90
N GLY A 91 5.53 -6.12 0.24
CA GLY A 91 6.97 -5.88 0.42
C GLY A 91 7.86 -7.02 -0.12
N ARG A 92 7.23 -7.95 -0.86
CA ARG A 92 7.83 -9.24 -1.22
C ARG A 92 8.28 -9.26 -2.70
N ALA A 93 9.50 -9.78 -2.94
CA ALA A 93 10.01 -10.10 -4.30
C ALA A 93 9.18 -11.24 -4.97
N PRO A 94 9.19 -11.38 -6.35
CA PRO A 94 8.49 -12.50 -7.07
C PRO A 94 8.79 -13.91 -6.48
N ILE A 95 7.94 -14.89 -6.81
CA ILE A 95 7.82 -16.16 -6.04
C ILE A 95 8.17 -17.35 -6.98
N ASP A 96 7.21 -17.66 -7.87
CA ASP A 96 7.38 -18.59 -9.00
C ASP A 96 6.60 -18.00 -10.21
N GLN A 97 6.99 -18.29 -11.47
CA GLN A 97 6.31 -17.74 -12.65
C GLN A 97 4.82 -18.18 -12.79
N ALA A 98 4.39 -19.21 -12.03
CA ALA A 98 2.99 -19.70 -12.11
C ALA A 98 2.13 -18.86 -11.13
N GLU A 99 2.78 -18.42 -10.04
CA GLU A 99 2.23 -17.49 -9.03
C GLU A 99 2.07 -16.06 -9.63
N ILE A 100 3.06 -15.65 -10.44
CA ILE A 100 3.02 -14.36 -11.17
C ILE A 100 1.85 -14.35 -12.19
N ARG A 101 1.82 -15.39 -13.03
CA ARG A 101 0.68 -15.68 -13.95
C ARG A 101 -0.69 -15.81 -13.22
N LYS A 102 -0.69 -16.29 -11.97
CA LYS A 102 -1.91 -16.33 -11.13
C LYS A 102 -2.44 -14.90 -10.85
N TYR A 103 -1.53 -13.99 -10.41
CA TYR A 103 -1.88 -12.59 -10.10
C TYR A 103 -2.25 -11.81 -11.38
N ASN A 104 -1.52 -12.05 -12.49
CA ASN A 104 -1.84 -11.52 -13.82
C ASN A 104 -3.23 -11.95 -14.31
N GLN A 105 -3.60 -13.23 -14.10
CA GLN A 105 -4.90 -13.79 -14.54
C GLN A 105 -6.10 -13.08 -13.87
N ILE A 106 -5.87 -12.56 -12.66
CA ILE A 106 -6.91 -11.84 -11.89
C ILE A 106 -7.12 -10.44 -12.49
N LEU A 107 -6.03 -9.66 -12.49
CA LEU A 107 -5.85 -8.46 -13.37
C LEU A 107 -6.31 -8.64 -14.86
N ALA A 108 -6.22 -9.85 -15.44
CA ALA A 108 -6.58 -10.08 -16.86
C ALA A 108 -8.11 -10.23 -17.07
N THR A 109 -8.76 -10.95 -16.14
CA THR A 109 -10.20 -11.32 -16.27
C THR A 109 -11.14 -10.38 -15.48
N GLN A 110 -10.60 -9.69 -14.46
CA GLN A 110 -11.40 -8.89 -13.48
C GLN A 110 -10.89 -7.43 -13.37
N GLY A 111 -9.55 -7.23 -13.42
CA GLY A 111 -8.96 -5.88 -13.40
C GLY A 111 -7.95 -5.66 -12.29
N ILE A 112 -7.31 -4.47 -12.33
CA ILE A 112 -6.23 -4.08 -11.39
C ILE A 112 -6.78 -3.91 -9.96
N ARG A 113 -8.07 -3.51 -9.86
CA ARG A 113 -8.81 -3.47 -8.58
C ARG A 113 -8.77 -4.84 -7.84
N ALA A 114 -9.15 -5.92 -8.55
CA ALA A 114 -9.10 -7.31 -8.05
C ALA A 114 -7.65 -7.79 -7.76
N PHE A 115 -6.66 -7.26 -8.51
CA PHE A 115 -5.23 -7.56 -8.31
C PHE A 115 -4.71 -7.00 -6.95
N ILE A 116 -5.01 -5.70 -6.69
CA ILE A 116 -4.67 -5.03 -5.42
C ILE A 116 -5.36 -5.76 -4.24
N ASN A 117 -6.65 -6.07 -4.39
CA ASN A 117 -7.44 -6.84 -3.40
C ASN A 117 -6.80 -8.22 -3.07
N ALA A 118 -6.28 -8.91 -4.11
CA ALA A 118 -5.58 -10.23 -3.95
C ALA A 118 -4.32 -10.11 -3.05
N LEU A 119 -3.56 -9.01 -3.22
CA LEU A 119 -2.34 -8.74 -2.41
C LEU A 119 -2.69 -8.32 -0.96
N VAL A 120 -3.52 -7.27 -0.82
CA VAL A 120 -3.84 -6.64 0.49
C VAL A 120 -4.55 -7.64 1.46
N ASN A 121 -5.50 -8.43 0.95
CA ASN A 121 -6.23 -9.45 1.77
C ASN A 121 -5.46 -10.79 1.93
N SER A 122 -4.25 -10.90 1.33
CA SER A 122 -3.37 -12.07 1.50
C SER A 122 -2.83 -12.18 2.95
N GLN A 123 -2.42 -13.40 3.33
CA GLN A 123 -1.82 -13.71 4.66
C GLN A 123 -0.47 -12.98 4.83
N GLU A 124 0.19 -12.70 3.68
CA GLU A 124 1.50 -12.02 3.61
C GLU A 124 1.43 -10.58 4.19
N TYR A 125 0.43 -9.79 3.76
CA TYR A 125 0.19 -8.43 4.32
C TYR A 125 -0.28 -8.54 5.78
N ASN A 126 -1.25 -9.44 5.99
CA ASN A 126 -2.07 -9.52 7.21
C ASN A 126 -1.21 -9.83 8.47
N GLU A 127 -0.39 -10.90 8.40
CA GLU A 127 0.45 -11.36 9.54
C GLU A 127 1.78 -10.57 9.70
N VAL A 128 2.46 -10.28 8.57
CA VAL A 128 3.78 -9.58 8.57
C VAL A 128 3.68 -8.11 9.07
N PHE A 129 2.72 -7.34 8.52
CA PHE A 129 2.53 -5.91 8.87
C PHE A 129 1.45 -5.74 9.95
N GLY A 130 0.25 -6.29 9.68
CA GLY A 130 -0.94 -6.05 10.51
C GLY A 130 -1.90 -5.07 9.84
N GLU A 131 -3.21 -5.30 10.02
CA GLU A 131 -4.27 -4.47 9.39
C GLU A 131 -4.41 -3.07 10.05
N ASP A 132 -3.93 -2.95 11.29
CA ASP A 132 -3.87 -1.66 12.02
C ASP A 132 -2.61 -0.82 11.62
N THR A 133 -1.72 -1.41 10.80
CA THR A 133 -0.38 -0.87 10.53
C THR A 133 -0.18 -0.47 9.05
N VAL A 134 0.67 0.55 8.82
CA VAL A 134 1.21 0.87 7.47
C VAL A 134 2.08 -0.31 6.95
N PRO A 135 2.03 -0.67 5.62
CA PRO A 135 2.91 -1.71 5.03
C PRO A 135 4.41 -1.34 5.07
N TYR A 136 5.01 -1.46 6.27
CA TYR A 136 6.44 -1.21 6.49
C TYR A 136 7.25 -2.41 5.94
N ARG A 137 7.55 -2.38 4.62
CA ARG A 137 8.26 -3.48 3.92
C ARG A 137 9.58 -3.87 4.64
N ARG A 138 9.44 -4.90 5.50
CA ARG A 138 10.37 -5.23 6.61
C ARG A 138 11.58 -6.08 6.15
N PHE A 139 11.63 -6.35 4.83
CA PHE A 139 12.65 -7.19 4.19
C PHE A 139 14.04 -6.46 4.21
N PRO A 140 15.14 -7.16 4.68
CA PRO A 140 16.50 -6.53 4.89
C PRO A 140 17.19 -5.98 3.62
N THR A 141 16.58 -6.21 2.45
CA THR A 141 17.07 -5.69 1.13
C THR A 141 17.11 -4.13 1.06
N LEU A 142 16.29 -3.46 1.89
CA LEU A 142 16.21 -1.97 1.94
C LEU A 142 16.96 -1.37 3.15
N GLU A 143 17.39 -2.21 4.12
CA GLU A 143 18.12 -1.76 5.32
C GLU A 143 19.58 -1.36 4.97
N HIS A 144 19.73 -0.09 4.57
CA HIS A 144 21.04 0.53 4.20
C HIS A 144 21.51 1.52 5.32
N HIS A 145 20.83 1.46 6.48
CA HIS A 145 21.12 2.29 7.68
C HIS A 145 21.23 1.43 8.95
N HIS A 146 21.55 2.08 10.09
CA HIS A 146 21.66 1.42 11.41
C HIS A 146 20.26 0.92 11.91
N HIS A 147 20.03 -0.39 11.81
CA HIS A 147 18.79 -1.03 12.27
C HIS A 147 19.09 -2.49 12.70
N HIS A 148 18.87 -2.80 13.99
CA HIS A 148 19.25 -4.12 14.59
C HIS A 148 18.42 -5.28 13.99
N HIS A 149 19.02 -6.01 13.01
CA HIS A 149 18.36 -7.13 12.31
C HIS A 149 19.14 -8.44 12.50
N MET A 1 12.25 1.06 16.04
CA MET A 1 10.90 0.75 16.58
C MET A 1 9.78 1.51 15.82
N LYS A 2 10.16 2.58 15.08
CA LYS A 2 9.19 3.40 14.31
C LYS A 2 8.72 2.65 13.04
N VAL A 3 7.54 2.02 13.14
CA VAL A 3 6.93 1.21 12.07
C VAL A 3 5.64 1.88 11.50
N PHE A 4 5.14 2.92 12.23
CA PHE A 4 3.88 3.63 11.94
C PHE A 4 2.63 2.71 12.06
N LYS A 5 2.13 2.59 13.31
CA LYS A 5 0.93 1.80 13.65
C LYS A 5 -0.09 2.66 14.44
N ARG A 6 -1.29 2.10 14.64
CA ARG A 6 -2.37 2.77 15.39
C ARG A 6 -2.71 1.97 16.66
N VAL A 7 -2.08 2.37 17.77
CA VAL A 7 -2.42 1.85 19.11
C VAL A 7 -3.75 2.49 19.58
N ALA A 8 -4.61 1.69 20.25
CA ALA A 8 -5.99 2.09 20.66
C ALA A 8 -6.12 3.46 21.35
N GLY A 9 -5.04 4.04 21.94
CA GLY A 9 -5.05 5.45 22.33
C GLY A 9 -4.62 6.34 21.16
N ILE A 10 -3.34 6.84 21.21
CA ILE A 10 -2.69 7.68 20.14
C ILE A 10 -3.67 8.74 19.55
N LYS A 11 -4.33 9.47 20.46
CA LYS A 11 -5.22 10.62 20.11
C LYS A 11 -4.49 11.83 19.43
N ASP A 12 -3.23 11.64 18.98
CA ASP A 12 -2.51 12.64 18.18
C ASP A 12 -2.96 12.58 16.70
N LYS A 13 -3.62 13.66 16.29
CA LYS A 13 -4.08 13.87 14.90
C LYS A 13 -2.87 14.12 13.98
N ALA A 14 -1.79 14.67 14.57
CA ALA A 14 -0.47 14.87 13.92
C ALA A 14 0.18 13.52 13.58
N ALA A 15 0.23 12.59 14.57
CA ALA A 15 0.67 11.19 14.35
C ALA A 15 -0.10 10.48 13.21
N ILE A 16 -1.46 10.58 13.24
CA ILE A 16 -2.33 10.00 12.17
C ILE A 16 -1.95 10.48 10.75
N LYS A 17 -1.88 11.81 10.52
CA LYS A 17 -1.59 12.37 9.16
C LYS A 17 -0.16 12.04 8.65
N THR A 18 0.81 11.92 9.58
CA THR A 18 2.20 11.47 9.25
C THR A 18 2.24 9.96 8.87
N LEU A 19 1.59 9.13 9.71
CA LEU A 19 1.25 7.70 9.41
C LEU A 19 0.67 7.52 7.98
N ILE A 20 -0.24 8.42 7.56
CA ILE A 20 -0.83 8.42 6.19
C ILE A 20 0.24 8.75 5.11
N SER A 21 1.20 9.64 5.45
CA SER A 21 2.30 10.05 4.54
C SER A 21 3.28 8.89 4.24
N ALA A 22 3.64 8.09 5.29
CA ALA A 22 4.39 6.82 5.12
C ALA A 22 3.58 5.77 4.30
N ALA A 23 2.30 5.65 4.67
CA ALA A 23 1.29 4.86 3.90
C ALA A 23 1.30 5.22 2.37
N TYR A 24 1.64 6.48 2.03
CA TYR A 24 1.94 6.89 0.63
C TYR A 24 3.37 6.46 0.18
N ARG A 25 4.38 6.72 1.04
CA ARG A 25 5.82 6.56 0.71
C ARG A 25 6.23 5.05 0.53
N GLN A 26 5.38 4.12 0.99
CA GLN A 26 5.60 2.66 0.82
C GLN A 26 4.85 2.12 -0.42
N ILE A 27 3.64 2.66 -0.69
CA ILE A 27 2.79 2.23 -1.83
C ILE A 27 3.15 3.00 -3.13
N PHE A 28 2.90 4.32 -3.15
CA PHE A 28 3.29 5.22 -4.27
C PHE A 28 4.84 5.35 -4.38
N GLU A 29 5.52 5.00 -3.26
CA GLU A 29 7.00 5.00 -3.11
C GLU A 29 7.59 6.44 -3.25
N ARG A 30 6.81 7.44 -2.84
CA ARG A 30 7.19 8.86 -2.96
C ARG A 30 6.53 9.73 -1.87
N ASP A 31 7.16 10.87 -1.60
CA ASP A 31 6.60 11.94 -0.77
C ASP A 31 5.52 12.70 -1.58
N ILE A 32 4.24 12.51 -1.23
CA ILE A 32 3.12 13.23 -1.85
C ILE A 32 2.85 14.53 -1.05
N ALA A 33 2.65 15.64 -1.79
CA ALA A 33 2.30 16.96 -1.21
C ALA A 33 0.99 16.87 -0.36
N PRO A 34 1.04 17.14 0.99
CA PRO A 34 -0.12 16.98 1.93
C PRO A 34 -1.45 17.59 1.40
N TYR A 35 -1.34 18.78 0.78
CA TYR A 35 -2.50 19.51 0.21
C TYR A 35 -3.15 18.79 -1.01
N ILE A 36 -2.31 18.19 -1.89
CA ILE A 36 -2.79 17.37 -3.03
C ILE A 36 -3.45 16.06 -2.52
N ALA A 37 -2.79 15.43 -1.53
CA ALA A 37 -3.22 14.16 -0.91
C ALA A 37 -4.59 14.30 -0.19
N GLN A 38 -4.82 15.46 0.44
CA GLN A 38 -6.08 15.72 1.19
C GLN A 38 -7.21 16.17 0.24
N ASN A 39 -6.84 16.71 -0.94
CA ASN A 39 -7.82 17.07 -2.01
C ASN A 39 -8.33 15.81 -2.76
N GLU A 40 -7.44 14.80 -2.95
CA GLU A 40 -7.84 13.53 -3.59
C GLU A 40 -8.55 12.59 -2.60
N PHE A 41 -7.82 12.21 -1.54
CA PHE A 41 -8.35 11.35 -0.46
C PHE A 41 -9.09 12.16 0.65
N SER A 42 -9.94 13.14 0.26
CA SER A 42 -10.71 13.96 1.24
C SER A 42 -11.81 13.14 1.95
N GLY A 43 -12.63 12.45 1.15
CA GLY A 43 -13.72 11.62 1.69
C GLY A 43 -13.23 10.29 2.21
N TRP A 44 -12.20 9.74 1.55
CA TRP A 44 -11.57 8.44 1.90
C TRP A 44 -10.83 8.49 3.26
N GLU A 45 -10.12 9.60 3.56
CA GLU A 45 -9.39 9.79 4.85
C GLU A 45 -10.39 10.03 6.00
N SER A 46 -11.58 10.62 5.68
CA SER A 46 -12.67 10.86 6.67
C SER A 46 -13.07 9.56 7.42
N LYS A 47 -12.94 8.41 6.73
CA LYS A 47 -13.12 7.08 7.36
C LYS A 47 -11.95 6.74 8.31
N LEU A 48 -10.71 7.02 7.86
CA LEU A 48 -9.48 6.56 8.53
C LEU A 48 -9.29 7.19 9.95
N GLY A 49 -9.25 8.55 10.02
CA GLY A 49 -9.28 9.27 11.32
C GLY A 49 -10.41 8.85 12.28
N ASN A 50 -11.66 8.79 11.75
CA ASN A 50 -12.84 8.23 12.50
C ASN A 50 -12.79 6.68 12.76
N GLY A 51 -11.59 6.06 12.69
CA GLY A 51 -11.39 4.59 12.85
C GLY A 51 -12.37 3.63 12.15
N GLU A 52 -13.10 4.09 11.12
CA GLU A 52 -14.05 3.25 10.34
C GLU A 52 -13.32 2.10 9.62
N ILE A 53 -12.29 2.50 8.84
CA ILE A 53 -11.46 1.59 8.04
C ILE A 53 -10.05 1.46 8.65
N THR A 54 -9.48 0.24 8.66
CA THR A 54 -8.08 0.02 9.01
C THR A 54 -7.12 0.58 7.93
N VAL A 55 -5.82 0.62 8.25
CA VAL A 55 -4.78 1.00 7.28
C VAL A 55 -4.74 0.02 6.07
N LYS A 56 -5.21 -1.23 6.25
CA LYS A 56 -5.23 -2.30 5.22
C LYS A 56 -6.23 -1.95 4.08
N GLU A 57 -7.49 -1.66 4.49
CA GLU A 57 -8.57 -1.24 3.55
C GLU A 57 -8.29 0.17 2.95
N PHE A 58 -7.44 0.95 3.65
CA PHE A 58 -7.12 2.35 3.24
C PHE A 58 -6.14 2.29 2.05
N ILE A 59 -5.15 1.39 2.21
CA ILE A 59 -4.14 1.07 1.20
C ILE A 59 -4.75 0.39 -0.05
N GLU A 60 -5.87 -0.33 0.12
CA GLU A 60 -6.70 -0.79 -1.02
C GLU A 60 -7.15 0.43 -1.85
N GLY A 61 -7.75 1.45 -1.18
CA GLY A 61 -8.11 2.73 -1.81
C GLY A 61 -6.92 3.49 -2.45
N LEU A 62 -5.71 3.32 -1.89
CA LEU A 62 -4.46 3.92 -2.45
C LEU A 62 -4.01 3.15 -3.73
N GLY A 63 -4.28 1.83 -3.75
CA GLY A 63 -4.06 0.99 -4.94
C GLY A 63 -5.23 1.04 -5.93
N TYR A 64 -6.35 1.63 -5.48
CA TYR A 64 -7.54 1.91 -6.31
C TYR A 64 -7.54 3.38 -6.80
N SER A 65 -6.41 4.10 -6.63
CA SER A 65 -6.29 5.51 -7.08
C SER A 65 -5.56 5.55 -8.43
N ASN A 66 -6.16 6.21 -9.44
CA ASN A 66 -5.56 6.36 -10.80
C ASN A 66 -4.17 7.06 -10.77
N LEU A 67 -3.84 7.71 -9.63
CA LEU A 67 -2.53 8.34 -9.40
C LEU A 67 -1.38 7.29 -9.33
N TYR A 68 -1.44 6.31 -8.37
CA TYR A 68 -0.58 5.09 -8.41
C TYR A 68 -0.58 4.34 -9.76
N LEU A 69 -1.77 4.10 -10.31
CA LEU A 69 -1.95 3.46 -11.63
C LEU A 69 -1.35 4.27 -12.78
N LYS A 70 -1.16 5.57 -12.56
CA LYS A 70 -0.59 6.44 -13.58
C LYS A 70 0.92 6.19 -13.64
N GLU A 71 1.62 6.04 -12.48
CA GLU A 71 3.07 5.77 -12.48
C GLU A 71 3.37 4.28 -12.82
N PHE A 72 2.94 3.34 -11.95
CA PHE A 72 3.24 1.89 -12.12
C PHE A 72 2.05 1.06 -12.72
N TYR A 73 1.62 1.40 -13.95
CA TYR A 73 0.69 0.56 -14.76
C TYR A 73 0.53 1.08 -16.20
N THR A 74 0.11 2.34 -16.34
CA THR A 74 -0.18 2.97 -17.66
C THR A 74 1.07 2.99 -18.62
N PRO A 75 2.32 3.35 -18.15
CA PRO A 75 3.56 3.21 -18.97
C PRO A 75 4.35 1.90 -18.69
N TYR A 76 3.72 0.89 -18.05
CA TYR A 76 4.40 -0.38 -17.66
C TYR A 76 3.61 -1.64 -18.12
N PRO A 77 4.33 -2.74 -18.52
CA PRO A 77 3.67 -4.02 -18.87
C PRO A 77 3.17 -4.80 -17.63
N ASN A 78 2.02 -5.50 -17.80
CA ASN A 78 1.46 -6.51 -16.84
C ASN A 78 2.49 -7.15 -15.85
N THR A 79 3.54 -7.85 -16.33
CA THR A 79 4.51 -8.60 -15.47
C THR A 79 5.36 -7.67 -14.56
N LYS A 80 5.47 -6.37 -14.92
CA LYS A 80 6.32 -5.41 -14.17
C LYS A 80 5.44 -4.77 -13.06
N VAL A 81 4.14 -4.62 -13.39
CA VAL A 81 3.08 -4.12 -12.48
C VAL A 81 2.81 -5.17 -11.37
N ILE A 82 3.02 -6.46 -11.70
CA ILE A 82 3.01 -7.56 -10.72
C ILE A 82 4.18 -7.41 -9.74
N GLU A 83 5.38 -7.06 -10.26
CA GLU A 83 6.58 -6.89 -9.40
C GLU A 83 6.47 -5.62 -8.52
N LEU A 84 6.44 -4.43 -9.17
CA LEU A 84 6.14 -3.12 -8.53
C LEU A 84 4.85 -3.09 -7.64
N GLY A 85 3.83 -3.89 -7.98
CA GLY A 85 2.57 -3.91 -7.22
C GLY A 85 2.68 -4.74 -5.92
N THR A 86 3.06 -6.01 -6.08
CA THR A 86 3.25 -6.97 -4.94
C THR A 86 4.33 -6.49 -3.94
N LYS A 87 5.43 -5.92 -4.45
CA LYS A 87 6.60 -5.46 -3.64
C LYS A 87 6.30 -4.19 -2.78
N HIS A 88 5.11 -3.58 -2.97
CA HIS A 88 4.71 -2.36 -2.22
C HIS A 88 3.76 -2.79 -1.06
N PHE A 89 2.98 -3.85 -1.34
CA PHE A 89 1.94 -4.40 -0.43
C PHE A 89 2.51 -5.61 0.36
N LEU A 90 2.82 -6.73 -0.35
CA LEU A 90 3.43 -7.93 0.28
C LEU A 90 4.92 -7.69 0.62
N GLY A 91 5.52 -6.62 0.07
CA GLY A 91 6.85 -6.12 0.49
C GLY A 91 8.06 -6.91 -0.03
N ARG A 92 7.84 -8.16 -0.48
CA ARG A 92 8.92 -9.06 -0.94
C ARG A 92 8.74 -9.40 -2.44
N ALA A 93 9.57 -10.30 -3.00
CA ALA A 93 9.47 -10.71 -4.42
C ALA A 93 8.54 -11.96 -4.55
N PRO A 94 7.87 -12.17 -5.73
CA PRO A 94 7.08 -13.42 -6.00
C PRO A 94 7.86 -14.75 -5.74
N ILE A 95 7.12 -15.86 -5.44
CA ILE A 95 7.71 -17.12 -4.91
C ILE A 95 8.35 -17.98 -6.04
N ASP A 96 7.57 -18.49 -7.02
CA ASP A 96 8.09 -19.22 -8.20
C ASP A 96 7.73 -18.30 -9.42
N GLN A 97 7.41 -18.77 -10.66
CA GLN A 97 6.84 -17.91 -11.72
C GLN A 97 5.30 -18.08 -11.72
N ALA A 98 4.82 -19.18 -11.10
CA ALA A 98 3.40 -19.54 -11.06
C ALA A 98 2.58 -18.51 -10.24
N GLU A 99 3.24 -17.86 -9.26
CA GLU A 99 2.62 -16.75 -8.48
C GLU A 99 2.44 -15.49 -9.35
N ILE A 100 3.48 -15.17 -10.17
CA ILE A 100 3.42 -14.10 -11.21
C ILE A 100 2.30 -14.42 -12.23
N ARG A 101 2.18 -15.71 -12.57
CA ARG A 101 1.20 -16.21 -13.55
C ARG A 101 -0.24 -16.19 -12.95
N LYS A 102 -0.33 -16.35 -11.63
CA LYS A 102 -1.61 -16.29 -10.87
C LYS A 102 -2.18 -14.84 -10.90
N TYR A 103 -1.35 -13.84 -10.52
CA TYR A 103 -1.73 -12.39 -10.60
C TYR A 103 -1.94 -11.91 -12.05
N ASN A 104 -1.04 -12.34 -12.95
CA ASN A 104 -1.22 -12.24 -14.44
C ASN A 104 -2.65 -12.67 -14.91
N GLN A 105 -3.15 -13.80 -14.38
CA GLN A 105 -4.50 -14.33 -14.72
C GLN A 105 -5.63 -13.44 -14.11
N ILE A 106 -5.45 -13.06 -12.85
CA ILE A 106 -6.34 -12.07 -12.13
C ILE A 106 -6.48 -10.75 -12.96
N LEU A 107 -5.34 -10.16 -13.32
CA LEU A 107 -5.23 -8.98 -14.22
C LEU A 107 -5.95 -9.19 -15.58
N ALA A 108 -5.82 -10.39 -16.17
CA ALA A 108 -6.41 -10.73 -17.49
C ALA A 108 -7.97 -10.81 -17.42
N THR A 109 -8.46 -11.64 -16.49
CA THR A 109 -9.91 -11.80 -16.22
C THR A 109 -10.58 -10.49 -15.71
N GLN A 110 -10.13 -10.02 -14.53
CA GLN A 110 -10.79 -8.95 -13.77
C GLN A 110 -10.13 -7.57 -13.98
N GLY A 111 -8.81 -7.50 -13.77
CA GLY A 111 -8.03 -6.25 -13.92
C GLY A 111 -7.18 -5.91 -12.68
N ILE A 112 -7.00 -4.60 -12.42
CA ILE A 112 -6.12 -4.09 -11.35
C ILE A 112 -6.80 -4.15 -9.97
N ARG A 113 -8.12 -3.92 -9.92
CA ARG A 113 -8.85 -3.82 -8.63
C ARG A 113 -8.70 -5.14 -7.81
N ALA A 114 -9.28 -6.21 -8.37
CA ALA A 114 -8.98 -7.60 -7.93
C ALA A 114 -7.48 -8.00 -7.81
N PHE A 115 -6.53 -7.29 -8.49
CA PHE A 115 -5.07 -7.53 -8.28
C PHE A 115 -4.63 -6.94 -6.92
N ILE A 116 -4.76 -5.60 -6.73
CA ILE A 116 -4.57 -4.92 -5.43
C ILE A 116 -5.32 -5.61 -4.27
N ASN A 117 -6.65 -5.73 -4.39
CA ASN A 117 -7.51 -6.56 -3.49
C ASN A 117 -6.86 -7.94 -3.14
N ALA A 118 -6.33 -8.67 -4.15
CA ALA A 118 -5.64 -9.99 -3.93
C ALA A 118 -4.35 -9.86 -3.05
N LEU A 119 -3.75 -8.65 -3.01
CA LEU A 119 -2.58 -8.34 -2.17
C LEU A 119 -3.01 -7.87 -0.74
N VAL A 120 -4.16 -7.15 -0.67
CA VAL A 120 -4.72 -6.59 0.58
C VAL A 120 -5.24 -7.71 1.52
N ASN A 121 -6.22 -8.48 1.02
CA ASN A 121 -6.86 -9.59 1.78
C ASN A 121 -5.96 -10.85 1.86
N SER A 122 -4.81 -10.84 1.13
CA SER A 122 -3.77 -11.90 1.19
C SER A 122 -3.34 -12.16 2.65
N GLN A 123 -3.06 -13.43 2.98
CA GLN A 123 -2.76 -13.85 4.36
C GLN A 123 -1.36 -13.31 4.75
N GLU A 124 -0.49 -13.17 3.73
CA GLU A 124 0.91 -12.73 3.90
C GLU A 124 1.00 -11.27 4.39
N TYR A 125 0.26 -10.35 3.73
CA TYR A 125 0.17 -8.93 4.17
C TYR A 125 -0.43 -8.84 5.60
N ASN A 126 -1.55 -9.56 5.80
CA ASN A 126 -2.35 -9.49 7.03
C ASN A 126 -1.57 -10.03 8.27
N GLU A 127 -0.60 -10.96 8.06
CA GLU A 127 0.24 -11.51 9.16
C GLU A 127 1.55 -10.70 9.36
N VAL A 128 2.34 -10.53 8.28
CA VAL A 128 3.69 -9.88 8.34
C VAL A 128 3.61 -8.38 8.75
N PHE A 129 2.77 -7.62 8.04
CA PHE A 129 2.63 -6.16 8.23
C PHE A 129 1.47 -5.83 9.20
N GLY A 130 0.36 -6.55 9.04
CA GLY A 130 -0.83 -6.36 9.88
C GLY A 130 -1.95 -5.57 9.19
N GLU A 131 -3.14 -5.60 9.80
CA GLU A 131 -4.34 -4.92 9.26
C GLU A 131 -4.30 -3.39 9.51
N ASP A 132 -3.70 -2.94 10.62
CA ASP A 132 -3.67 -1.50 10.94
C ASP A 132 -2.22 -1.04 11.25
N THR A 133 -1.35 -1.22 10.24
CA THR A 133 0.06 -0.79 10.25
C THR A 133 0.53 -0.54 8.79
N VAL A 134 1.42 0.44 8.60
CA VAL A 134 2.02 0.75 7.28
C VAL A 134 2.97 -0.41 6.83
N PRO A 135 2.90 -0.89 5.52
CA PRO A 135 3.79 -1.97 5.02
C PRO A 135 5.27 -1.52 4.97
N TYR A 136 5.94 -1.66 6.11
CA TYR A 136 7.33 -1.23 6.33
C TYR A 136 8.33 -1.87 5.34
N ARG A 137 9.50 -1.23 5.23
CA ARG A 137 10.60 -1.71 4.39
C ARG A 137 11.15 -3.04 4.95
N ARG A 138 11.26 -4.07 4.08
CA ARG A 138 11.75 -5.44 4.46
C ARG A 138 13.30 -5.51 4.54
N PHE A 139 13.94 -4.36 4.82
CA PHE A 139 15.39 -4.17 4.78
C PHE A 139 15.86 -3.44 6.08
N PRO A 140 17.19 -3.47 6.43
CA PRO A 140 17.73 -2.76 7.64
C PRO A 140 17.85 -1.21 7.45
N THR A 141 16.77 -0.57 6.99
CA THR A 141 16.71 0.91 6.77
C THR A 141 15.68 1.60 7.70
N LEU A 142 14.97 0.80 8.53
CA LEU A 142 13.80 1.27 9.34
C LEU A 142 14.15 2.36 10.39
N GLU A 143 15.40 2.35 10.88
CA GLU A 143 15.89 3.28 11.94
C GLU A 143 15.95 4.77 11.46
N HIS A 144 15.71 5.02 10.14
CA HIS A 144 15.74 6.38 9.51
C HIS A 144 15.19 7.53 10.41
N HIS A 145 16.10 8.44 10.79
CA HIS A 145 15.81 9.56 11.71
C HIS A 145 14.79 10.54 11.08
N HIS A 146 13.73 10.84 11.85
CA HIS A 146 12.57 11.61 11.38
C HIS A 146 12.34 12.87 12.29
N HIS A 147 12.06 14.01 11.64
CA HIS A 147 11.79 15.29 12.33
C HIS A 147 10.38 15.31 12.98
N HIS A 148 10.16 16.31 13.84
CA HIS A 148 8.86 16.52 14.53
C HIS A 148 7.91 17.40 13.68
N HIS A 149 6.64 16.98 13.56
CA HIS A 149 5.59 17.73 12.81
C HIS A 149 4.21 17.11 13.09
#